data_7CG0
#
_entry.id   7CG0
#
_cell.length_a   1.00
_cell.length_b   1.00
_cell.length_c   1.00
_cell.angle_alpha   90.00
_cell.angle_beta   90.00
_cell.angle_gamma   90.00
#
_symmetry.space_group_name_H-M   'P 1'
#
loop_
_entity.id
_entity.type
_entity.pdbx_description
1 polymer 'Flagellar MS ring L2'
2 polymer 'Flagellar MS ring L1'
3 polymer 'Flagellar basal-body rod protein FlgC'
4 polymer 'Flagellar basal body rod protein FlgB'
#
loop_
_entity_poly.entity_id
_entity_poly.type
_entity_poly.pdbx_seq_one_letter_code
_entity_poly.pdbx_strand_id
1 'polypeptide(L)' (UNK)(UNK)(UNK)(UNK)(UNK)(UNK)(UNK)(UNK)(UNK)(UNK)(UNK)(UNK)(UNK)(UNK)(UNK) 0,1,2,3,4
2 'polypeptide(L)' GVPGALSNQPAPPNEAPIATP 5,6,7,9,8
3 'polypeptide(L)'
;MALLNIFDIAGSALAAQSKRLNVAASNLANADSVTGPDGQPYRAKQVVFQVDAAPGQATGGVKVASVIESQAPEKLVYEP
GNPLADANGYVKMPNVDVVGEMVNTMSASRSYQANIEVLNTVKSMMLKTLTLGQ
;
f,g,h,j,p,i
4 'polypeptide(L)'
;MLDRLDAALRFQQEALNLRAQRQEILAANIANADTPGYQARDIDFASELKKVMVRGREETGGVALTLTSSHHIPAQAVSS
PAVDLLYRVPDQPSLDGNTVDMDRERTQFADNSLKYQMGLTVLGSQLKGMMNVLQGGN
;
l,m,o,k,n
#
# COMPACT_ATOMS: atom_id res chain seq x y z
N UNK A 1 24.67 -14.42 43.20
CA UNK A 1 24.35 -14.92 41.87
C UNK A 1 23.72 -13.84 41.00
N UNK A 2 24.42 -12.71 40.86
CA UNK A 2 23.94 -11.63 40.03
C UNK A 2 24.12 -11.98 38.55
N UNK A 3 23.49 -11.18 37.69
CA UNK A 3 23.53 -11.43 36.26
C UNK A 3 23.41 -10.12 35.50
N UNK A 4 23.82 -10.16 34.23
CA UNK A 4 23.70 -9.01 33.36
C UNK A 4 22.25 -8.81 32.93
N UNK A 5 21.97 -7.61 32.41
CA UNK A 5 20.61 -7.22 32.05
C UNK A 5 20.33 -7.62 30.60
N UNK A 6 19.99 -8.88 30.42
CA UNK A 6 19.52 -9.38 29.14
C UNK A 6 18.28 -10.26 29.23
N UNK A 7 18.02 -10.87 30.38
CA UNK A 7 16.79 -11.63 30.60
C UNK A 7 15.75 -10.86 31.40
N UNK A 8 16.16 -9.82 32.12
CA UNK A 8 15.21 -8.95 32.82
C UNK A 8 14.63 -7.87 31.91
N UNK A 9 15.23 -7.65 30.74
CA UNK A 9 14.66 -6.76 29.74
C UNK A 9 13.81 -7.49 28.72
N UNK A 10 13.97 -8.80 28.61
CA UNK A 10 13.13 -9.63 27.75
C UNK A 10 11.85 -10.00 28.48
N UNK A 11 11.14 -11.02 27.99
CA UNK A 11 9.88 -11.43 28.58
C UNK A 11 10.02 -11.77 30.06
N UNK A 12 11.20 -12.16 30.51
CA UNK A 12 11.47 -12.45 31.91
C UNK A 12 10.53 -13.53 32.44
N UNK A 13 10.63 -14.71 31.82
CA UNK A 13 9.75 -15.82 32.09
C UNK A 13 10.50 -16.94 32.79
N UNK A 14 9.80 -18.04 33.01
CA UNK A 14 10.33 -19.23 33.68
C UNK A 14 10.45 -20.36 32.67
N UNK A 15 10.81 -21.53 33.16
CA UNK A 15 10.96 -22.72 32.32
C UNK A 15 9.64 -23.11 31.68
N UNK B 1 52.42 -3.63 3.79
CA UNK B 1 51.48 -3.91 4.86
C UNK B 1 50.94 -2.61 5.47
N UNK B 2 49.93 -2.75 6.33
CA UNK B 2 49.28 -1.63 6.99
C UNK B 2 48.77 -0.61 5.97
N UNK B 3 47.85 -1.07 5.14
CA UNK B 3 47.30 -0.25 4.06
C UNK B 3 46.24 0.68 4.61
N UNK B 4 45.51 1.36 3.72
CA UNK B 4 44.48 2.29 4.13
C UNK B 4 43.29 1.55 4.73
N UNK B 5 42.38 2.32 5.34
CA UNK B 5 41.25 1.76 6.05
C UNK B 5 40.01 1.72 5.16
N UNK B 6 40.05 0.81 4.19
CA UNK B 6 38.88 0.52 3.37
C UNK B 6 38.52 -0.95 3.35
N UNK B 7 39.40 -1.83 3.83
CA UNK B 7 39.09 -3.25 3.99
C UNK B 7 38.78 -3.64 5.42
N UNK B 8 39.38 -2.95 6.39
CA UNK B 8 39.03 -3.20 7.79
C UNK B 8 37.62 -2.72 8.11
N UNK B 9 37.18 -1.62 7.48
CA UNK B 9 35.81 -1.17 7.63
C UNK B 9 34.83 -2.03 6.84
N UNK B 10 35.32 -2.85 5.93
CA UNK B 10 34.49 -3.78 5.18
C UNK B 10 34.35 -5.07 5.98
N UNK B 11 33.83 -6.13 5.34
CA UNK B 11 33.62 -7.39 6.03
C UNK B 11 34.92 -8.06 6.47
N UNK B 12 36.06 -7.68 5.91
CA UNK B 12 37.35 -8.27 6.26
C UNK B 12 37.35 -9.77 6.02
N UNK B 13 37.24 -10.14 4.75
CA UNK B 13 37.13 -11.54 4.34
C UNK B 13 38.24 -11.90 3.36
N UNK B 14 38.16 -13.10 2.81
CA UNK B 14 39.17 -13.62 1.91
C UNK B 14 38.48 -14.40 0.79
N UNK B 15 39.26 -15.16 0.03
CA UNK B 15 38.73 -15.96 -1.06
C UNK B 15 38.61 -17.43 -0.66
N UNK C 1 -15.55 8.71 44.66
CA UNK C 1 -15.85 8.69 43.24
C UNK C 1 -14.85 9.55 42.47
N UNK C 2 -15.24 9.94 41.26
CA UNK C 2 -14.38 10.72 40.35
C UNK C 2 -13.05 10.02 40.12
N UNK C 3 -13.13 8.84 39.53
CA UNK C 3 -11.98 7.97 39.34
C UNK C 3 -11.09 8.52 38.22
N UNK C 4 -10.09 7.74 37.82
CA UNK C 4 -9.16 8.18 36.79
C UNK C 4 -9.87 8.36 35.46
N UNK C 5 -9.33 9.26 34.64
CA UNK C 5 -9.94 9.62 33.36
C UNK C 5 -9.57 8.58 32.32
N UNK C 6 -10.29 7.45 32.36
CA UNK C 6 -10.18 6.43 31.33
C UNK C 6 -11.53 5.97 30.80
N UNK C 7 -12.64 6.38 31.41
CA UNK C 7 -13.97 6.12 30.89
C UNK C 7 -14.59 7.32 30.21
N UNK C 8 -14.17 8.53 30.58
CA UNK C 8 -14.64 9.73 29.90
C UNK C 8 -13.95 9.95 28.56
N UNK C 9 -12.80 9.33 28.34
CA UNK C 9 -12.15 9.41 27.03
C UNK C 9 -12.85 8.54 26.00
N UNK C 10 -13.50 7.47 26.44
CA UNK C 10 -14.30 6.62 25.57
C UNK C 10 -15.67 7.27 25.37
N UNK C 11 -16.63 6.50 24.85
CA UNK C 11 -17.94 7.05 24.53
C UNK C 11 -18.70 7.53 25.75
N UNK C 12 -18.36 7.06 26.94
CA UNK C 12 -19.04 7.45 28.18
C UNK C 12 -20.53 7.13 28.10
N UNK C 13 -20.82 5.84 28.03
CA UNK C 13 -22.17 5.34 27.81
C UNK C 13 -22.55 4.35 28.90
N UNK C 14 -23.68 3.67 28.68
CA UNK C 14 -24.23 2.70 29.62
C UNK C 14 -24.51 1.38 28.90
N UNK C 15 -25.22 0.48 29.57
CA UNK C 15 -25.57 -0.81 28.99
C UNK C 15 -27.07 -1.07 29.13
N UNK D 1 -23.80 39.90 7.73
CA UNK D 1 -23.92 38.67 8.50
C UNK D 1 -23.90 37.45 7.58
N UNK D 2 -24.42 36.34 8.10
CA UNK D 2 -24.50 35.08 7.34
C UNK D 2 -23.13 34.69 6.80
N UNK D 3 -22.11 34.83 7.64
CA UNK D 3 -20.73 34.53 7.27
C UNK D 3 -20.21 33.45 8.21
N UNK D 4 -20.48 32.19 7.88
CA UNK D 4 -19.92 31.05 8.58
C UNK D 4 -19.46 30.06 7.52
N UNK D 5 -18.16 29.80 7.46
CA UNK D 5 -17.58 29.08 6.34
C UNK D 5 -17.95 27.60 6.44
N UNK D 6 -19.16 27.29 5.98
CA UNK D 6 -19.59 25.92 5.80
C UNK D 6 -20.30 25.66 4.49
N UNK D 7 -20.71 26.70 3.77
CA UNK D 7 -21.27 26.57 2.42
C UNK D 7 -20.30 26.99 1.34
N UNK D 8 -19.45 27.99 1.62
CA UNK D 8 -18.44 28.38 0.65
C UNK D 8 -17.40 27.28 0.47
N UNK D 9 -17.06 26.56 1.54
CA UNK D 9 -16.17 25.41 1.40
C UNK D 9 -16.85 24.28 0.66
N UNK D 10 -18.18 24.20 0.73
CA UNK D 10 -18.94 23.18 0.04
C UNK D 10 -19.09 23.57 -1.43
N UNK D 11 -19.99 22.89 -2.14
CA UNK D 11 -20.15 23.12 -3.56
C UNK D 11 -20.76 24.48 -3.88
N UNK D 12 -21.42 25.11 -2.91
CA UNK D 12 -22.10 26.39 -3.13
C UNK D 12 -23.14 26.28 -4.23
N UNK D 13 -24.14 25.44 -3.99
CA UNK D 13 -25.22 25.17 -4.92
C UNK D 13 -26.49 25.92 -4.50
N UNK D 14 -27.60 25.60 -5.16
CA UNK D 14 -28.88 26.21 -4.87
C UNK D 14 -29.99 25.20 -5.16
N UNK D 15 -31.23 25.68 -5.05
CA UNK D 15 -32.42 24.87 -5.32
C UNK D 15 -32.43 23.57 -4.53
N UNK E 1 3.72 35.33 -31.25
CA UNK E 1 3.76 35.72 -29.85
C UNK E 1 3.81 34.50 -28.95
N UNK E 2 4.79 34.46 -28.04
CA UNK E 2 4.90 33.35 -27.11
C UNK E 2 3.67 33.29 -26.21
N UNK E 3 3.24 32.07 -25.90
CA UNK E 3 2.03 31.83 -25.13
C UNK E 3 2.37 31.14 -23.82
N UNK E 4 1.35 30.89 -23.01
CA UNK E 4 1.54 30.21 -21.73
C UNK E 4 1.97 28.78 -21.95
N UNK E 5 2.69 28.24 -20.97
CA UNK E 5 3.23 26.88 -21.06
C UNK E 5 2.13 25.88 -20.71
N UNK E 6 1.32 25.54 -21.70
CA UNK E 6 0.31 24.50 -21.54
C UNK E 6 0.35 23.44 -22.62
N UNK E 7 0.92 23.73 -23.79
CA UNK E 7 1.13 22.74 -24.84
C UNK E 7 2.58 22.26 -24.91
N UNK E 8 3.53 23.02 -24.34
CA UNK E 8 4.91 22.56 -24.30
C UNK E 8 5.08 21.39 -23.35
N UNK E 9 4.32 21.36 -22.26
CA UNK E 9 4.32 20.23 -21.34
C UNK E 9 3.46 19.07 -21.82
N UNK E 10 2.61 19.29 -22.80
CA UNK E 10 1.81 18.23 -23.41
C UNK E 10 2.61 17.53 -24.50
N UNK E 11 1.94 16.76 -25.35
CA UNK E 11 2.62 16.06 -26.43
C UNK E 11 3.34 17.00 -27.38
N UNK E 12 2.95 18.28 -27.42
CA UNK E 12 3.63 19.31 -28.21
C UNK E 12 3.61 18.96 -29.70
N UNK E 13 2.41 18.95 -30.26
CA UNK E 13 2.23 18.68 -31.69
C UNK E 13 1.00 19.44 -32.17
N UNK E 14 0.55 19.10 -33.38
CA UNK E 14 -0.64 19.72 -33.97
C UNK E 14 -1.18 18.81 -35.05
N UNK E 15 -2.42 19.08 -35.44
CA UNK E 15 -3.06 18.31 -36.50
C UNK E 15 -2.74 18.91 -37.87
N GLY F 1 -12.30 -19.99 33.77
CA GLY F 1 -11.18 -19.55 34.57
C GLY F 1 -10.03 -19.05 33.73
N VAL F 2 -9.54 -19.90 32.83
CA VAL F 2 -8.44 -19.50 31.94
C VAL F 2 -8.92 -18.37 31.04
N PRO F 3 -8.14 -17.32 30.84
CA PRO F 3 -8.60 -16.21 29.99
C PRO F 3 -8.90 -16.68 28.58
N GLY F 4 -9.95 -16.11 28.00
CA GLY F 4 -10.39 -16.45 26.66
C GLY F 4 -11.38 -17.59 26.59
N ALA F 5 -11.66 -18.26 27.70
CA ALA F 5 -12.61 -19.36 27.72
C ALA F 5 -14.02 -18.83 27.93
N LEU F 6 -14.99 -19.74 27.97
CA LEU F 6 -16.39 -19.39 28.11
C LEU F 6 -16.92 -19.85 29.46
N SER F 7 -17.52 -18.92 30.19
CA SER F 7 -18.11 -19.21 31.48
C SER F 7 -19.46 -18.50 31.58
N ASN F 8 -20.45 -19.19 32.13
CA ASN F 8 -21.80 -18.63 32.19
C ASN F 8 -21.96 -17.56 33.27
N GLN F 9 -20.94 -17.33 34.10
CA GLN F 9 -21.02 -16.32 35.14
C GLN F 9 -20.44 -15.01 34.63
N PRO F 10 -21.22 -13.93 34.55
CA PRO F 10 -20.66 -12.64 34.13
C PRO F 10 -19.62 -12.15 35.13
N ALA F 11 -18.59 -11.49 34.62
CA ALA F 11 -17.51 -11.02 35.47
C ALA F 11 -17.99 -9.87 36.35
N PRO F 12 -17.50 -9.76 37.57
CA PRO F 12 -17.87 -8.63 38.41
C PRO F 12 -17.31 -7.33 37.85
N PRO F 13 -17.95 -6.20 38.13
CA PRO F 13 -17.49 -4.93 37.57
C PRO F 13 -16.09 -4.57 38.08
N ASN F 14 -15.35 -3.85 37.25
CA ASN F 14 -14.00 -3.41 37.57
C ASN F 14 -14.04 -1.98 38.10
N GLU F 15 -13.36 -1.75 39.22
CA GLU F 15 -13.32 -0.44 39.84
C GLU F 15 -11.89 -0.08 40.20
N ALA F 16 -11.60 1.22 40.22
CA ALA F 16 -10.26 1.73 40.50
C ALA F 16 -10.35 2.86 41.52
N PRO F 17 -10.55 2.52 42.79
CA PRO F 17 -10.64 3.58 43.81
C PRO F 17 -9.32 4.33 43.96
N ILE F 18 -9.43 5.63 44.20
CA ILE F 18 -8.23 6.46 44.34
C ILE F 18 -7.52 6.13 45.66
N ALA F 19 -8.28 6.03 46.74
CA ALA F 19 -7.70 5.75 48.05
C ALA F 19 -8.58 4.75 48.78
N THR F 20 -7.95 3.83 49.51
CA THR F 20 -8.69 2.84 50.26
C THR F 20 -9.38 3.49 51.44
N PRO F 21 -10.70 3.32 51.61
CA PRO F 21 -11.47 3.94 52.69
C PRO F 21 -11.08 3.41 54.07
N GLY G 1 36.68 -3.48 -21.60
CA GLY G 1 36.45 -2.20 -22.21
C GLY G 1 35.48 -1.33 -21.44
N VAL G 2 34.26 -1.21 -21.97
CA VAL G 2 33.23 -0.42 -21.28
C VAL G 2 32.84 -1.10 -19.98
N PRO G 3 32.77 -0.37 -18.86
CA PRO G 3 32.39 -1.01 -17.60
C PRO G 3 31.00 -1.63 -17.67
N GLY G 4 30.84 -2.75 -16.99
CA GLY G 4 29.59 -3.48 -17.00
C GLY G 4 29.45 -4.52 -18.10
N ALA G 5 30.42 -4.62 -19.00
CA ALA G 5 30.37 -5.59 -20.08
C ALA G 5 30.86 -6.94 -19.56
N LEU G 6 31.08 -7.89 -20.47
CA LEU G 6 31.51 -9.24 -20.12
C LEU G 6 32.96 -9.44 -20.55
N SER G 7 33.78 -9.95 -19.64
CA SER G 7 35.19 -10.21 -19.89
C SER G 7 35.51 -11.65 -19.55
N ASN G 8 36.50 -12.22 -20.23
CA ASN G 8 36.89 -13.60 -19.97
C ASN G 8 37.99 -13.72 -18.92
N GLN G 9 38.59 -12.62 -18.49
CA GLN G 9 39.69 -12.68 -17.54
C GLN G 9 39.48 -11.68 -16.42
N PRO G 10 39.93 -12.01 -15.21
CA PRO G 10 39.74 -11.10 -14.08
C PRO G 10 40.65 -9.88 -14.19
N ALA G 11 40.23 -8.80 -13.55
CA ALA G 11 41.07 -7.62 -13.45
C ALA G 11 42.20 -7.89 -12.46
N PRO G 12 43.33 -7.20 -12.61
CA PRO G 12 44.42 -7.37 -11.66
C PRO G 12 44.00 -6.89 -10.29
N PRO G 13 44.56 -7.47 -9.23
CA PRO G 13 44.15 -7.08 -7.87
C PRO G 13 44.47 -5.62 -7.57
N ASN G 14 43.65 -5.03 -6.72
CA ASN G 14 43.79 -3.62 -6.38
C ASN G 14 44.72 -3.44 -5.19
N GLU G 15 45.42 -2.31 -5.18
CA GLU G 15 46.30 -1.97 -4.07
C GLU G 15 46.37 -0.45 -3.95
N ALA G 16 46.66 0.02 -2.74
CA ALA G 16 46.75 1.45 -2.44
C ALA G 16 48.04 1.71 -1.69
N PRO G 17 49.15 1.86 -2.40
CA PRO G 17 50.43 2.06 -1.72
C PRO G 17 50.48 3.41 -1.01
N ILE G 18 50.77 3.37 0.29
CA ILE G 18 50.93 4.62 1.05
C ILE G 18 52.12 5.40 0.52
N ALA G 19 53.24 4.73 0.29
CA ALA G 19 54.44 5.33 -0.26
C ALA G 19 54.95 4.48 -1.42
N THR G 20 55.49 5.15 -2.43
CA THR G 20 55.96 4.45 -3.61
C THR G 20 57.14 3.55 -3.26
N PRO G 21 57.23 2.36 -3.86
CA PRO G 21 58.35 1.44 -3.62
C PRO G 21 59.63 1.89 -4.30
N GLY H 1 27.70 -28.16 14.43
CA GLY H 1 28.12 -27.97 13.05
C GLY H 1 27.85 -26.57 12.54
N VAL H 2 27.45 -26.49 11.27
CA VAL H 2 27.13 -25.18 10.67
C VAL H 2 25.89 -24.62 11.36
N PRO H 3 25.83 -23.31 11.62
CA PRO H 3 24.62 -22.73 12.20
C PRO H 3 23.44 -22.89 11.26
N GLY H 4 22.27 -23.12 11.86
CA GLY H 4 21.05 -23.32 11.10
C GLY H 4 20.78 -24.75 10.70
N ALA H 5 21.71 -25.66 10.93
CA ALA H 5 21.50 -27.06 10.61
C ALA H 5 20.71 -27.73 11.73
N LEU H 6 20.52 -29.04 11.61
CA LEU H 6 19.78 -29.82 12.59
C LEU H 6 20.72 -30.77 13.31
N SER H 7 20.49 -30.96 14.62
CA SER H 7 21.31 -31.85 15.49
C SER H 7 20.45 -32.58 16.53
N ASN H 8 20.87 -33.79 16.92
CA ASN H 8 20.14 -34.70 17.85
C ASN H 8 19.98 -34.17 19.29
N GLN H 9 21.02 -33.58 19.89
CA GLN H 9 20.91 -33.15 21.32
C GLN H 9 20.94 -31.63 21.45
N PRO H 10 20.20 -31.05 22.42
CA PRO H 10 20.11 -29.59 22.60
C PRO H 10 21.40 -28.84 22.93
N ALA H 11 21.36 -27.51 22.75
CA ALA H 11 22.45 -26.62 23.04
C ALA H 11 22.69 -26.51 24.56
N PRO H 12 23.93 -26.32 24.98
CA PRO H 12 24.22 -26.15 26.40
C PRO H 12 23.71 -24.81 26.89
N PRO H 13 23.47 -24.67 28.20
CA PRO H 13 23.00 -23.39 28.74
C PRO H 13 24.03 -22.29 28.53
N ASN H 14 23.55 -21.06 28.36
CA ASN H 14 24.38 -19.90 28.16
C ASN H 14 24.45 -19.08 29.45
N GLU H 15 25.66 -18.69 29.83
CA GLU H 15 25.88 -17.95 31.07
C GLU H 15 26.74 -16.73 30.78
N ALA H 16 26.55 -15.70 31.60
CA ALA H 16 27.31 -14.44 31.49
C ALA H 16 27.91 -14.12 32.86
N PRO H 17 29.05 -14.71 33.20
CA PRO H 17 29.65 -14.46 34.52
C PRO H 17 30.22 -13.06 34.60
N ILE H 18 29.87 -12.34 35.67
CA ILE H 18 30.39 -10.99 35.86
C ILE H 18 31.88 -11.04 36.15
N ALA H 19 32.32 -12.03 36.94
CA ALA H 19 33.74 -12.20 37.24
C ALA H 19 34.03 -13.68 37.38
N THR H 20 35.07 -14.14 36.71
CA THR H 20 35.42 -15.56 36.75
C THR H 20 36.02 -15.91 38.09
N PRO H 21 35.46 -16.91 38.81
CA PRO H 21 35.96 -17.35 40.11
C PRO H 21 37.40 -17.85 40.06
N GLY I 1 -24.81 24.83 -27.63
CA GLY I 1 -25.28 23.57 -27.10
C GLY I 1 -24.83 23.32 -25.67
N VAL I 2 -25.61 22.52 -24.96
CA VAL I 2 -25.30 22.18 -23.57
C VAL I 2 -24.04 21.31 -23.53
N PRO I 3 -23.24 21.39 -22.48
CA PRO I 3 -22.01 20.60 -22.44
C PRO I 3 -22.29 19.10 -22.50
N GLY I 4 -21.40 18.38 -23.17
CA GLY I 4 -21.52 16.94 -23.31
C GLY I 4 -22.49 16.47 -24.37
N ALA I 5 -23.13 17.39 -25.10
CA ALA I 5 -24.09 17.01 -26.12
C ALA I 5 -23.40 16.88 -27.47
N LEU I 6 -24.18 16.72 -28.53
CA LEU I 6 -23.66 16.65 -29.89
C LEU I 6 -23.88 17.99 -30.60
N SER I 7 -23.04 18.25 -31.59
CA SER I 7 -23.09 19.50 -32.34
C SER I 7 -22.56 19.26 -33.74
N ASN I 8 -22.91 20.18 -34.64
CA ASN I 8 -22.52 20.07 -36.03
C ASN I 8 -21.42 21.04 -36.44
N GLN I 9 -20.97 21.91 -35.53
CA GLN I 9 -19.95 22.90 -35.83
C GLN I 9 -18.80 22.77 -34.84
N PRO I 10 -17.56 22.76 -35.34
CA PRO I 10 -16.42 22.64 -34.44
C PRO I 10 -16.26 23.87 -33.57
N ALA I 11 -15.69 23.64 -32.38
CA ALA I 11 -15.47 24.73 -31.44
C ALA I 11 -14.35 25.64 -31.93
N PRO I 12 -14.43 26.94 -31.63
CA PRO I 12 -13.36 27.85 -32.05
C PRO I 12 -12.08 27.55 -31.30
N PRO I 13 -10.93 27.90 -31.87
CA PRO I 13 -9.66 27.62 -31.19
C PRO I 13 -9.52 28.43 -29.91
N ASN I 14 -8.73 27.87 -28.99
CA ASN I 14 -8.44 28.51 -27.72
C ASN I 14 -7.15 29.29 -27.82
N GLU I 15 -7.17 30.53 -27.35
CA GLU I 15 -6.02 31.43 -27.49
C GLU I 15 -5.26 31.65 -26.19
N ALA I 16 -5.96 32.08 -25.13
CA ALA I 16 -5.36 32.39 -23.84
C ALA I 16 -4.18 33.33 -23.98
N PRO I 17 -4.41 34.60 -24.33
CA PRO I 17 -3.30 35.55 -24.51
C PRO I 17 -2.75 36.05 -23.19
N ILE I 18 -1.48 36.44 -23.22
CA ILE I 18 -0.84 36.96 -22.02
C ILE I 18 -1.40 38.33 -21.67
N ALA I 19 -1.53 39.21 -22.66
CA ALA I 19 -2.07 40.55 -22.43
C ALA I 19 -2.71 41.04 -23.71
N THR I 20 -3.94 41.53 -23.61
CA THR I 20 -4.67 41.99 -24.78
C THR I 20 -4.06 43.29 -25.30
N PRO I 21 -3.99 43.47 -26.63
CA PRO I 21 -3.43 44.68 -27.25
C PRO I 21 -4.23 45.93 -26.91
N ALA J 2 16.16 -24.95 -9.98
CA ALA J 2 17.29 -24.04 -9.80
C ALA J 2 16.83 -22.70 -9.25
N LEU J 3 15.60 -22.67 -8.73
CA LEU J 3 15.01 -21.46 -8.19
C LEU J 3 14.75 -21.54 -6.69
N LEU J 4 14.94 -22.70 -6.06
CA LEU J 4 14.78 -22.81 -4.62
C LEU J 4 16.06 -22.50 -3.86
N ASN J 5 17.18 -22.37 -4.55
CA ASN J 5 18.43 -21.95 -3.91
C ASN J 5 18.46 -20.46 -3.63
N ILE J 6 17.54 -19.69 -4.24
CA ILE J 6 17.50 -18.25 -3.99
C ILE J 6 17.17 -17.97 -2.53
N PHE J 7 16.24 -18.74 -1.97
CA PHE J 7 15.91 -18.58 -0.56
C PHE J 7 17.12 -18.86 0.33
N ASP J 8 17.87 -19.91 0.01
CA ASP J 8 19.06 -20.23 0.80
C ASP J 8 20.09 -19.12 0.71
N ILE J 9 20.33 -18.62 -0.50
CA ILE J 9 21.32 -17.55 -0.68
C ILE J 9 20.91 -16.30 0.09
N ALA J 10 19.65 -15.89 -0.05
CA ALA J 10 19.18 -14.69 0.63
C ALA J 10 19.17 -14.87 2.14
N GLY J 11 18.80 -16.05 2.63
CA GLY J 11 18.84 -16.29 4.07
C GLY J 11 20.25 -16.25 4.62
N SER J 12 21.20 -16.81 3.88
CA SER J 12 22.60 -16.73 4.29
C SER J 12 23.07 -15.28 4.34
N ALA J 13 22.69 -14.49 3.33
CA ALA J 13 23.07 -13.08 3.35
C ALA J 13 22.46 -12.36 4.54
N LEU J 14 21.19 -12.63 4.84
CA LEU J 14 20.53 -12.00 5.98
C LEU J 14 21.23 -12.37 7.28
N ALA J 15 21.56 -13.65 7.46
CA ALA J 15 22.22 -14.07 8.68
C ALA J 15 23.60 -13.43 8.81
N ALA J 16 24.36 -13.38 7.72
CA ALA J 16 25.68 -12.77 7.78
C ALA J 16 25.59 -11.29 8.13
N GLN J 17 24.65 -10.57 7.53
CA GLN J 17 24.50 -9.16 7.84
C GLN J 17 24.06 -8.95 9.28
N SER J 18 23.18 -9.81 9.80
CA SER J 18 22.77 -9.70 11.19
C SER J 18 23.94 -9.94 12.12
N LYS J 19 24.79 -10.93 11.80
CA LYS J 19 25.97 -11.18 12.64
C LYS J 19 26.91 -9.98 12.62
N ARG J 20 27.13 -9.39 11.44
CA ARG J 20 27.98 -8.22 11.37
C ARG J 20 27.42 -7.06 12.19
N LEU J 21 26.09 -6.86 12.11
CA LEU J 21 25.47 -5.81 12.90
C LEU J 21 25.61 -6.07 14.39
N ASN J 22 25.46 -7.33 14.81
CA ASN J 22 25.63 -7.66 16.22
C ASN J 22 27.05 -7.36 16.68
N VAL J 23 28.05 -7.71 15.86
CA VAL J 23 29.44 -7.45 16.22
C VAL J 23 29.68 -5.95 16.34
N ALA J 24 29.15 -5.17 15.40
CA ALA J 24 29.31 -3.73 15.46
C ALA J 24 28.66 -3.16 16.71
N ALA J 25 27.47 -3.64 17.05
CA ALA J 25 26.78 -3.17 18.26
C ALA J 25 27.58 -3.53 19.50
N SER J 26 28.16 -4.73 19.54
CA SER J 26 28.97 -5.12 20.69
C SER J 26 30.19 -4.23 20.83
N ASN J 27 30.85 -3.91 19.71
CA ASN J 27 31.99 -3.00 19.77
C ASN J 27 31.58 -1.63 20.28
N LEU J 28 30.47 -1.10 19.78
CA LEU J 28 30.02 0.22 20.23
C LEU J 28 29.69 0.20 21.72
N ALA J 29 29.05 -0.87 22.19
CA ALA J 29 28.70 -0.96 23.60
C ALA J 29 29.96 -1.04 24.47
N ASN J 30 30.92 -1.88 24.10
CA ASN J 30 32.13 -2.08 24.89
C ASN J 30 33.28 -1.20 24.42
N ALA J 31 32.98 -0.05 23.82
CA ALA J 31 34.03 0.87 23.41
C ALA J 31 34.91 1.29 24.57
N ASP J 32 34.36 1.37 25.79
CA ASP J 32 35.08 1.85 26.96
C ASP J 32 35.03 0.84 28.09
N SER J 33 35.29 -0.43 27.78
CA SER J 33 35.34 -1.48 28.80
C SER J 33 36.78 -1.62 29.29
N VAL J 34 36.99 -1.35 30.58
CA VAL J 34 38.34 -1.38 31.13
C VAL J 34 38.86 -2.82 31.19
N THR J 35 38.00 -3.77 31.53
CA THR J 35 38.44 -5.15 31.69
C THR J 35 37.26 -6.09 31.45
N GLY J 36 37.59 -7.35 31.21
CA GLY J 36 36.60 -8.39 31.09
C GLY J 36 36.49 -9.20 32.36
N PRO J 37 35.95 -10.42 32.26
CA PRO J 37 35.81 -11.26 33.46
C PRO J 37 37.14 -11.74 34.00
N ASP J 38 37.97 -12.33 33.14
CA ASP J 38 39.24 -12.88 33.58
C ASP J 38 40.18 -11.79 34.05
N GLY J 39 40.22 -10.65 33.34
CA GLY J 39 41.11 -9.58 33.71
C GLY J 39 41.79 -8.96 32.50
N GLN J 40 41.85 -9.71 31.40
CA GLN J 40 42.46 -9.19 30.19
C GLN J 40 41.63 -8.05 29.62
N PRO J 41 42.26 -7.02 29.07
CA PRO J 41 41.49 -5.91 28.50
C PRO J 41 40.67 -6.36 27.30
N TYR J 42 39.55 -5.68 27.11
CA TYR J 42 38.68 -5.98 25.97
C TYR J 42 39.40 -5.66 24.68
N ARG J 43 39.17 -6.48 23.67
CA ARG J 43 39.76 -6.31 22.34
C ARG J 43 38.65 -6.34 21.30
N ALA J 44 38.73 -5.43 20.34
CA ALA J 44 37.68 -5.33 19.33
C ALA J 44 37.63 -6.60 18.50
N LYS J 45 36.42 -7.00 18.11
CA LYS J 45 36.21 -8.20 17.33
C LYS J 45 35.52 -7.85 16.02
N GLN J 46 35.67 -8.72 15.03
CA GLN J 46 35.00 -8.54 13.75
C GLN J 46 34.94 -9.87 13.02
N VAL J 47 33.96 -9.98 12.13
CA VAL J 47 33.69 -11.23 11.41
C VAL J 47 34.60 -11.36 10.19
N VAL J 48 34.64 -12.55 9.61
CA VAL J 48 35.39 -12.83 8.40
C VAL J 48 34.48 -13.59 7.45
N PHE J 49 34.05 -12.93 6.38
CA PHE J 49 33.10 -13.55 5.46
C PHE J 49 33.80 -14.58 4.59
N GLN J 50 33.00 -15.40 3.92
CA GLN J 50 33.49 -16.40 2.98
C GLN J 50 32.40 -16.64 1.94
N VAL J 51 32.82 -17.17 0.79
CA VAL J 51 31.89 -17.50 -0.28
C VAL J 51 31.35 -18.89 -0.03
N ASP J 52 30.03 -19.00 0.14
CA ASP J 52 29.38 -20.27 0.46
C ASP J 52 29.03 -21.03 -0.81
N ALA J 53 30.07 -21.42 -1.55
CA ALA J 53 29.90 -22.16 -2.79
C ALA J 53 30.14 -23.64 -2.54
N ALA J 54 29.22 -24.48 -3.01
CA ALA J 54 29.35 -25.92 -2.85
C ALA J 54 30.43 -26.48 -3.76
N ALA J 58 31.60 -21.74 -9.77
CA ALA J 58 30.58 -22.01 -8.75
C ALA J 58 30.55 -20.91 -7.71
N THR J 59 29.42 -20.20 -7.63
CA THR J 59 29.21 -19.14 -6.66
C THR J 59 27.84 -19.30 -6.02
N GLY J 60 27.72 -18.81 -4.79
CA GLY J 60 26.48 -18.89 -4.05
C GLY J 60 26.40 -17.77 -3.04
N GLY J 61 25.78 -18.05 -1.91
CA GLY J 61 25.59 -17.05 -0.88
C GLY J 61 26.86 -16.76 -0.12
N VAL J 62 26.75 -15.80 0.80
CA VAL J 62 27.86 -15.43 1.66
C VAL J 62 27.75 -16.21 2.97
N LYS J 63 28.89 -16.46 3.60
CA LYS J 63 28.92 -17.24 4.83
C LYS J 63 30.02 -16.71 5.74
N VAL J 64 29.71 -16.60 7.02
CA VAL J 64 30.66 -16.10 8.01
C VAL J 64 31.52 -17.27 8.47
N ALA J 65 32.84 -17.14 8.30
CA ALA J 65 33.75 -18.21 8.67
C ALA J 65 33.94 -18.28 10.18
N SER J 66 34.37 -17.17 10.78
CA SER J 66 34.60 -17.11 12.22
C SER J 66 34.66 -15.64 12.62
N VAL J 67 34.99 -15.40 13.89
CA VAL J 67 35.15 -14.06 14.43
C VAL J 67 36.57 -13.94 14.97
N ILE J 68 37.25 -12.87 14.57
CA ILE J 68 38.64 -12.67 14.95
C ILE J 68 38.77 -11.33 15.65
N GLU J 69 39.70 -11.28 16.60
CA GLU J 69 40.02 -10.02 17.27
C GLU J 69 40.98 -9.21 16.40
N SER J 70 40.75 -7.91 16.35
CA SER J 70 41.54 -7.03 15.49
C SER J 70 43.00 -7.07 15.92
N GLN J 71 43.89 -7.19 14.93
CA GLN J 71 45.32 -7.24 15.18
C GLN J 71 45.92 -5.87 15.47
N ALA J 72 45.14 -4.80 15.35
CA ALA J 72 45.65 -3.47 15.65
C ALA J 72 46.02 -3.39 17.13
N PRO J 73 47.10 -2.70 17.48
CA PRO J 73 47.51 -2.65 18.88
C PRO J 73 46.52 -1.86 19.72
N GLU J 74 46.19 -2.41 20.88
CA GLU J 74 45.25 -1.74 21.78
C GLU J 74 45.87 -0.48 22.36
N LYS J 75 45.01 0.48 22.70
CA LYS J 75 45.52 1.71 23.27
C LYS J 75 45.93 1.47 24.72
N LEU J 76 46.70 2.40 25.26
CA LEU J 76 47.13 2.28 26.65
C LEU J 76 47.21 3.67 27.25
N VAL J 77 46.69 3.81 28.47
CA VAL J 77 46.66 5.10 29.15
C VAL J 77 47.36 4.96 30.50
N TYR J 78 47.76 6.10 31.05
CA TYR J 78 48.55 6.14 32.27
C TYR J 78 47.62 6.23 33.47
N GLU J 79 47.72 5.25 34.37
CA GLU J 79 46.90 5.23 35.56
C GLU J 79 47.56 4.37 36.64
N PRO J 80 48.45 4.93 37.45
CA PRO J 80 49.20 4.10 38.41
C PRO J 80 48.36 3.63 39.58
N GLY J 81 47.34 4.38 39.98
CA GLY J 81 46.52 4.00 41.11
C GLY J 81 45.43 3.01 40.76
N ASN J 82 45.74 2.06 39.88
CA ASN J 82 44.79 1.07 39.44
C ASN J 82 45.49 -0.29 39.47
N PRO J 83 44.91 -1.29 40.11
CA PRO J 83 45.58 -2.61 40.18
C PRO J 83 45.80 -3.26 38.83
N LEU J 84 45.05 -2.86 37.80
CA LEU J 84 45.26 -3.40 36.47
C LEU J 84 46.53 -2.91 35.81
N ALA J 85 47.13 -1.83 36.31
CA ALA J 85 48.31 -1.25 35.68
C ALA J 85 49.51 -2.19 35.79
N ASP J 86 50.36 -2.16 34.77
CA ASP J 86 51.57 -2.97 34.75
C ASP J 86 52.68 -2.23 35.48
N ALA J 87 53.92 -2.70 35.33
CA ALA J 87 55.05 -2.12 36.04
C ALA J 87 55.29 -0.66 35.67
N ASN J 88 54.87 -0.24 34.47
CA ASN J 88 55.05 1.14 34.02
C ASN J 88 53.83 2.01 34.30
N GLY J 89 52.81 1.48 34.96
CA GLY J 89 51.63 2.26 35.25
C GLY J 89 50.74 2.51 34.04
N TYR J 90 50.74 1.60 33.08
CA TYR J 90 49.91 1.72 31.88
C TYR J 90 48.84 0.65 31.88
N VAL J 91 47.59 1.07 31.74
CA VAL J 91 46.44 0.17 31.66
C VAL J 91 45.93 0.18 30.23
N LYS J 92 45.64 -1.01 29.71
CA LYS J 92 45.27 -1.19 28.32
C LYS J 92 43.78 -0.98 28.11
N MET J 93 43.44 -0.29 27.03
CA MET J 93 42.07 0.03 26.64
C MET J 93 41.84 -0.43 25.21
N PRO J 94 40.61 -0.82 24.88
CA PRO J 94 40.34 -1.39 23.57
C PRO J 94 40.51 -0.36 22.47
N ASN J 95 40.83 -0.87 21.27
CA ASN J 95 41.01 -0.03 20.09
C ASN J 95 39.79 -0.21 19.18
N VAL J 96 38.81 0.66 19.37
CA VAL J 96 37.57 0.63 18.60
C VAL J 96 37.43 1.94 17.85
N ASP J 97 37.07 1.84 16.58
CA ASP J 97 36.81 3.00 15.73
C ASP J 97 35.31 3.25 15.69
N VAL J 98 34.87 4.28 16.41
CA VAL J 98 33.43 4.54 16.53
C VAL J 98 32.84 4.85 15.15
N VAL J 99 33.53 5.66 14.35
CA VAL J 99 33.06 5.95 13.01
C VAL J 99 33.00 4.68 12.16
N GLY J 100 34.01 3.81 12.33
CA GLY J 100 33.99 2.56 11.60
C GLY J 100 32.79 1.71 11.95
N GLU J 101 32.47 1.62 13.24
CA GLU J 101 31.30 0.85 13.65
C GLU J 101 30.02 1.48 13.13
N MET J 102 29.94 2.81 13.14
CA MET J 102 28.75 3.48 12.63
C MET J 102 28.53 3.17 11.16
N VAL J 103 29.56 3.33 10.34
CA VAL J 103 29.38 3.08 8.92
C VAL J 103 29.17 1.60 8.65
N ASN J 104 29.74 0.72 9.49
CA ASN J 104 29.44 -0.70 9.35
C ASN J 104 27.96 -0.97 9.60
N THR J 105 27.38 -0.34 10.62
CA THR J 105 25.96 -0.51 10.87
C THR J 105 25.13 0.00 9.69
N MET J 106 25.51 1.16 9.14
CA MET J 106 24.77 1.71 8.00
C MET J 106 24.82 0.76 6.81
N SER J 107 26.01 0.29 6.44
CA SER J 107 26.14 -0.60 5.29
C SER J 107 25.41 -1.91 5.53
N ALA J 108 25.51 -2.46 6.75
CA ALA J 108 24.83 -3.71 7.04
C ALA J 108 23.32 -3.54 6.92
N SER J 109 22.77 -2.44 7.43
CA SER J 109 21.34 -2.20 7.31
C SER J 109 20.92 -2.09 5.85
N ARG J 110 21.69 -1.36 5.04
CA ARG J 110 21.32 -1.20 3.64
C ARG J 110 21.37 -2.53 2.89
N SER J 111 22.40 -3.34 3.14
CA SER J 111 22.48 -4.65 2.49
C SER J 111 21.35 -5.55 2.95
N TYR J 112 20.98 -5.45 4.23
CA TYR J 112 19.83 -6.19 4.74
C TYR J 112 18.56 -5.84 3.97
N GLN J 113 18.34 -4.54 3.76
CA GLN J 113 17.15 -4.10 3.02
C GLN J 113 17.18 -4.62 1.59
N ALA J 114 18.34 -4.55 0.95
CA ALA J 114 18.44 -5.02 -0.43
C ALA J 114 18.13 -6.50 -0.53
N ASN J 115 18.67 -7.30 0.40
CA ASN J 115 18.39 -8.73 0.38
C ASN J 115 16.92 -9.02 0.65
N ILE J 116 16.29 -8.24 1.53
CA ILE J 116 14.86 -8.40 1.78
C ILE J 116 14.07 -8.18 0.50
N GLU J 117 14.42 -7.11 -0.23
CA GLU J 117 13.70 -6.83 -1.47
C GLU J 117 13.91 -7.93 -2.50
N VAL J 118 15.14 -8.44 -2.62
CA VAL J 118 15.42 -9.52 -3.55
C VAL J 118 14.56 -10.73 -3.21
N LEU J 119 14.52 -11.08 -1.92
CA LEU J 119 13.75 -12.25 -1.50
C LEU J 119 12.27 -12.05 -1.79
N ASN J 120 11.75 -10.84 -1.55
CA ASN J 120 10.34 -10.57 -1.81
C ASN J 120 10.02 -10.75 -3.29
N THR J 121 10.86 -10.18 -4.17
CA THR J 121 10.61 -10.29 -5.59
C THR J 121 10.66 -11.74 -6.06
N VAL J 122 11.66 -12.49 -5.58
CA VAL J 122 11.78 -13.88 -5.99
C VAL J 122 10.60 -14.70 -5.49
N LYS J 123 10.13 -14.40 -4.27
CA LYS J 123 8.95 -15.09 -3.75
C LYS J 123 7.73 -14.80 -4.61
N SER J 124 7.57 -13.55 -5.06
CA SER J 124 6.44 -13.22 -5.92
C SER J 124 6.52 -13.97 -7.23
N MET J 125 7.70 -14.04 -7.86
CA MET J 125 7.80 -14.77 -9.14
C MET J 125 7.51 -16.24 -8.89
N MET J 126 8.10 -16.83 -7.83
CA MET J 126 7.83 -18.24 -7.56
C MET J 126 6.34 -18.48 -7.38
N LEU J 127 5.66 -17.57 -6.67
CA LEU J 127 4.24 -17.72 -6.45
C LEU J 127 3.48 -17.68 -7.76
N LYS J 128 3.86 -16.78 -8.66
CA LYS J 128 3.19 -16.66 -9.95
C LYS J 128 3.58 -17.77 -10.92
N THR J 129 4.69 -18.47 -10.66
CA THR J 129 5.08 -19.56 -11.55
C THR J 129 4.06 -20.68 -11.56
N LEU J 130 3.44 -20.96 -10.41
CA LEU J 130 2.51 -22.08 -10.29
C LEU J 130 1.23 -21.88 -11.09
N THR J 131 0.98 -20.67 -11.60
CA THR J 131 -0.22 -20.40 -12.38
C THR J 131 -0.07 -20.75 -13.85
N LEU J 132 0.84 -21.65 -14.17
CA LEU J 132 1.09 -22.05 -15.55
C LEU J 132 -0.12 -22.75 -16.14
N ALA K 2 13.03 -0.08 -28.06
CA ALA K 2 12.76 -1.46 -27.69
C ALA K 2 11.90 -1.52 -26.44
N LEU K 3 11.61 -0.35 -25.87
CA LEU K 3 10.85 -0.20 -24.63
C LEU K 3 11.63 -0.79 -23.46
N LEU K 4 12.82 -1.32 -23.72
CA LEU K 4 13.69 -1.87 -22.69
C LEU K 4 15.00 -1.11 -22.57
N ASN K 5 15.31 -0.23 -23.51
CA ASN K 5 16.46 0.64 -23.35
C ASN K 5 16.23 1.70 -22.29
N ILE K 6 15.01 1.84 -21.78
CA ILE K 6 14.76 2.74 -20.66
C ILE K 6 15.55 2.30 -19.45
N PHE K 7 15.58 1.00 -19.17
CA PHE K 7 16.38 0.49 -18.06
C PHE K 7 17.85 0.78 -18.27
N ASP K 8 18.35 0.59 -19.49
CA ASP K 8 19.76 0.89 -19.76
C ASP K 8 20.07 2.36 -19.55
N ILE K 9 19.19 3.25 -20.03
CA ILE K 9 19.41 4.68 -19.86
C ILE K 9 19.43 5.05 -18.38
N ALA K 10 18.46 4.55 -17.62
CA ALA K 10 18.41 4.87 -16.21
C ALA K 10 19.61 4.31 -15.45
N GLY K 11 20.02 3.09 -15.79
CA GLY K 11 21.19 2.52 -15.14
C GLY K 11 22.46 3.28 -15.43
N SER K 12 22.62 3.72 -16.69
CA SER K 12 23.77 4.54 -17.03
C SER K 12 23.75 5.86 -16.28
N ALA K 13 22.56 6.47 -16.15
CA ALA K 13 22.45 7.71 -15.40
C ALA K 13 22.83 7.50 -13.94
N LEU K 14 22.35 6.40 -13.34
CA LEU K 14 22.68 6.12 -11.96
C LEU K 14 24.17 5.90 -11.77
N ALA K 15 24.80 5.14 -12.68
CA ALA K 15 26.23 4.89 -12.59
C ALA K 15 27.02 6.20 -12.71
N ALA K 16 26.63 7.05 -13.66
CA ALA K 16 27.33 8.33 -13.82
C ALA K 16 27.19 9.20 -12.58
N GLN K 17 25.99 9.27 -12.02
CA GLN K 17 25.79 10.08 -10.82
C GLN K 17 26.61 9.53 -9.66
N SER K 18 26.67 8.21 -9.52
CA SER K 18 27.48 7.61 -8.47
C SER K 18 28.96 7.93 -8.67
N LYS K 19 29.44 7.89 -9.91
CA LYS K 19 30.83 8.24 -10.17
C LYS K 19 31.12 9.68 -9.77
N ARG K 20 30.23 10.60 -10.15
CA ARG K 20 30.44 12.00 -9.83
C ARG K 20 30.42 12.24 -8.33
N LEU K 21 29.50 11.58 -7.63
CA LEU K 21 29.45 11.71 -6.18
C LEU K 21 30.70 11.15 -5.53
N ASN K 22 31.22 10.03 -6.04
CA ASN K 22 32.45 9.47 -5.49
C ASN K 22 33.62 10.41 -5.70
N VAL K 23 33.70 11.03 -6.88
CA VAL K 23 34.78 12.00 -7.13
C VAL K 23 34.67 13.18 -6.17
N ALA K 24 33.46 13.70 -5.96
CA ALA K 24 33.28 14.81 -5.05
C ALA K 24 33.67 14.43 -3.62
N ALA K 25 33.27 13.23 -3.18
CA ALA K 25 33.61 12.78 -1.84
C ALA K 25 35.12 12.63 -1.68
N SER K 26 35.79 12.09 -2.71
CA SER K 26 37.24 11.95 -2.64
C SER K 26 37.92 13.32 -2.55
N ASN K 27 37.44 14.29 -3.33
CA ASN K 27 38.00 15.64 -3.23
C ASN K 27 37.80 16.22 -1.84
N LEU K 28 36.61 16.05 -1.26
CA LEU K 28 36.37 16.54 0.09
C LEU K 28 37.28 15.88 1.11
N ALA K 29 37.53 14.58 0.94
CA ALA K 29 38.44 13.89 1.84
C ALA K 29 39.87 14.41 1.70
N ASN K 30 40.28 14.75 0.47
CA ASN K 30 41.62 15.23 0.21
C ASN K 30 41.70 16.75 0.15
N ALA K 31 40.73 17.43 0.76
CA ALA K 31 40.73 18.90 0.74
C ALA K 31 42.03 19.47 1.26
N ASP K 32 42.49 19.00 2.44
CA ASP K 32 43.69 19.54 3.06
C ASP K 32 44.82 18.53 3.12
N SER K 33 44.93 17.65 2.13
CA SER K 33 46.04 16.72 2.07
C SER K 33 47.23 17.39 1.40
N VAL K 34 48.36 16.69 1.39
CA VAL K 34 49.59 17.18 0.78
C VAL K 34 50.52 15.99 0.60
N THR K 35 51.49 16.14 -0.29
CA THR K 35 52.58 15.18 -0.53
C THR K 35 52.06 13.74 -0.60
N GLY K 36 51.27 13.49 -1.64
CA GLY K 36 50.81 12.16 -1.94
C GLY K 36 51.95 11.23 -2.32
N PRO K 37 51.64 10.12 -2.99
CA PRO K 37 52.70 9.18 -3.37
C PRO K 37 53.74 9.83 -4.28
N ASP K 38 54.99 9.48 -4.05
CA ASP K 38 56.15 9.98 -4.81
C ASP K 38 56.33 11.49 -4.68
N GLY K 39 55.61 12.12 -3.75
CA GLY K 39 55.85 13.52 -3.42
C GLY K 39 55.11 14.53 -4.26
N GLN K 40 54.49 14.13 -5.37
CA GLN K 40 53.79 15.10 -6.20
C GLN K 40 52.57 15.63 -5.45
N PRO K 41 52.31 16.93 -5.50
CA PRO K 41 51.15 17.49 -4.78
C PRO K 41 49.85 16.95 -5.34
N TYR K 42 48.86 16.83 -4.45
CA TYR K 42 47.54 16.35 -4.84
C TYR K 42 46.83 17.44 -5.65
N ARG K 43 46.11 17.00 -6.69
CA ARG K 43 45.33 17.89 -7.52
C ARG K 43 43.91 17.36 -7.62
N ALA K 44 42.95 18.28 -7.59
CA ALA K 44 41.55 17.90 -7.66
C ALA K 44 41.19 17.42 -9.06
N LYS K 45 40.10 16.66 -9.14
CA LYS K 45 39.64 16.09 -10.40
C LYS K 45 38.14 16.32 -10.55
N GLN K 46 37.71 16.37 -11.81
CA GLN K 46 36.30 16.49 -12.16
C GLN K 46 35.97 15.44 -13.22
N VAL K 47 34.68 15.30 -13.51
CA VAL K 47 34.21 14.34 -14.51
C VAL K 47 33.41 15.10 -15.56
N VAL K 48 33.40 14.55 -16.77
CA VAL K 48 32.72 15.14 -17.91
C VAL K 48 31.67 14.16 -18.40
N PHE K 49 30.42 14.61 -18.47
CA PHE K 49 29.33 13.79 -18.95
C PHE K 49 29.20 13.93 -20.46
N GLN K 50 28.89 12.82 -21.13
CA GLN K 50 28.66 12.83 -22.56
C GLN K 50 27.48 11.91 -22.85
N VAL K 51 26.85 12.13 -24.00
CA VAL K 51 25.69 11.32 -24.39
C VAL K 51 26.14 10.31 -25.43
N ASP K 52 25.48 9.16 -25.42
CA ASP K 52 25.80 8.07 -26.33
C ASP K 52 24.86 8.14 -27.52
N ALA K 53 25.33 8.71 -28.62
CA ALA K 53 24.54 8.82 -29.84
C ALA K 53 24.49 7.45 -30.49
N ALA K 54 23.47 6.68 -30.15
CA ALA K 54 23.30 5.34 -30.71
C ALA K 54 22.81 5.40 -32.15
N ALA K 58 20.58 11.18 -32.07
CA ALA K 58 19.36 10.67 -31.46
C ALA K 58 19.41 10.83 -29.93
N THR K 59 18.75 9.92 -29.23
CA THR K 59 18.66 9.97 -27.78
C THR K 59 19.36 8.75 -27.19
N GLY K 60 20.16 8.98 -26.16
CA GLY K 60 20.90 7.89 -25.55
C GLY K 60 21.26 8.20 -24.12
N GLY K 61 21.92 7.24 -23.47
CA GLY K 61 22.32 7.38 -22.10
C GLY K 61 23.52 8.27 -21.93
N VAL K 62 23.94 8.43 -20.67
CA VAL K 62 25.07 9.27 -20.32
C VAL K 62 26.24 8.39 -19.90
N LYS K 63 27.45 8.84 -20.24
CA LYS K 63 28.67 8.15 -19.89
C LYS K 63 29.70 9.18 -19.45
N VAL K 64 30.74 8.69 -18.78
CA VAL K 64 31.87 9.52 -18.36
C VAL K 64 33.11 8.96 -19.03
N ALA K 65 33.68 9.73 -19.95
CA ALA K 65 34.82 9.23 -20.73
C ALA K 65 36.05 9.04 -19.85
N SER K 66 36.42 10.07 -19.09
CA SER K 66 37.60 10.00 -18.25
C SER K 66 37.54 11.13 -17.22
N VAL K 67 38.30 10.96 -16.14
CA VAL K 67 38.40 11.97 -15.10
C VAL K 67 39.51 12.96 -15.49
N ILE K 68 39.19 14.24 -15.41
CA ILE K 68 40.10 15.29 -15.87
C ILE K 68 40.57 16.09 -14.67
N GLU K 69 41.88 16.29 -14.58
CA GLU K 69 42.46 17.06 -13.48
C GLU K 69 42.13 18.54 -13.64
N SER K 70 41.98 19.23 -12.52
CA SER K 70 41.67 20.66 -12.56
C SER K 70 42.91 21.45 -12.96
N GLN K 71 42.71 22.47 -13.80
CA GLN K 71 43.76 23.37 -14.21
C GLN K 71 43.82 24.64 -13.37
N ALA K 72 42.97 24.75 -12.35
CA ALA K 72 43.05 25.91 -11.47
C ALA K 72 44.36 25.88 -10.70
N PRO K 73 45.02 27.03 -10.52
CA PRO K 73 46.32 27.03 -9.86
C PRO K 73 46.24 26.51 -8.43
N GLU K 74 47.25 25.75 -8.04
CA GLU K 74 47.34 25.26 -6.67
C GLU K 74 47.64 26.41 -5.72
N LYS K 75 47.33 26.21 -4.45
CA LYS K 75 47.65 27.24 -3.45
C LYS K 75 49.12 27.11 -3.07
N LEU K 76 49.85 28.22 -3.12
CA LEU K 76 51.25 28.24 -2.74
C LEU K 76 51.38 28.85 -1.36
N VAL K 77 51.77 28.03 -0.38
CA VAL K 77 51.84 28.45 1.01
C VAL K 77 53.30 28.46 1.44
N TYR K 78 53.73 29.58 2.02
CA TYR K 78 55.12 29.76 2.45
C TYR K 78 55.36 28.94 3.70
N GLU K 79 56.19 27.91 3.60
CA GLU K 79 56.57 27.13 4.78
C GLU K 79 57.89 26.41 4.50
N PRO K 80 59.03 27.05 4.74
CA PRO K 80 60.32 26.45 4.36
C PRO K 80 60.65 25.17 5.12
N GLY K 81 59.99 24.90 6.24
CA GLY K 81 60.34 23.76 7.05
C GLY K 81 59.94 22.43 6.46
N ASN K 82 59.21 22.46 5.35
CA ASN K 82 58.77 21.26 4.66
C ASN K 82 59.74 20.93 3.54
N PRO K 83 60.22 19.69 3.44
CA PRO K 83 61.15 19.35 2.35
C PRO K 83 60.56 19.56 0.96
N LEU K 84 59.23 19.63 0.83
CA LEU K 84 58.63 19.93 -0.47
C LEU K 84 58.84 21.38 -0.89
N ALA K 85 59.29 22.24 0.02
CA ALA K 85 59.46 23.65 -0.31
C ALA K 85 60.48 23.83 -1.41
N ASP K 86 60.14 24.64 -2.41
CA ASP K 86 61.03 24.93 -3.52
C ASP K 86 62.04 26.00 -3.10
N ALA K 87 62.75 26.57 -4.08
CA ALA K 87 63.73 27.61 -3.77
C ALA K 87 63.10 28.82 -3.12
N ASN K 88 61.80 29.03 -3.31
CA ASN K 88 61.08 30.13 -2.65
C ASN K 88 60.46 29.71 -1.33
N GLY K 89 60.68 28.47 -0.90
CA GLY K 89 60.09 27.98 0.34
C GLY K 89 58.58 27.86 0.30
N TYR K 90 58.03 27.36 -0.80
CA TYR K 90 56.59 27.25 -0.98
C TYR K 90 56.17 25.80 -1.12
N VAL K 91 55.03 25.48 -0.54
CA VAL K 91 54.42 24.15 -0.67
C VAL K 91 53.13 24.30 -1.45
N LYS K 92 52.78 23.25 -2.20
CA LYS K 92 51.64 23.27 -3.10
C LYS K 92 50.48 22.53 -2.45
N MET K 93 49.52 23.29 -1.92
CA MET K 93 48.27 22.79 -1.37
C MET K 93 47.24 22.63 -2.48
N PRO K 94 46.42 21.59 -2.38
CA PRO K 94 45.44 21.32 -3.43
C PRO K 94 44.33 22.36 -3.47
N ASN K 95 43.76 22.51 -4.65
CA ASN K 95 42.66 23.45 -4.90
C ASN K 95 41.35 22.70 -4.78
N VAL K 96 40.63 22.93 -3.70
CA VAL K 96 39.35 22.29 -3.43
C VAL K 96 38.32 23.37 -3.12
N ASP K 97 37.24 23.40 -3.88
CA ASP K 97 36.15 24.36 -3.65
C ASP K 97 35.09 23.65 -2.83
N VAL K 98 35.04 23.96 -1.54
CA VAL K 98 34.13 23.25 -0.64
C VAL K 98 32.67 23.48 -1.03
N VAL K 99 32.33 24.73 -1.35
CA VAL K 99 30.95 25.02 -1.76
C VAL K 99 30.63 24.32 -3.07
N GLY K 100 31.58 24.31 -4.00
CA GLY K 100 31.35 23.61 -5.25
C GLY K 100 31.10 22.13 -5.05
N GLU K 101 31.87 21.50 -4.15
CA GLU K 101 31.67 20.08 -3.88
C GLU K 101 30.33 19.83 -3.19
N MET K 102 29.93 20.71 -2.28
CA MET K 102 28.63 20.55 -1.65
C MET K 102 27.51 20.64 -2.68
N VAL K 103 27.60 21.62 -3.58
CA VAL K 103 26.58 21.76 -4.62
C VAL K 103 26.57 20.55 -5.53
N ASN K 104 27.76 20.03 -5.88
CA ASN K 104 27.83 18.85 -6.73
C ASN K 104 27.18 17.64 -6.06
N THR K 105 27.45 17.45 -4.76
CA THR K 105 26.81 16.35 -4.04
C THR K 105 25.30 16.50 -4.02
N MET K 106 24.81 17.73 -3.78
CA MET K 106 23.37 17.94 -3.79
C MET K 106 22.76 17.60 -5.15
N SER K 107 23.41 18.07 -6.22
CA SER K 107 22.90 17.80 -7.56
C SER K 107 22.91 16.31 -7.86
N ALA K 108 23.98 15.62 -7.47
CA ALA K 108 24.06 14.18 -7.71
C ALA K 108 22.95 13.44 -6.99
N SER K 109 22.71 13.81 -5.73
CA SER K 109 21.65 13.15 -4.98
C SER K 109 20.28 13.39 -5.62
N ARG K 110 20.01 14.62 -6.04
CA ARG K 110 18.72 14.93 -6.65
C ARG K 110 18.53 14.17 -7.96
N SER K 111 19.57 14.13 -8.80
CA SER K 111 19.46 13.40 -10.05
C SER K 111 19.25 11.92 -9.80
N TYR K 112 19.95 11.37 -8.80
CA TYR K 112 19.80 9.96 -8.48
C TYR K 112 18.36 9.66 -8.06
N GLN K 113 17.78 10.50 -7.20
CA GLN K 113 16.41 10.26 -6.78
C GLN K 113 15.43 10.39 -7.94
N ALA K 114 15.63 11.38 -8.81
CA ALA K 114 14.74 11.52 -9.97
C ALA K 114 14.80 10.28 -10.85
N ASN K 115 16.01 9.77 -11.11
CA ASN K 115 16.14 8.59 -11.95
C ASN K 115 15.51 7.36 -11.30
N ILE K 116 15.67 7.22 -9.98
CA ILE K 116 15.06 6.06 -9.33
C ILE K 116 13.53 6.15 -9.39
N GLU K 117 12.99 7.37 -9.43
CA GLU K 117 11.52 7.51 -9.45
C GLU K 117 11.03 7.22 -10.86
N VAL K 118 11.82 7.57 -11.85
CA VAL K 118 11.48 7.21 -13.23
C VAL K 118 11.52 5.71 -13.42
N LEU K 119 12.54 5.06 -12.85
CA LEU K 119 12.61 3.60 -12.93
C LEU K 119 11.42 2.95 -12.26
N ASN K 120 11.00 3.46 -11.11
CA ASN K 120 9.85 2.90 -10.43
C ASN K 120 8.61 2.97 -11.30
N THR K 121 8.35 4.15 -11.89
CA THR K 121 7.16 4.30 -12.72
C THR K 121 7.21 3.39 -13.95
N VAL K 122 8.36 3.33 -14.63
CA VAL K 122 8.44 2.52 -15.84
C VAL K 122 8.33 1.03 -15.48
N LYS K 123 8.84 0.62 -14.32
CA LYS K 123 8.70 -0.77 -13.91
C LYS K 123 7.24 -1.11 -13.66
N SER K 124 6.49 -0.20 -13.03
CA SER K 124 5.07 -0.45 -12.85
C SER K 124 4.35 -0.57 -14.19
N MET K 125 4.66 0.32 -15.14
CA MET K 125 4.03 0.27 -16.45
C MET K 125 4.34 -1.04 -17.16
N MET K 126 5.60 -1.45 -17.13
CA MET K 126 6.00 -2.68 -17.80
C MET K 126 5.39 -3.92 -17.15
N LEU K 127 5.25 -3.92 -15.81
CA LEU K 127 4.56 -5.03 -15.14
C LEU K 127 3.10 -5.09 -15.58
N LYS K 128 2.45 -3.94 -15.70
CA LYS K 128 1.07 -3.92 -16.16
C LYS K 128 0.93 -4.27 -17.64
N THR K 129 2.00 -4.12 -18.42
CA THR K 129 1.92 -4.39 -19.85
C THR K 129 1.60 -5.85 -20.15
N LEU K 130 2.22 -6.78 -19.40
CA LEU K 130 2.15 -8.20 -19.76
C LEU K 130 0.77 -8.80 -19.55
N THR K 131 -0.17 -8.09 -18.92
CA THR K 131 -1.47 -8.67 -18.64
C THR K 131 -2.28 -8.94 -19.90
N LEU K 132 -1.92 -8.34 -21.03
CA LEU K 132 -2.66 -8.53 -22.26
C LEU K 132 -2.15 -9.69 -23.09
N GLY K 133 -1.05 -10.32 -22.69
CA GLY K 133 -0.51 -11.43 -23.46
C GLY K 133 -1.25 -12.74 -23.30
N GLN K 134 -2.20 -12.82 -22.36
CA GLN K 134 -2.96 -14.04 -22.14
C GLN K 134 -4.18 -14.10 -23.04
N ALA L 2 -1.37 -30.13 11.91
CA ALA L 2 -2.67 -29.45 11.89
C ALA L 2 -2.50 -27.98 11.54
N LEU L 3 -3.23 -27.52 10.52
CA LEU L 3 -3.18 -26.13 10.10
C LEU L 3 -4.22 -25.26 10.77
N LEU L 4 -5.18 -25.85 11.50
CA LEU L 4 -6.12 -25.06 12.27
C LEU L 4 -5.49 -24.52 13.55
N ASN L 5 -4.54 -25.24 14.14
CA ASN L 5 -3.91 -24.82 15.37
C ASN L 5 -3.16 -23.50 15.23
N ILE L 6 -2.87 -23.07 14.01
CA ILE L 6 -2.16 -21.81 13.83
C ILE L 6 -2.98 -20.66 14.38
N PHE L 7 -4.30 -20.73 14.25
CA PHE L 7 -5.14 -19.64 14.71
C PHE L 7 -5.03 -19.43 16.21
N ASP L 8 -5.14 -20.49 17.00
CA ASP L 8 -5.04 -20.37 18.45
C ASP L 8 -3.61 -20.37 18.95
N ILE L 9 -2.63 -20.56 18.06
CA ILE L 9 -1.24 -20.25 18.42
C ILE L 9 -0.98 -18.76 18.27
N ALA L 10 -1.37 -18.19 17.13
CA ALA L 10 -1.15 -16.78 16.88
C ALA L 10 -2.04 -15.91 17.77
N GLY L 11 -3.24 -16.38 18.11
CA GLY L 11 -4.06 -15.64 19.07
C GLY L 11 -3.42 -15.59 20.44
N SER L 12 -2.82 -16.71 20.86
CA SER L 12 -2.08 -16.72 22.12
C SER L 12 -0.91 -15.76 22.06
N ALA L 13 -0.18 -15.75 20.95
CA ALA L 13 0.93 -14.82 20.79
C ALA L 13 0.46 -13.37 20.86
N LEU L 14 -0.64 -13.06 20.18
CA LEU L 14 -1.20 -11.72 20.19
C LEU L 14 -1.59 -11.30 21.60
N ALA L 15 -2.26 -12.19 22.33
CA ALA L 15 -2.66 -11.86 23.69
C ALA L 15 -1.45 -11.63 24.58
N ALA L 16 -0.44 -12.48 24.47
CA ALA L 16 0.75 -12.32 25.31
C ALA L 16 1.47 -11.02 25.00
N GLN L 17 1.61 -10.68 23.72
CA GLN L 17 2.28 -9.44 23.38
C GLN L 17 1.47 -8.22 23.82
N SER L 18 0.14 -8.30 23.72
CA SER L 18 -0.68 -7.20 24.20
C SER L 18 -0.53 -7.01 25.70
N LYS L 19 -0.49 -8.11 26.46
CA LYS L 19 -0.28 -7.98 27.90
C LYS L 19 1.08 -7.37 28.20
N ARG L 20 2.12 -7.79 27.48
CA ARG L 20 3.44 -7.23 27.69
C ARG L 20 3.46 -5.74 27.39
N LEU L 21 2.82 -5.33 26.29
CA LEU L 21 2.79 -3.92 25.94
C LEU L 21 2.03 -3.10 26.99
N ASN L 22 0.92 -3.64 27.49
CA ASN L 22 0.17 -2.94 28.53
C ASN L 22 1.00 -2.79 29.80
N VAL L 23 1.74 -3.84 30.17
CA VAL L 23 2.59 -3.75 31.35
C VAL L 23 3.65 -2.68 31.17
N ALA L 24 4.28 -2.65 29.99
CA ALA L 24 5.30 -1.63 29.74
C ALA L 24 4.71 -0.24 29.79
N ALA L 25 3.53 -0.04 29.19
CA ALA L 25 2.88 1.27 29.21
C ALA L 25 2.54 1.69 30.63
N SER L 26 2.04 0.75 31.44
CA SER L 26 1.71 1.06 32.82
C SER L 26 2.95 1.47 33.61
N ASN L 27 4.06 0.75 33.40
CA ASN L 27 5.29 1.12 34.09
C ASN L 27 5.78 2.50 33.66
N LEU L 28 5.70 2.80 32.36
CA LEU L 28 6.10 4.13 31.91
C LEU L 28 5.22 5.20 32.52
N ALA L 29 3.92 4.94 32.61
CA ALA L 29 3.01 5.93 33.21
C ALA L 29 3.32 6.14 34.68
N ASN L 30 3.62 5.06 35.40
CA ASN L 30 3.90 5.13 36.83
C ASN L 30 5.39 5.27 37.13
N ALA L 31 6.19 5.71 36.16
CA ALA L 31 7.62 5.84 36.38
C ALA L 31 7.96 6.80 37.51
N ASP L 32 7.06 7.73 37.85
CA ASP L 32 7.35 8.73 38.88
C ASP L 32 6.28 8.80 39.96
N SER L 33 5.31 7.90 39.95
CA SER L 33 4.28 7.92 40.98
C SER L 33 4.89 7.57 42.34
N VAL L 34 4.53 8.34 43.35
CA VAL L 34 5.18 8.24 44.66
C VAL L 34 4.45 7.32 45.62
N THR L 35 3.17 7.04 45.41
CA THR L 35 2.42 6.24 46.36
C THR L 35 1.26 5.55 45.66
N GLY L 36 0.72 4.54 46.33
CA GLY L 36 -0.47 3.86 45.85
C GLY L 36 -1.68 4.25 46.66
N PRO L 37 -2.75 3.45 46.57
CA PRO L 37 -3.97 3.77 47.33
C PRO L 37 -3.80 3.70 48.83
N ASP L 38 -2.78 2.99 49.33
CA ASP L 38 -2.64 2.81 50.77
C ASP L 38 -1.19 3.01 51.22
N GLY L 39 -0.47 3.92 50.59
CA GLY L 39 0.89 4.20 50.99
C GLY L 39 1.93 3.23 50.48
N GLN L 40 1.54 2.21 49.75
CA GLN L 40 2.50 1.27 49.18
C GLN L 40 3.13 1.87 47.93
N PRO L 41 4.45 1.98 47.85
CA PRO L 41 5.07 2.54 46.65
C PRO L 41 4.80 1.68 45.44
N TYR L 42 4.73 2.32 44.28
CA TYR L 42 4.55 1.58 43.04
C TYR L 42 5.78 0.75 42.75
N ARG L 43 5.56 -0.48 42.27
CA ARG L 43 6.63 -1.39 41.93
C ARG L 43 6.50 -1.78 40.45
N ALA L 44 7.64 -1.78 39.75
CA ALA L 44 7.64 -2.22 38.36
C ALA L 44 7.16 -3.66 38.29
N LYS L 45 6.36 -3.96 37.28
CA LYS L 45 5.79 -5.29 37.11
C LYS L 45 6.25 -5.88 35.79
N GLN L 46 6.26 -7.21 35.73
CA GLN L 46 6.67 -7.95 34.54
C GLN L 46 5.74 -9.14 34.38
N VAL L 47 5.72 -9.69 33.17
CA VAL L 47 4.90 -10.84 32.86
C VAL L 47 5.79 -12.07 32.77
N VAL L 48 5.18 -13.24 32.90
CA VAL L 48 5.89 -14.52 32.78
C VAL L 48 5.33 -15.27 31.59
N PHE L 49 6.17 -15.54 30.59
CA PHE L 49 5.78 -16.30 29.42
C PHE L 49 6.07 -17.78 29.62
N GLN L 50 5.22 -18.62 29.04
CA GLN L 50 5.42 -20.06 29.08
C GLN L 50 4.84 -20.67 27.82
N VAL L 51 5.23 -21.90 27.55
CA VAL L 51 4.72 -22.65 26.41
C VAL L 51 3.47 -23.41 26.84
N ASP L 52 2.51 -23.51 25.90
CA ASP L 52 1.25 -24.19 26.22
C ASP L 52 1.45 -25.69 26.37
N ALA L 53 2.26 -26.29 25.50
CA ALA L 53 2.48 -27.74 25.47
C ALA L 53 1.17 -28.51 25.35
N ALA L 58 4.98 -31.24 23.80
CA ALA L 58 5.94 -30.71 22.83
C ALA L 58 6.07 -29.20 22.94
N THR L 59 5.65 -28.49 21.89
CA THR L 59 5.67 -27.04 21.87
C THR L 59 4.36 -26.53 21.31
N GLY L 60 4.03 -25.30 21.68
CA GLY L 60 2.79 -24.67 21.24
C GLY L 60 2.86 -23.17 21.41
N GLY L 61 1.71 -22.57 21.66
CA GLY L 61 1.63 -21.13 21.78
C GLY L 61 2.25 -20.66 23.09
N VAL L 62 2.25 -19.34 23.25
CA VAL L 62 2.83 -18.68 24.42
C VAL L 62 1.70 -18.14 25.27
N LYS L 63 1.71 -18.47 26.56
CA LYS L 63 0.72 -17.99 27.50
C LYS L 63 1.40 -17.22 28.63
N VAL L 64 0.74 -16.17 29.09
CA VAL L 64 1.26 -15.38 30.20
C VAL L 64 0.92 -16.10 31.50
N ALA L 65 1.93 -16.66 32.16
CA ALA L 65 1.68 -17.43 33.37
C ALA L 65 1.13 -16.55 34.48
N SER L 66 1.75 -15.41 34.72
CA SER L 66 1.33 -14.51 35.79
C SER L 66 2.03 -13.17 35.60
N VAL L 67 1.69 -12.22 36.47
CA VAL L 67 2.30 -10.91 36.53
C VAL L 67 2.92 -10.74 37.91
N ILE L 68 4.21 -10.44 37.95
CA ILE L 68 4.97 -10.38 39.19
C ILE L 68 5.69 -9.05 39.28
N GLU L 69 5.73 -8.48 40.48
CA GLU L 69 6.50 -7.27 40.72
C GLU L 69 7.96 -7.61 40.83
N SER L 70 8.80 -6.87 40.10
CA SER L 70 10.24 -7.14 40.10
C SER L 70 10.82 -6.95 41.50
N GLN L 71 11.73 -7.85 41.88
CA GLN L 71 12.34 -7.82 43.21
C GLN L 71 13.69 -7.10 43.10
N ALA L 72 13.62 -5.78 43.09
CA ALA L 72 14.78 -4.92 43.08
C ALA L 72 14.64 -3.86 44.17
N PRO L 73 15.75 -3.40 44.75
CA PRO L 73 15.65 -2.38 45.80
C PRO L 73 15.01 -1.10 45.28
N GLU L 74 14.18 -0.49 46.11
CA GLU L 74 13.53 0.74 45.72
C GLU L 74 14.51 1.90 45.75
N LYS L 75 14.52 2.71 44.69
CA LYS L 75 15.43 3.84 44.61
C LYS L 75 14.91 4.93 45.55
N LEU L 76 15.19 4.72 46.84
CA LEU L 76 14.64 5.58 47.88
C LEU L 76 15.33 6.95 47.89
N VAL L 77 14.55 7.99 48.20
CA VAL L 77 15.01 9.37 48.15
C VAL L 77 14.68 10.03 49.48
N TYR L 78 15.37 11.13 49.75
CA TYR L 78 15.32 11.79 51.06
C TYR L 78 14.38 12.98 51.00
N GLU L 79 13.20 12.84 51.59
CA GLU L 79 12.23 13.92 51.76
C GLU L 79 11.72 13.89 53.18
N PRO L 80 12.44 14.50 54.13
CA PRO L 80 12.05 14.39 55.54
C PRO L 80 10.69 14.97 55.85
N GLY L 81 10.25 16.00 55.13
CA GLY L 81 8.98 16.63 55.42
C GLY L 81 7.82 16.00 54.67
N ASN L 82 7.74 14.67 54.71
CA ASN L 82 6.67 13.96 54.04
C ASN L 82 6.08 12.92 54.97
N PRO L 83 4.74 12.78 55.00
CA PRO L 83 4.14 11.79 55.90
C PRO L 83 4.59 10.37 55.64
N LEU L 84 4.86 10.01 54.39
CA LEU L 84 5.26 8.65 54.05
C LEU L 84 6.69 8.34 54.43
N ALA L 85 7.46 9.32 54.88
CA ALA L 85 8.86 9.08 55.20
C ALA L 85 8.99 8.12 56.38
N ASP L 86 10.02 7.29 56.33
CA ASP L 86 10.29 6.34 57.40
C ASP L 86 10.99 7.05 58.55
N ALA L 87 11.54 6.27 59.49
CA ALA L 87 12.18 6.85 60.66
C ALA L 87 13.38 7.72 60.29
N ASN L 88 14.06 7.39 59.19
CA ASN L 88 15.20 8.17 58.72
C ASN L 88 14.82 9.19 57.67
N GLY L 89 13.55 9.30 57.33
CA GLY L 89 13.13 10.28 56.34
C GLY L 89 13.36 9.88 54.90
N TYR L 90 13.61 8.60 54.63
CA TYR L 90 13.84 8.12 53.28
C TYR L 90 12.54 7.52 52.75
N VAL L 91 11.87 8.24 51.86
CA VAL L 91 10.70 7.69 51.19
C VAL L 91 11.17 6.81 50.03
N LYS L 92 10.29 5.89 49.63
CA LYS L 92 10.61 4.90 48.61
C LYS L 92 9.95 5.28 47.29
N MET L 93 10.71 5.17 46.21
CA MET L 93 10.29 5.53 44.87
C MET L 93 10.34 4.32 43.95
N PRO L 94 9.57 4.33 42.85
CA PRO L 94 9.57 3.17 41.96
C PRO L 94 10.94 2.90 41.36
N ASN L 95 11.29 1.64 41.25
CA ASN L 95 12.56 1.21 40.65
C ASN L 95 12.41 0.92 39.16
N VAL L 96 11.86 1.88 38.43
CA VAL L 96 11.56 1.71 37.01
C VAL L 96 12.55 2.55 36.21
N ASP L 97 13.24 1.90 35.29
CA ASP L 97 14.09 2.62 34.35
C ASP L 97 13.22 3.13 33.21
N VAL L 98 13.84 3.67 32.17
CA VAL L 98 13.11 4.19 31.01
C VAL L 98 13.50 3.48 29.73
N VAL L 99 14.80 3.19 29.55
CA VAL L 99 15.23 2.48 28.36
C VAL L 99 14.59 1.10 28.29
N GLY L 100 14.43 0.44 29.43
CA GLY L 100 13.85 -0.88 29.42
C GLY L 100 12.46 -0.90 28.80
N GLU L 101 11.60 0.03 29.23
CA GLU L 101 10.26 0.08 28.68
C GLU L 101 10.24 0.64 27.27
N MET L 102 11.10 1.62 26.97
CA MET L 102 11.16 2.15 25.61
C MET L 102 11.59 1.08 24.61
N VAL L 103 12.35 0.08 25.05
CA VAL L 103 12.68 -1.02 24.15
C VAL L 103 11.64 -2.14 24.19
N ASN L 104 11.02 -2.36 25.36
CA ASN L 104 9.98 -3.37 25.45
C ASN L 104 8.81 -3.04 24.53
N THR L 105 8.41 -1.77 24.48
CA THR L 105 7.29 -1.41 23.61
C THR L 105 7.60 -1.72 22.15
N MET L 106 8.80 -1.37 21.69
CA MET L 106 9.17 -1.62 20.30
C MET L 106 9.24 -3.12 20.01
N SER L 107 9.85 -3.88 20.91
CA SER L 107 9.94 -5.32 20.70
C SER L 107 8.56 -5.96 20.66
N ALA L 108 7.68 -5.57 21.57
CA ALA L 108 6.34 -6.14 21.59
C ALA L 108 5.57 -5.77 20.33
N SER L 109 5.70 -4.53 19.86
CA SER L 109 5.02 -4.14 18.64
C SER L 109 5.53 -4.94 17.45
N ARG L 110 6.85 -5.13 17.36
CA ARG L 110 7.40 -5.91 16.25
C ARG L 110 6.91 -7.34 16.28
N SER L 111 6.90 -7.97 17.46
CA SER L 111 6.42 -9.34 17.55
C SER L 111 4.94 -9.43 17.21
N TYR L 112 4.15 -8.46 17.66
CA TYR L 112 2.73 -8.43 17.33
C TYR L 112 2.52 -8.35 15.83
N GLN L 113 3.27 -7.46 15.16
CA GLN L 113 3.13 -7.32 13.72
C GLN L 113 3.57 -8.60 13.00
N ALA L 114 4.65 -9.24 13.48
CA ALA L 114 5.10 -10.46 12.86
C ALA L 114 4.05 -11.57 12.97
N ASN L 115 3.43 -11.70 14.14
CA ASN L 115 2.39 -12.70 14.29
C ASN L 115 1.17 -12.36 13.44
N ILE L 116 0.87 -11.08 13.25
CA ILE L 116 -0.20 -10.69 12.34
C ILE L 116 0.11 -11.16 10.93
N GLU L 117 1.36 -10.97 10.49
CA GLU L 117 1.74 -11.44 9.16
C GLU L 117 1.62 -12.95 9.04
N VAL L 118 2.05 -13.67 10.07
CA VAL L 118 1.95 -15.13 10.06
C VAL L 118 0.49 -15.54 9.90
N LEU L 119 -0.39 -14.92 10.68
CA LEU L 119 -1.81 -15.27 10.60
C LEU L 119 -2.39 -14.96 9.23
N ASN L 120 -2.01 -13.82 8.65
CA ASN L 120 -2.47 -13.48 7.31
C ASN L 120 -2.06 -14.54 6.30
N THR L 121 -0.78 -14.91 6.31
CA THR L 121 -0.30 -15.89 5.34
C THR L 121 -0.99 -17.24 5.53
N VAL L 122 -1.14 -17.67 6.77
CA VAL L 122 -1.75 -18.97 7.03
C VAL L 122 -3.22 -18.96 6.61
N LYS L 123 -3.94 -17.88 6.89
CA LYS L 123 -5.33 -17.79 6.46
C LYS L 123 -5.45 -17.82 4.95
N SER L 124 -4.55 -17.10 4.27
CA SER L 124 -4.58 -17.10 2.81
C SER L 124 -4.35 -18.49 2.25
N MET L 125 -3.35 -19.20 2.76
CA MET L 125 -3.08 -20.54 2.22
C MET L 125 -4.17 -21.53 2.60
N MET L 126 -4.80 -21.36 3.77
CA MET L 126 -5.92 -22.23 4.14
C MET L 126 -7.10 -22.02 3.20
N LEU L 127 -7.42 -20.75 2.91
CA LEU L 127 -8.50 -20.47 1.97
C LEU L 127 -8.16 -20.99 0.58
N LYS L 128 -6.88 -21.00 0.22
CA LYS L 128 -6.50 -21.54 -1.11
C LYS L 128 -6.62 -23.07 -1.11
N THR L 129 -6.31 -23.71 0.01
CA THR L 129 -6.51 -25.15 0.12
C THR L 129 -7.98 -25.50 0.11
N LEU L 130 -8.84 -24.57 0.53
CA LEU L 130 -10.27 -24.84 0.60
C LEU L 130 -10.88 -25.14 -0.76
N THR L 131 -10.19 -24.81 -1.85
CA THR L 131 -10.72 -25.05 -3.18
C THR L 131 -9.81 -25.98 -3.98
N LEU L 132 -9.38 -27.08 -3.36
CA LEU L 132 -8.54 -28.06 -4.04
C LEU L 132 -9.25 -28.63 -5.26
N GLY L 133 -8.54 -28.71 -6.38
CA GLY L 133 -9.10 -29.25 -7.60
C GLY L 133 -10.18 -28.38 -8.22
N ALA M 2 -34.92 2.03 -14.39
CA ALA M 2 -33.97 1.07 -14.94
C ALA M 2 -32.57 1.34 -14.40
N LEU M 3 -31.56 0.81 -15.10
CA LEU M 3 -30.17 1.01 -14.73
C LEU M 3 -29.39 1.83 -15.74
N LEU M 4 -29.95 2.10 -16.92
CA LEU M 4 -29.25 2.93 -17.89
C LEU M 4 -29.09 4.36 -17.40
N ASN M 5 -30.07 4.86 -16.63
CA ASN M 5 -29.97 6.20 -16.08
C ASN M 5 -28.80 6.33 -15.11
N ILE M 6 -28.31 5.22 -14.56
CA ILE M 6 -27.19 5.28 -13.62
C ILE M 6 -25.95 5.80 -14.33
N PHE M 7 -25.73 5.39 -15.58
CA PHE M 7 -24.58 5.88 -16.32
C PHE M 7 -24.66 7.38 -16.51
N ASP M 8 -25.82 7.90 -16.86
CA ASP M 8 -25.99 9.34 -17.02
C ASP M 8 -25.74 10.07 -15.71
N ILE M 9 -26.32 9.55 -14.62
CA ILE M 9 -26.17 10.21 -13.31
C ILE M 9 -24.71 10.23 -12.89
N ALA M 10 -24.03 9.10 -13.00
CA ALA M 10 -22.63 9.03 -12.59
C ALA M 10 -21.74 9.88 -13.49
N GLY M 11 -22.02 9.91 -14.80
CA GLY M 11 -21.25 10.78 -15.67
C GLY M 11 -21.42 12.24 -15.33
N SER M 12 -22.65 12.66 -15.02
CA SER M 12 -22.87 14.04 -14.61
C SER M 12 -22.13 14.34 -13.32
N ALA M 13 -22.18 13.42 -12.36
CA ALA M 13 -21.46 13.65 -11.10
C ALA M 13 -19.96 13.75 -11.33
N LEU M 14 -19.41 12.87 -12.17
CA LEU M 14 -17.99 12.92 -12.48
C LEU M 14 -17.61 14.24 -13.14
N ALA M 15 -18.42 14.70 -14.09
CA ALA M 15 -18.14 15.98 -14.74
C ALA M 15 -18.17 17.13 -13.74
N ALA M 16 -19.17 17.15 -12.87
CA ALA M 16 -19.27 18.23 -11.89
C ALA M 16 -18.07 18.21 -10.95
N GLN M 17 -17.68 17.04 -10.48
CA GLN M 17 -16.53 16.96 -9.58
C GLN M 17 -15.24 17.37 -10.28
N SER M 18 -15.10 17.01 -11.57
CA SER M 18 -13.92 17.44 -12.32
C SER M 18 -13.89 18.95 -12.46
N LYS M 19 -15.04 19.57 -12.73
CA LYS M 19 -15.07 21.03 -12.82
C LYS M 19 -14.70 21.66 -11.49
N ARG M 20 -15.23 21.13 -10.39
CA ARG M 20 -14.89 21.69 -9.08
C ARG M 20 -13.40 21.56 -8.79
N LEU M 21 -12.82 20.40 -9.11
CA LEU M 21 -11.39 20.19 -8.89
C LEU M 21 -10.57 21.15 -9.75
N ASN M 22 -10.95 21.35 -11.01
CA ASN M 22 -10.23 22.26 -11.87
C ASN M 22 -10.30 23.69 -11.34
N VAL M 23 -11.48 24.10 -10.85
CA VAL M 23 -11.61 25.45 -10.30
C VAL M 23 -10.72 25.61 -9.07
N ALA M 24 -10.70 24.60 -8.20
CA ALA M 24 -9.85 24.69 -7.01
C ALA M 24 -8.38 24.76 -7.39
N ALA M 25 -7.95 23.96 -8.35
CA ALA M 25 -6.56 24.00 -8.78
C ALA M 25 -6.20 25.34 -9.39
N SER M 26 -7.10 25.90 -10.19
CA SER M 26 -6.85 27.20 -10.80
C SER M 26 -6.73 28.29 -9.74
N ASN M 27 -7.61 28.26 -8.73
CA ASN M 27 -7.52 29.23 -7.65
C ASN M 27 -6.20 29.10 -6.90
N LEU M 28 -5.78 27.88 -6.61
CA LEU M 28 -4.50 27.69 -5.92
C LEU M 28 -3.34 28.19 -6.77
N ALA M 29 -3.38 27.94 -8.08
CA ALA M 29 -2.30 28.40 -8.95
C ALA M 29 -2.24 29.92 -9.01
N ASN M 30 -3.38 30.57 -9.17
CA ASN M 30 -3.44 32.02 -9.30
C ASN M 30 -3.62 32.72 -7.96
N ALA M 31 -3.36 32.03 -6.85
CA ALA M 31 -3.57 32.62 -5.54
C ALA M 31 -2.71 33.84 -5.28
N ASP M 32 -1.63 34.03 -6.04
CA ASP M 32 -0.70 35.13 -5.78
C ASP M 32 -0.31 35.81 -7.09
N SER M 33 -1.29 36.06 -7.95
CA SER M 33 -1.06 36.70 -9.25
C SER M 33 -1.89 37.97 -9.31
N VAL M 34 -1.29 39.08 -8.90
CA VAL M 34 -2.02 40.36 -8.83
C VAL M 34 -1.80 41.07 -10.17
N THR M 35 -2.58 40.66 -11.16
CA THR M 35 -2.76 41.38 -12.42
C THR M 35 -3.72 40.56 -13.28
N GLY M 36 -4.09 41.13 -14.41
CA GLY M 36 -4.84 40.44 -15.43
C GLY M 36 -4.42 40.91 -16.81
N PRO M 37 -4.75 40.13 -17.84
CA PRO M 37 -4.38 40.56 -19.20
C PRO M 37 -4.97 41.90 -19.59
N ASP M 38 -6.12 42.28 -19.03
CA ASP M 38 -6.73 43.57 -19.28
C ASP M 38 -6.52 44.54 -18.13
N GLY M 39 -5.69 44.19 -17.16
CA GLY M 39 -5.41 45.06 -16.03
C GLY M 39 -6.29 44.83 -14.82
N GLN M 40 -7.40 44.12 -14.96
CA GLN M 40 -8.27 43.85 -13.81
C GLN M 40 -7.63 42.80 -12.91
N PRO M 41 -7.71 42.94 -11.60
CA PRO M 41 -7.10 41.96 -10.71
C PRO M 41 -7.82 40.63 -10.80
N TYR M 42 -7.06 39.56 -10.54
CA TYR M 42 -7.65 38.23 -10.53
C TYR M 42 -8.58 38.07 -9.34
N ARG M 43 -9.73 37.46 -9.59
CA ARG M 43 -10.76 37.29 -8.56
C ARG M 43 -11.15 35.82 -8.49
N ALA M 44 -11.31 35.32 -7.27
CA ALA M 44 -11.64 33.92 -7.07
C ALA M 44 -12.97 33.58 -7.71
N LYS M 45 -13.07 32.36 -8.24
CA LYS M 45 -14.26 31.90 -8.92
C LYS M 45 -14.74 30.59 -8.31
N GLN M 46 -16.06 30.39 -8.33
CA GLN M 46 -16.66 29.19 -7.77
C GLN M 46 -17.79 28.72 -8.69
N VAL M 47 -17.98 27.40 -8.75
CA VAL M 47 -19.06 26.85 -9.56
C VAL M 47 -20.35 26.82 -8.74
N VAL M 48 -21.48 26.69 -9.44
CA VAL M 48 -22.78 26.56 -8.81
C VAL M 48 -23.40 25.24 -9.27
N PHE M 49 -23.85 24.42 -8.32
CA PHE M 49 -24.48 23.15 -8.65
C PHE M 49 -25.98 23.30 -8.77
N GLN M 50 -26.59 22.40 -9.53
CA GLN M 50 -28.04 22.35 -9.70
C GLN M 50 -28.45 20.90 -9.91
N VAL M 51 -29.73 20.64 -9.65
CA VAL M 51 -30.33 19.33 -9.88
C VAL M 51 -31.15 19.41 -11.18
N ASP M 52 -30.80 18.57 -12.15
CA ASP M 52 -31.39 18.65 -13.48
C ASP M 52 -32.70 17.86 -13.59
N ALA M 53 -33.66 18.20 -12.74
CA ALA M 53 -35.00 17.60 -12.77
C ALA M 53 -34.95 16.08 -12.74
N ALA M 58 -38.86 15.44 -9.00
CA ALA M 58 -38.21 14.16 -8.72
C ALA M 58 -36.74 14.37 -8.38
N THR M 59 -35.92 13.36 -8.69
CA THR M 59 -34.49 13.40 -8.44
C THR M 59 -33.73 13.29 -9.76
N GLY M 60 -32.40 13.25 -9.66
CA GLY M 60 -31.57 13.16 -10.84
C GLY M 60 -30.13 13.48 -10.50
N GLY M 61 -29.33 13.63 -11.54
CA GLY M 61 -27.92 13.92 -11.37
C GLY M 61 -27.68 15.36 -11.01
N VAL M 62 -26.40 15.75 -11.08
CA VAL M 62 -25.98 17.11 -10.78
C VAL M 62 -25.48 17.75 -12.06
N LYS M 63 -25.59 19.07 -12.11
CA LYS M 63 -25.07 19.84 -13.25
C LYS M 63 -24.46 21.12 -12.72
N VAL M 64 -23.53 21.68 -13.48
CA VAL M 64 -22.87 22.93 -13.12
C VAL M 64 -23.53 24.04 -13.91
N ALA M 65 -24.35 24.85 -13.23
CA ALA M 65 -25.09 25.90 -13.92
C ALA M 65 -24.16 26.97 -14.48
N SER M 66 -23.25 27.48 -13.65
CA SER M 66 -22.36 28.54 -14.09
C SER M 66 -21.24 28.73 -13.07
N VAL M 67 -20.20 29.40 -13.51
CA VAL M 67 -19.07 29.80 -12.67
C VAL M 67 -19.20 31.29 -12.40
N ILE M 68 -19.17 31.66 -11.13
CA ILE M 68 -19.39 33.04 -10.71
C ILE M 68 -18.23 33.50 -9.85
N GLU M 69 -17.97 34.80 -9.91
CA GLU M 69 -16.92 35.41 -9.11
C GLU M 69 -17.39 35.54 -7.67
N SER M 70 -16.46 35.29 -6.73
CA SER M 70 -16.79 35.44 -5.32
C SER M 70 -17.00 36.90 -4.96
N GLN M 71 -17.95 37.15 -4.07
CA GLN M 71 -18.27 38.50 -3.63
C GLN M 71 -17.55 38.88 -2.35
N ALA M 72 -16.63 38.06 -1.87
CA ALA M 72 -15.85 38.41 -0.70
C ALA M 72 -14.99 39.63 -1.00
N PRO M 73 -14.75 40.49 0.00
CA PRO M 73 -13.95 41.69 -0.24
C PRO M 73 -12.54 41.35 -0.69
N GLU M 74 -12.03 42.14 -1.63
CA GLU M 74 -10.70 41.89 -2.18
C GLU M 74 -9.64 42.44 -1.24
N LYS M 75 -8.74 41.56 -0.80
CA LYS M 75 -7.60 42.01 0.00
C LYS M 75 -6.77 42.99 -0.81
N LEU M 76 -6.34 44.07 -0.19
CA LEU M 76 -5.58 45.09 -0.88
C LEU M 76 -4.39 45.51 -0.03
N VAL M 77 -3.26 45.72 -0.70
CA VAL M 77 -2.01 46.09 -0.02
C VAL M 77 -1.58 47.45 -0.55
N TYR M 78 -0.60 48.04 0.13
CA TYR M 78 -0.15 49.40 -0.13
C TYR M 78 1.25 49.36 -0.73
N GLU M 79 1.37 49.76 -2.00
CA GLU M 79 2.67 49.98 -2.61
C GLU M 79 2.50 50.93 -3.79
N PRO M 80 3.08 52.13 -3.73
CA PRO M 80 2.87 53.10 -4.82
C PRO M 80 3.70 52.81 -6.06
N GLY M 81 4.62 51.85 -6.01
CA GLY M 81 5.50 51.62 -7.15
C GLY M 81 4.75 51.13 -8.38
N ASN M 82 3.83 50.19 -8.19
CA ASN M 82 3.14 49.59 -9.32
C ASN M 82 2.20 50.60 -9.97
N PRO M 83 2.17 50.66 -11.31
CA PRO M 83 1.21 51.53 -11.99
C PRO M 83 -0.24 51.14 -11.75
N LEU M 84 -0.50 49.89 -11.35
CA LEU M 84 -1.87 49.45 -11.07
C LEU M 84 -2.45 50.10 -9.83
N ALA M 85 -1.63 50.76 -9.01
CA ALA M 85 -2.13 51.35 -7.78
C ALA M 85 -3.12 52.46 -8.07
N ASP M 86 -4.14 52.56 -7.23
CA ASP M 86 -5.16 53.59 -7.37
C ASP M 86 -4.62 54.90 -6.80
N ALA M 87 -5.52 55.87 -6.60
CA ALA M 87 -5.11 57.18 -6.12
C ALA M 87 -4.46 57.11 -4.74
N ASN M 88 -4.74 56.06 -3.96
CA ASN M 88 -4.20 55.92 -2.63
C ASN M 88 -3.06 54.92 -2.53
N GLY M 89 -2.55 54.44 -3.66
CA GLY M 89 -1.44 53.51 -3.65
C GLY M 89 -1.78 52.08 -3.33
N TYR M 90 -3.06 51.73 -3.30
CA TYR M 90 -3.50 50.38 -2.97
C TYR M 90 -3.66 49.55 -4.24
N VAL M 91 -3.13 48.35 -4.22
CA VAL M 91 -3.38 47.37 -5.28
C VAL M 91 -4.15 46.21 -4.67
N LYS M 92 -4.85 45.48 -5.54
CA LYS M 92 -5.86 44.50 -5.13
C LYS M 92 -5.33 43.09 -5.38
N MET M 93 -4.85 42.44 -4.32
CA MET M 93 -4.49 41.04 -4.42
C MET M 93 -5.76 40.19 -4.51
N PRO M 94 -5.66 39.00 -5.11
CA PRO M 94 -6.84 38.13 -5.17
C PRO M 94 -7.28 37.71 -3.78
N ASN M 95 -8.59 37.68 -3.57
CA ASN M 95 -9.18 37.31 -2.28
C ASN M 95 -9.53 35.82 -2.24
N VAL M 96 -8.53 34.97 -2.51
CA VAL M 96 -8.74 33.53 -2.60
C VAL M 96 -8.17 32.88 -1.35
N ASP M 97 -9.01 32.16 -0.62
CA ASP M 97 -8.55 31.41 0.54
C ASP M 97 -7.71 30.22 0.10
N VAL M 98 -6.86 29.75 0.99
CA VAL M 98 -5.96 28.63 0.71
C VAL M 98 -6.48 27.34 1.31
N VAL M 99 -6.82 27.35 2.60
CA VAL M 99 -7.27 26.12 3.24
C VAL M 99 -8.61 25.68 2.68
N GLY M 100 -9.46 26.62 2.28
CA GLY M 100 -10.71 26.25 1.63
C GLY M 100 -10.49 25.46 0.36
N GLU M 101 -9.57 25.93 -0.49
CA GLU M 101 -9.25 25.17 -1.70
C GLU M 101 -8.59 23.84 -1.37
N MET M 102 -7.76 23.82 -0.31
CA MET M 102 -7.11 22.58 0.07
C MET M 102 -8.12 21.52 0.45
N VAL M 103 -9.15 21.90 1.20
CA VAL M 103 -10.16 20.90 1.54
C VAL M 103 -11.09 20.62 0.38
N ASN M 104 -11.32 21.60 -0.51
CA ASN M 104 -12.15 21.36 -1.68
C ASN M 104 -11.53 20.31 -2.58
N THR M 105 -10.22 20.34 -2.74
CA THR M 105 -9.55 19.34 -3.57
C THR M 105 -9.79 17.93 -3.03
N MET M 106 -9.59 17.75 -1.72
CA MET M 106 -9.79 16.42 -1.12
C MET M 106 -11.24 15.98 -1.23
N SER M 107 -12.18 16.88 -0.95
CA SER M 107 -13.59 16.52 -1.03
C SER M 107 -13.97 16.14 -2.46
N ALA M 108 -13.50 16.90 -3.44
CA ALA M 108 -13.81 16.60 -4.83
C ALA M 108 -13.23 15.25 -5.23
N SER M 109 -11.99 14.97 -4.84
CA SER M 109 -11.38 13.69 -5.20
C SER M 109 -12.16 12.53 -4.56
N ARG M 110 -12.55 12.67 -3.30
CA ARG M 110 -13.27 11.60 -2.63
C ARG M 110 -14.64 11.36 -3.28
N SER M 111 -15.35 12.45 -3.61
CA SER M 111 -16.63 12.29 -4.30
C SER M 111 -16.45 11.64 -5.66
N TYR M 112 -15.39 12.02 -6.38
CA TYR M 112 -15.10 11.42 -7.68
C TYR M 112 -14.89 9.91 -7.54
N GLN M 113 -14.11 9.51 -6.54
CA GLN M 113 -13.86 8.09 -6.34
C GLN M 113 -15.14 7.35 -5.97
N ALA M 114 -15.97 7.95 -5.12
CA ALA M 114 -17.23 7.30 -4.75
C ALA M 114 -18.13 7.12 -5.96
N ASN M 115 -18.22 8.15 -6.81
CA ASN M 115 -19.08 8.04 -7.98
C ASN M 115 -18.57 6.99 -8.96
N ILE M 116 -17.26 6.94 -9.18
CA ILE M 116 -16.77 5.93 -10.13
C ILE M 116 -16.95 4.53 -9.56
N GLU M 117 -16.80 4.36 -8.24
CA GLU M 117 -17.07 3.05 -7.65
C GLU M 117 -18.53 2.66 -7.82
N VAL M 118 -19.44 3.61 -7.65
CA VAL M 118 -20.86 3.33 -7.87
C VAL M 118 -21.09 2.90 -9.31
N LEU M 119 -20.48 3.61 -10.25
CA LEU M 119 -20.65 3.28 -11.67
C LEU M 119 -20.15 1.87 -11.95
N ASN M 120 -18.99 1.52 -11.41
CA ASN M 120 -18.44 0.19 -11.64
C ASN M 120 -19.33 -0.90 -11.05
N THR M 121 -19.85 -0.67 -9.85
CA THR M 121 -20.74 -1.64 -9.22
C THR M 121 -21.99 -1.84 -10.06
N VAL M 122 -22.58 -0.75 -10.55
CA VAL M 122 -23.80 -0.88 -11.34
C VAL M 122 -23.52 -1.58 -12.66
N LYS M 123 -22.35 -1.31 -13.26
CA LYS M 123 -21.99 -2.01 -14.48
C LYS M 123 -21.87 -3.51 -14.24
N SER M 124 -21.24 -3.90 -13.14
CA SER M 124 -21.14 -5.33 -12.82
C SER M 124 -22.51 -5.94 -12.60
N MET M 125 -23.40 -5.24 -11.91
CA MET M 125 -24.75 -5.76 -11.69
C MET M 125 -25.49 -5.94 -13.01
N MET M 126 -25.35 -4.97 -13.92
CA MET M 126 -26.02 -5.09 -15.21
C MET M 126 -25.46 -6.26 -16.02
N LEU M 127 -24.14 -6.45 -15.97
CA LEU M 127 -23.55 -7.60 -16.66
C LEU M 127 -24.09 -8.91 -16.09
N LYS M 128 -24.21 -9.01 -14.76
CA LYS M 128 -24.76 -10.22 -14.18
C LYS M 128 -26.23 -10.40 -14.53
N THR M 129 -26.99 -9.30 -14.65
CA THR M 129 -28.38 -9.41 -15.06
C THR M 129 -28.50 -9.89 -16.50
N LEU M 130 -27.53 -9.52 -17.35
CA LEU M 130 -27.60 -9.89 -18.76
C LEU M 130 -27.69 -11.40 -18.97
N THR M 131 -27.14 -12.20 -18.07
CA THR M 131 -27.14 -13.65 -18.21
C THR M 131 -28.22 -14.33 -17.38
N LEU M 132 -29.39 -13.69 -17.25
CA LEU M 132 -30.51 -14.28 -16.53
C LEU M 132 -30.97 -15.57 -17.18
N ASP N 3 9.22 -34.77 -29.48
CA ASP N 3 8.73 -34.73 -30.85
C ASP N 3 8.27 -33.33 -31.23
N ARG N 4 7.17 -33.24 -31.98
CA ARG N 4 6.65 -31.95 -32.40
C ARG N 4 6.22 -31.11 -31.20
N LEU N 5 5.55 -31.73 -30.23
CA LEU N 5 5.10 -30.99 -29.05
C LEU N 5 6.27 -30.42 -28.28
N ASP N 6 7.33 -31.22 -28.10
CA ASP N 6 8.51 -30.73 -27.39
C ASP N 6 9.24 -29.66 -28.18
N ALA N 7 9.29 -29.80 -29.51
CA ALA N 7 9.97 -28.81 -30.34
C ALA N 7 9.23 -27.48 -30.35
N ALA N 8 7.91 -27.51 -30.23
CA ALA N 8 7.14 -26.26 -30.24
C ALA N 8 7.41 -25.42 -29.00
N LEU N 9 7.86 -26.04 -27.90
CA LEU N 9 8.05 -25.34 -26.64
C LEU N 9 9.50 -25.33 -26.16
N ARG N 10 10.42 -25.97 -26.89
CA ARG N 10 11.79 -26.09 -26.42
C ARG N 10 12.43 -24.71 -26.24
N PHE N 11 12.23 -23.81 -27.19
CA PHE N 11 12.91 -22.52 -27.11
C PHE N 11 12.42 -21.73 -25.90
N GLN N 12 11.11 -21.67 -25.69
CA GLN N 12 10.58 -20.92 -24.56
C GLN N 12 11.01 -21.55 -23.24
N GLN N 13 10.98 -22.88 -23.15
CA GLN N 13 11.41 -23.54 -21.92
C GLN N 13 12.87 -23.26 -21.62
N GLU N 14 13.73 -23.32 -22.64
CA GLU N 14 15.14 -23.06 -22.42
C GLU N 14 15.40 -21.61 -22.06
N ALA N 15 14.65 -20.69 -22.67
CA ALA N 15 14.78 -19.28 -22.28
C ALA N 15 14.39 -19.09 -20.83
N LEU N 16 13.31 -19.74 -20.39
CA LEU N 16 12.91 -19.67 -18.99
C LEU N 16 14.00 -20.20 -18.08
N ASN N 17 14.57 -21.35 -18.42
CA ASN N 17 15.61 -21.96 -17.58
C ASN N 17 16.85 -21.07 -17.50
N LEU N 18 17.28 -20.52 -18.64
CA LEU N 18 18.44 -19.65 -18.62
C LEU N 18 18.17 -18.37 -17.84
N ARG N 19 16.95 -17.83 -17.94
CA ARG N 19 16.61 -16.66 -17.13
C ARG N 19 16.68 -16.98 -15.64
N ALA N 20 16.20 -18.16 -15.25
CA ALA N 20 16.28 -18.56 -13.85
C ALA N 20 17.74 -18.67 -13.40
N GLN N 21 18.60 -19.27 -14.22
CA GLN N 21 20.00 -19.41 -13.86
C GLN N 21 20.68 -18.06 -13.74
N ARG N 22 20.40 -17.14 -14.67
CA ARG N 22 20.98 -15.81 -14.57
C ARG N 22 20.46 -15.06 -13.35
N GLN N 23 19.19 -15.27 -12.98
CA GLN N 23 18.67 -14.69 -11.76
C GLN N 23 19.43 -15.20 -10.55
N GLU N 24 19.72 -16.50 -10.51
CA GLU N 24 20.48 -17.04 -9.39
C GLU N 24 21.88 -16.45 -9.35
N ILE N 25 22.52 -16.28 -10.50
CA ILE N 25 23.85 -15.67 -10.54
C ILE N 25 23.80 -14.24 -9.99
N LEU N 26 22.80 -13.47 -10.42
CA LEU N 26 22.68 -12.10 -9.93
C LEU N 26 22.42 -12.06 -8.43
N ALA N 27 21.58 -12.97 -7.93
CA ALA N 27 21.34 -13.02 -6.49
C ALA N 27 22.61 -13.34 -5.73
N ALA N 28 23.41 -14.29 -6.24
CA ALA N 28 24.65 -14.64 -5.56
C ALA N 28 25.62 -13.47 -5.52
N ASN N 29 25.80 -12.79 -6.66
CA ASN N 29 26.79 -11.72 -6.70
C ASN N 29 26.25 -10.41 -6.16
N ILE N 30 24.97 -10.35 -5.79
CA ILE N 30 24.51 -9.22 -4.97
C ILE N 30 24.53 -9.57 -3.49
N ALA N 31 24.48 -10.86 -3.15
CA ALA N 31 24.63 -11.27 -1.75
C ALA N 31 26.08 -11.21 -1.29
N ASN N 32 27.03 -11.41 -2.21
CA ASN N 32 28.44 -11.32 -1.87
C ASN N 32 29.00 -9.91 -2.01
N ALA N 33 28.15 -8.90 -1.82
CA ALA N 33 28.56 -7.52 -2.10
C ALA N 33 29.61 -6.98 -1.14
N ASP N 34 29.86 -7.66 -0.02
CA ASP N 34 30.81 -7.16 0.97
C ASP N 34 32.07 -8.00 1.10
N THR N 35 32.13 -9.17 0.50
CA THR N 35 33.29 -10.02 0.65
C THR N 35 34.44 -9.52 -0.23
N PRO N 36 35.57 -9.13 0.35
CA PRO N 36 36.70 -8.70 -0.47
C PRO N 36 37.28 -9.85 -1.27
N GLY N 37 37.82 -9.52 -2.45
CA GLY N 37 38.41 -10.51 -3.32
C GLY N 37 37.43 -11.31 -4.13
N TYR N 38 36.14 -11.01 -4.07
CA TYR N 38 35.13 -11.71 -4.84
C TYR N 38 34.83 -10.96 -6.12
N GLN N 39 34.88 -11.67 -7.24
CA GLN N 39 34.67 -11.08 -8.56
C GLN N 39 33.23 -11.24 -8.98
N ALA N 40 32.67 -10.19 -9.58
CA ALA N 40 31.31 -10.26 -10.09
C ALA N 40 31.22 -11.29 -11.21
N ARG N 41 30.08 -11.97 -11.28
CA ARG N 41 29.86 -13.02 -12.26
C ARG N 41 28.54 -12.78 -12.98
N ASP N 42 28.49 -13.23 -14.24
CA ASP N 42 27.30 -13.19 -15.06
C ASP N 42 27.56 -14.01 -16.31
N ILE N 43 26.51 -14.22 -17.09
CA ILE N 43 26.58 -15.08 -18.28
C ILE N 43 26.11 -14.29 -19.49
N ASP N 44 26.58 -14.71 -20.66
CA ASP N 44 26.17 -14.08 -21.92
C ASP N 44 24.90 -14.77 -22.39
N PHE N 45 23.77 -14.11 -22.18
CA PHE N 45 22.47 -14.76 -22.33
C PHE N 45 22.23 -15.19 -23.78
N ALA N 46 22.52 -14.30 -24.73
CA ALA N 46 22.22 -14.62 -26.13
C ALA N 46 23.04 -15.81 -26.61
N SER N 47 24.34 -15.79 -26.35
CA SER N 47 25.19 -16.90 -26.77
C SER N 47 24.80 -18.18 -26.07
N GLU N 48 24.50 -18.12 -24.76
CA GLU N 48 24.10 -19.32 -24.05
C GLU N 48 22.82 -19.91 -24.62
N LEU N 49 21.83 -19.05 -24.90
CA LEU N 49 20.57 -19.54 -25.44
C LEU N 49 20.75 -20.15 -26.82
N LYS N 50 21.55 -19.50 -27.68
CA LYS N 50 21.77 -20.04 -29.01
C LYS N 50 22.51 -21.37 -28.95
N LYS N 51 23.52 -21.48 -28.08
CA LYS N 51 24.25 -22.73 -27.97
C LYS N 51 23.36 -23.85 -27.42
N VAL N 52 22.52 -23.55 -26.43
CA VAL N 52 21.69 -24.60 -25.86
C VAL N 52 20.60 -25.02 -26.83
N MET N 53 20.06 -24.09 -27.64
CA MET N 53 19.06 -24.47 -28.63
C MET N 53 19.68 -25.19 -29.82
N VAL N 54 20.96 -24.96 -30.11
CA VAL N 54 21.64 -25.70 -31.16
C VAL N 54 22.05 -27.07 -30.65
N ALA N 82 28.32 -27.82 -18.11
CA ALA N 82 27.29 -27.12 -17.36
C ALA N 82 26.95 -25.79 -18.03
N VAL N 83 27.13 -24.69 -17.29
CA VAL N 83 26.80 -23.36 -17.75
C VAL N 83 28.06 -22.51 -17.76
N ASP N 84 28.30 -21.82 -18.88
CA ASP N 84 29.47 -20.97 -19.01
C ASP N 84 29.19 -19.59 -18.42
N LEU N 85 30.08 -19.12 -17.56
CA LEU N 85 29.96 -17.81 -16.95
C LEU N 85 31.30 -17.09 -17.04
N LEU N 86 31.25 -15.76 -17.06
CA LEU N 86 32.44 -14.94 -17.22
C LEU N 86 32.36 -13.74 -16.28
N TYR N 87 33.52 -13.18 -15.97
CA TYR N 87 33.59 -12.07 -15.04
C TYR N 87 33.07 -10.79 -15.67
N ARG N 88 32.60 -9.88 -14.82
CA ARG N 88 32.11 -8.59 -15.26
C ARG N 88 33.23 -7.56 -15.23
N VAL N 89 33.16 -6.61 -16.15
CA VAL N 89 34.15 -5.53 -16.20
C VAL N 89 33.93 -4.62 -14.99
N PRO N 90 34.95 -4.41 -14.17
CA PRO N 90 34.77 -3.57 -12.98
C PRO N 90 34.44 -2.13 -13.34
N ASP N 91 33.66 -1.49 -12.48
CA ASP N 91 33.23 -0.11 -12.70
C ASP N 91 34.17 0.88 -12.03
N GLN N 92 34.36 0.76 -10.72
CA GLN N 92 35.28 1.61 -9.98
C GLN N 92 36.15 0.76 -9.06
N PRO N 93 37.41 1.15 -8.87
CA PRO N 93 38.30 0.37 -8.01
C PRO N 93 37.96 0.51 -6.54
N SER N 94 38.28 -0.54 -5.79
CA SER N 94 38.13 -0.53 -4.34
C SER N 94 39.35 -1.18 -3.73
N LEU N 95 39.73 -0.71 -2.54
CA LEU N 95 40.95 -1.21 -1.89
C LEU N 95 40.82 -2.68 -1.52
N ASP N 96 39.65 -3.09 -0.99
CA ASP N 96 39.48 -4.45 -0.54
C ASP N 96 39.62 -5.45 -1.68
N GLY N 97 39.03 -5.13 -2.83
CA GLY N 97 39.14 -5.98 -3.99
C GLY N 97 37.81 -6.31 -4.64
N ASN N 98 36.73 -6.01 -3.95
CA ASN N 98 35.40 -6.31 -4.47
C ASN N 98 35.09 -5.44 -5.68
N THR N 99 34.33 -5.99 -6.61
CA THR N 99 34.07 -5.34 -7.89
C THR N 99 32.62 -5.48 -8.31
N VAL N 100 31.69 -5.25 -7.39
CA VAL N 100 30.26 -5.33 -7.67
C VAL N 100 29.64 -3.96 -7.49
N ASP N 101 28.81 -3.55 -8.45
CA ASP N 101 28.16 -2.24 -8.43
C ASP N 101 26.68 -2.44 -8.17
N MET N 102 26.18 -1.82 -7.11
CA MET N 102 24.83 -2.11 -6.63
C MET N 102 23.77 -1.67 -7.63
N ASP N 103 23.88 -0.46 -8.16
CA ASP N 103 22.86 0.02 -9.09
C ASP N 103 22.83 -0.81 -10.36
N ARG N 104 24.00 -1.17 -10.88
CA ARG N 104 24.05 -2.01 -12.07
C ARG N 104 23.43 -3.37 -11.81
N GLU N 105 23.75 -3.97 -10.66
CA GLU N 105 23.17 -5.27 -10.33
C GLU N 105 21.66 -5.16 -10.19
N ARG N 106 21.17 -4.09 -9.57
CA ARG N 106 19.73 -3.92 -9.40
C ARG N 106 19.02 -3.76 -10.75
N THR N 107 19.60 -2.97 -11.66
CA THR N 107 19.00 -2.83 -12.98
C THR N 107 18.98 -4.16 -13.72
N GLN N 108 20.08 -4.89 -13.68
CA GLN N 108 20.12 -6.20 -14.35
C GLN N 108 19.09 -7.15 -13.73
N PHE N 109 18.96 -7.12 -12.41
CA PHE N 109 17.99 -7.96 -11.72
C PHE N 109 16.58 -7.65 -12.17
N ALA N 110 16.24 -6.37 -12.24
CA ALA N 110 14.89 -5.99 -12.67
C ALA N 110 14.64 -6.42 -14.12
N ASP N 111 15.62 -6.20 -15.00
CA ASP N 111 15.45 -6.58 -16.39
C ASP N 111 15.23 -8.07 -16.53
N ASN N 112 16.06 -8.87 -15.85
CA ASN N 112 15.94 -10.32 -15.95
C ASN N 112 14.62 -10.80 -15.37
N SER N 113 14.18 -10.20 -14.26
CA SER N 113 12.90 -10.58 -13.68
C SER N 113 11.75 -10.31 -14.64
N LEU N 114 11.75 -9.12 -15.26
CA LEU N 114 10.68 -8.79 -16.19
C LEU N 114 10.69 -9.71 -17.40
N LYS N 115 11.88 -10.02 -17.92
CA LYS N 115 11.95 -10.90 -19.09
C LYS N 115 11.53 -12.32 -18.73
N TYR N 116 11.87 -12.78 -17.52
CA TYR N 116 11.38 -14.09 -17.07
C TYR N 116 9.87 -14.10 -16.99
N GLN N 117 9.28 -13.04 -16.46
CA GLN N 117 7.82 -12.96 -16.39
C GLN N 117 7.20 -12.98 -17.78
N MET N 118 7.80 -12.26 -18.73
CA MET N 118 7.30 -12.26 -20.09
C MET N 118 7.39 -13.64 -20.72
N GLY N 119 8.52 -14.33 -20.51
CA GLY N 119 8.65 -15.68 -21.04
C GLY N 119 7.63 -16.63 -20.46
N LEU N 120 7.38 -16.52 -19.16
CA LEU N 120 6.35 -17.35 -18.54
C LEU N 120 4.98 -17.06 -19.14
N THR N 121 4.68 -15.78 -19.35
CA THR N 121 3.38 -15.43 -19.94
C THR N 121 3.24 -16.00 -21.35
N VAL N 122 4.30 -15.89 -22.15
CA VAL N 122 4.26 -16.42 -23.51
C VAL N 122 4.05 -17.92 -23.49
N LEU N 123 4.78 -18.63 -22.62
CA LEU N 123 4.62 -20.08 -22.53
C LEU N 123 3.21 -20.45 -22.10
N GLY N 124 2.67 -19.73 -21.11
CA GLY N 124 1.32 -20.02 -20.66
C GLY N 124 0.28 -19.80 -21.75
N SER N 125 0.41 -18.70 -22.50
CA SER N 125 -0.52 -18.44 -23.58
C SER N 125 -0.42 -19.51 -24.66
N GLN N 126 0.80 -19.92 -25.01
CA GLN N 126 0.96 -20.94 -26.04
C GLN N 126 0.36 -22.26 -25.59
N LEU N 127 0.58 -22.65 -24.33
CA LEU N 127 -0.03 -23.88 -23.82
C LEU N 127 -1.54 -23.77 -23.77
N LYS N 128 -2.07 -22.60 -23.41
CA LYS N 128 -3.51 -22.43 -23.37
C LYS N 128 -4.11 -22.58 -24.78
N GLY N 129 -3.44 -22.01 -25.78
CA GLY N 129 -3.92 -22.19 -27.15
C GLY N 129 -3.85 -23.63 -27.61
N MET N 130 -2.75 -24.32 -27.29
CA MET N 130 -2.63 -25.73 -27.65
C MET N 130 -3.70 -26.57 -26.97
N MET N 131 -4.05 -26.24 -25.73
CA MET N 131 -5.14 -26.94 -25.06
C MET N 131 -6.48 -26.61 -25.70
N ASN N 132 -6.71 -25.35 -26.03
CA ASN N 132 -7.97 -24.91 -26.61
C ASN N 132 -8.22 -25.51 -27.98
N VAL N 133 -7.16 -25.81 -28.74
CA VAL N 133 -7.34 -26.39 -30.07
C VAL N 133 -7.98 -27.77 -30.03
N LEU N 134 -8.06 -28.40 -28.86
CA LEU N 134 -8.60 -29.75 -28.73
C LEU N 134 -10.10 -29.76 -28.46
N GLN N 135 -10.77 -28.63 -28.61
CA GLN N 135 -12.22 -28.59 -28.42
C GLN N 135 -12.90 -27.95 -29.64
N ASP O 3 -7.25 -49.35 -4.30
CA ASP O 3 -6.13 -49.04 -3.41
C ASP O 3 -4.96 -48.47 -4.21
N ARG O 4 -4.92 -48.77 -5.51
CA ARG O 4 -3.91 -48.18 -6.37
C ARG O 4 -4.06 -46.66 -6.41
N LEU O 5 -5.29 -46.19 -6.55
CA LEU O 5 -5.57 -44.76 -6.43
C LEU O 5 -5.15 -44.25 -5.06
N ASP O 6 -5.44 -45.04 -4.02
CA ASP O 6 -5.07 -44.65 -2.67
C ASP O 6 -3.59 -44.35 -2.56
N ALA O 7 -2.74 -45.28 -3.05
CA ALA O 7 -1.30 -45.07 -2.93
C ALA O 7 -0.81 -43.94 -3.85
N ALA O 8 -1.32 -43.90 -5.08
CA ALA O 8 -0.86 -42.92 -6.05
C ALA O 8 -1.12 -41.50 -5.56
N LEU O 9 -2.28 -41.26 -4.95
CA LEU O 9 -2.49 -39.97 -4.32
C LEU O 9 -1.89 -39.91 -2.93
N ARG O 10 -1.56 -41.06 -2.33
CA ARG O 10 -1.08 -41.07 -0.96
C ARG O 10 0.31 -40.48 -0.86
N PHE O 11 1.14 -40.69 -1.88
CA PHE O 11 2.47 -40.08 -1.83
C PHE O 11 2.37 -38.56 -1.63
N GLN O 12 1.60 -37.90 -2.50
CA GLN O 12 1.45 -36.46 -2.39
C GLN O 12 0.68 -36.06 -1.15
N GLN O 13 -0.31 -36.86 -0.74
CA GLN O 13 -1.08 -36.54 0.45
C GLN O 13 -0.19 -36.52 1.69
N GLU O 14 0.68 -37.53 1.82
CA GLU O 14 1.63 -37.55 2.92
C GLU O 14 2.65 -36.43 2.83
N ALA O 15 3.11 -36.09 1.62
CA ALA O 15 3.98 -34.92 1.48
C ALA O 15 3.31 -33.66 2.00
N LEU O 16 2.03 -33.47 1.63
CA LEU O 16 1.29 -32.30 2.08
C LEU O 16 1.09 -32.33 3.59
N ASN O 17 0.81 -33.50 4.16
CA ASN O 17 0.61 -33.61 5.60
C ASN O 17 1.87 -33.24 6.35
N LEU O 18 3.03 -33.73 5.89
CA LEU O 18 4.28 -33.38 6.55
C LEU O 18 4.60 -31.90 6.38
N ARG O 19 4.27 -31.32 5.22
CA ARG O 19 4.44 -29.88 5.06
C ARG O 19 3.60 -29.11 6.07
N ALA O 20 2.37 -29.56 6.30
CA ALA O 20 1.50 -28.91 7.28
C ALA O 20 2.08 -29.02 8.68
N GLN O 21 2.61 -30.20 9.04
CA GLN O 21 3.20 -30.37 10.36
C GLN O 21 4.40 -29.45 10.55
N ARG O 22 5.26 -29.37 9.53
CA ARG O 22 6.43 -28.51 9.63
C ARG O 22 6.01 -27.04 9.72
N GLN O 23 4.96 -26.66 8.99
CA GLN O 23 4.43 -25.31 9.11
C GLN O 23 3.94 -25.03 10.52
N GLU O 24 3.28 -25.99 11.13
CA GLU O 24 2.79 -25.80 12.49
C GLU O 24 3.95 -25.61 13.46
N ILE O 25 5.02 -26.42 13.31
CA ILE O 25 6.16 -26.27 14.21
C ILE O 25 6.84 -24.92 14.02
N LEU O 26 6.96 -24.48 12.76
CA LEU O 26 7.55 -23.17 12.50
C LEU O 26 6.70 -22.06 13.13
N ALA O 27 5.38 -22.18 13.02
CA ALA O 27 4.51 -21.18 13.65
C ALA O 27 4.68 -21.20 15.17
N ALA O 28 4.83 -22.38 15.75
CA ALA O 28 5.01 -22.47 17.20
C ALA O 28 6.29 -21.77 17.65
N ASN O 29 7.39 -22.03 16.94
CA ASN O 29 8.65 -21.38 17.34
C ASN O 29 8.73 -19.93 16.91
N ILE O 30 7.83 -19.47 16.04
CA ILE O 30 7.68 -18.03 15.86
C ILE O 30 6.93 -17.41 17.02
N ALA O 31 5.84 -18.06 17.45
CA ALA O 31 5.05 -17.51 18.55
C ALA O 31 5.85 -17.46 19.84
N ASN O 32 6.63 -18.51 20.12
CA ASN O 32 7.44 -18.55 21.33
C ASN O 32 8.83 -17.96 21.12
N ALA O 33 8.98 -17.02 20.19
CA ALA O 33 10.30 -16.49 19.85
C ALA O 33 10.94 -15.70 20.97
N ASP O 34 10.18 -15.25 21.97
CA ASP O 34 10.72 -14.43 23.05
C ASP O 34 10.61 -15.11 24.41
N THR O 35 10.38 -16.41 24.43
CA THR O 35 10.31 -17.15 25.69
C THR O 35 11.71 -17.55 26.11
N PRO O 36 12.21 -17.09 27.26
CA PRO O 36 13.54 -17.51 27.70
C PRO O 36 13.56 -18.99 28.06
N GLY O 37 14.73 -19.60 27.84
CA GLY O 37 14.86 -21.02 28.07
C GLY O 37 14.18 -21.89 27.04
N TYR O 38 13.96 -21.38 25.83
CA TYR O 38 13.30 -22.12 24.78
C TYR O 38 14.33 -22.67 23.81
N GLN O 39 14.04 -23.85 23.26
CA GLN O 39 14.90 -24.51 22.29
C GLN O 39 14.19 -24.61 20.95
N ALA O 40 14.84 -24.13 19.89
CA ALA O 40 14.25 -24.19 18.56
C ALA O 40 14.11 -25.63 18.11
N ARG O 41 12.96 -25.95 17.53
CA ARG O 41 12.64 -27.31 17.11
C ARG O 41 12.32 -27.33 15.63
N ASP O 42 12.69 -28.42 14.96
CA ASP O 42 12.41 -28.61 13.55
C ASP O 42 12.52 -30.09 13.24
N ILE O 43 12.09 -30.46 12.03
CA ILE O 43 12.11 -31.85 11.58
C ILE O 43 12.81 -31.91 10.22
N ASP O 44 13.29 -33.11 9.88
CA ASP O 44 13.97 -33.35 8.62
C ASP O 44 12.96 -33.91 7.63
N PHE O 45 12.56 -33.09 6.66
CA PHE O 45 11.44 -33.41 5.80
C PHE O 45 11.71 -34.65 4.97
N ALA O 46 12.89 -34.74 4.37
CA ALA O 46 13.16 -35.84 3.44
C ALA O 46 13.15 -37.19 4.16
N SER O 47 13.92 -37.30 5.24
CA SER O 47 13.96 -38.57 5.96
C SER O 47 12.62 -38.89 6.60
N GLU O 48 11.91 -37.88 7.10
CA GLU O 48 10.60 -38.12 7.68
C GLU O 48 9.63 -38.67 6.63
N LEU O 49 9.65 -38.09 5.42
CA LEU O 49 8.78 -38.59 4.36
C LEU O 49 9.16 -40.00 3.96
N LYS O 50 10.46 -40.29 3.88
CA LYS O 50 10.88 -41.65 3.56
C LYS O 50 10.38 -42.65 4.58
N LYS O 51 10.52 -42.31 5.87
CA LYS O 51 10.06 -43.20 6.93
C LYS O 51 8.55 -43.40 6.86
N VAL O 52 7.80 -42.32 6.63
CA VAL O 52 6.34 -42.45 6.58
C VAL O 52 5.91 -43.30 5.40
N MET O 53 6.54 -43.09 4.23
CA MET O 53 6.19 -43.91 3.07
C MET O 53 6.52 -45.37 3.31
N VAL O 54 7.68 -45.65 3.90
CA VAL O 54 8.04 -47.04 4.18
C VAL O 54 7.35 -47.52 5.45
N ALA O 82 4.04 -40.04 16.17
CA ALA O 82 4.94 -40.92 15.43
C ALA O 82 5.93 -40.11 14.61
N VAL O 83 6.06 -38.84 14.96
CA VAL O 83 6.98 -37.91 14.31
C VAL O 83 7.99 -37.43 15.33
N ASP O 84 9.27 -37.54 14.98
CA ASP O 84 10.36 -37.08 15.84
C ASP O 84 10.88 -35.74 15.34
N LEU O 85 11.29 -34.90 16.29
CA LEU O 85 11.73 -33.55 15.99
C LEU O 85 13.13 -33.33 16.54
N LEU O 86 13.89 -32.48 15.87
CA LEU O 86 15.29 -32.23 16.20
C LEU O 86 15.47 -30.79 16.66
N TYR O 87 16.53 -30.55 17.43
CA TYR O 87 16.83 -29.22 17.91
C TYR O 87 17.65 -28.48 16.86
N ARG O 88 17.18 -27.29 16.49
CA ARG O 88 17.92 -26.49 15.51
C ARG O 88 19.24 -26.02 16.09
N VAL O 89 20.28 -26.04 15.27
CA VAL O 89 21.61 -25.60 15.71
C VAL O 89 21.59 -24.10 15.94
N PRO O 90 21.96 -23.61 17.11
CA PRO O 90 22.00 -22.16 17.34
C PRO O 90 23.10 -21.50 16.52
N ASP O 91 22.91 -20.22 16.27
CA ASP O 91 23.88 -19.42 15.53
C ASP O 91 24.58 -18.38 16.38
N GLN O 92 23.88 -17.74 17.31
CA GLN O 92 24.46 -16.75 18.19
C GLN O 92 24.07 -17.02 19.63
N PRO O 93 24.94 -16.73 20.59
CA PRO O 93 24.58 -16.89 21.99
C PRO O 93 23.57 -15.85 22.43
N SER O 94 22.82 -16.21 23.48
CA SER O 94 21.85 -15.31 24.08
C SER O 94 21.75 -15.63 25.57
N LEU O 95 21.86 -14.61 26.41
CA LEU O 95 21.92 -14.84 27.85
C LEU O 95 20.61 -15.43 28.38
N ASP O 96 19.48 -14.98 27.87
CA ASP O 96 18.21 -15.49 28.39
C ASP O 96 17.91 -16.91 27.95
N GLY O 97 18.85 -17.61 27.32
CA GLY O 97 18.63 -19.01 27.01
C GLY O 97 17.72 -19.27 25.84
N ASN O 98 17.48 -18.27 25.00
CA ASN O 98 16.63 -18.42 23.83
C ASN O 98 17.52 -18.62 22.61
N THR O 99 17.30 -19.72 21.89
CA THR O 99 18.13 -20.06 20.75
C THR O 99 17.40 -19.98 19.42
N VAL O 100 16.10 -19.71 19.42
CA VAL O 100 15.34 -19.65 18.18
C VAL O 100 15.69 -18.34 17.48
N ASP O 101 16.40 -18.44 16.36
CA ASP O 101 16.70 -17.28 15.56
C ASP O 101 15.42 -16.75 14.91
N MET O 102 15.55 -15.66 14.16
CA MET O 102 14.43 -15.07 13.45
C MET O 102 14.56 -15.17 11.94
N ASP O 103 15.69 -14.74 11.38
CA ASP O 103 15.82 -14.66 9.93
C ASP O 103 15.81 -16.05 9.29
N ARG O 104 16.57 -16.98 9.86
CA ARG O 104 16.65 -18.32 9.28
C ARG O 104 15.28 -19.00 9.30
N GLU O 105 14.58 -18.91 10.42
CA GLU O 105 13.27 -19.53 10.50
C GLU O 105 12.22 -18.80 9.67
N ARG O 106 12.37 -17.49 9.47
CA ARG O 106 11.44 -16.79 8.57
C ARG O 106 11.63 -17.25 7.13
N THR O 107 12.88 -17.39 6.69
CA THR O 107 13.13 -17.94 5.36
C THR O 107 12.60 -19.37 5.27
N GLN O 108 12.76 -20.16 6.32
CA GLN O 108 12.21 -21.50 6.34
C GLN O 108 10.69 -21.48 6.23
N PHE O 109 10.04 -20.53 6.92
CA PHE O 109 8.59 -20.41 6.85
C PHE O 109 8.15 -20.11 5.43
N ALA O 110 8.81 -19.15 4.77
CA ALA O 110 8.44 -18.79 3.42
C ALA O 110 8.64 -19.98 2.47
N ASP O 111 9.77 -20.67 2.59
CA ASP O 111 10.05 -21.82 1.74
C ASP O 111 9.01 -22.92 1.96
N ASN O 112 8.66 -23.18 3.22
CA ASN O 112 7.69 -24.23 3.50
C ASN O 112 6.31 -23.87 2.95
N SER O 113 5.92 -22.60 3.07
CA SER O 113 4.64 -22.18 2.52
C SER O 113 4.61 -22.36 1.00
N LEU O 114 5.70 -21.95 0.32
CA LEU O 114 5.76 -22.10 -1.12
C LEU O 114 5.70 -23.56 -1.54
N LYS O 115 6.43 -24.43 -0.83
CA LYS O 115 6.42 -25.84 -1.19
C LYS O 115 5.08 -26.49 -0.87
N TYR O 116 4.40 -26.03 0.19
CA TYR O 116 3.06 -26.54 0.48
C TYR O 116 2.11 -26.17 -0.65
N GLN O 117 2.19 -24.93 -1.14
CA GLN O 117 1.34 -24.53 -2.25
C GLN O 117 1.67 -25.32 -3.51
N MET O 118 2.96 -25.59 -3.75
CA MET O 118 3.35 -26.38 -4.90
C MET O 118 2.79 -27.79 -4.82
N GLY O 119 2.90 -28.41 -3.65
CA GLY O 119 2.32 -29.73 -3.47
C GLY O 119 0.82 -29.73 -3.65
N LEU O 120 0.16 -28.69 -3.14
CA LEU O 120 -1.30 -28.58 -3.28
C LEU O 120 -1.69 -28.51 -4.74
N THR O 121 -1.00 -27.68 -5.53
CA THR O 121 -1.38 -27.55 -6.93
C THR O 121 -1.02 -28.80 -7.73
N VAL O 122 0.07 -29.49 -7.37
CA VAL O 122 0.39 -30.75 -8.06
C VAL O 122 -0.69 -31.78 -7.79
N LEU O 123 -1.12 -31.90 -6.53
CA LEU O 123 -2.16 -32.85 -6.20
C LEU O 123 -3.46 -32.49 -6.90
N GLY O 124 -3.80 -31.21 -6.94
CA GLY O 124 -5.00 -30.78 -7.63
C GLY O 124 -4.96 -31.09 -9.12
N SER O 125 -3.82 -30.84 -9.76
CA SER O 125 -3.68 -31.15 -11.17
C SER O 125 -3.82 -32.65 -11.43
N GLN O 126 -3.20 -33.47 -10.57
CA GLN O 126 -3.32 -34.92 -10.75
C GLN O 126 -4.75 -35.38 -10.57
N LEU O 127 -5.45 -34.86 -9.56
CA LEU O 127 -6.84 -35.24 -9.34
C LEU O 127 -7.73 -34.81 -10.49
N LYS O 128 -7.54 -33.59 -11.00
CA LYS O 128 -8.35 -33.13 -12.12
C LYS O 128 -8.07 -33.93 -13.38
N GLY O 129 -6.80 -34.29 -13.62
CA GLY O 129 -6.49 -35.13 -14.75
C GLY O 129 -7.12 -36.51 -14.64
N MET O 130 -7.13 -37.07 -13.43
CA MET O 130 -7.83 -38.34 -13.22
C MET O 130 -9.33 -38.20 -13.46
N MET O 131 -9.91 -37.08 -13.01
CA MET O 131 -11.35 -36.90 -13.09
C MET O 131 -11.80 -36.73 -14.54
N ASN O 132 -11.12 -35.86 -15.29
CA ASN O 132 -11.62 -35.49 -16.62
C ASN O 132 -11.58 -36.66 -17.60
N VAL O 133 -10.82 -37.71 -17.30
CA VAL O 133 -10.83 -38.89 -18.15
C VAL O 133 -12.20 -39.55 -18.11
N LEU O 134 -12.88 -39.51 -16.96
CA LEU O 134 -14.19 -40.14 -16.80
C LEU O 134 -15.32 -39.29 -17.37
N GLN O 135 -15.02 -38.31 -18.21
CA GLN O 135 -16.05 -37.47 -18.82
C GLN O 135 -16.25 -37.84 -20.28
N LEU P 2 -34.80 -12.03 -49.44
CA LEU P 2 -35.02 -10.71 -48.86
C LEU P 2 -36.28 -10.70 -48.00
N ASP P 3 -36.80 -11.90 -47.72
CA ASP P 3 -38.05 -12.05 -46.98
C ASP P 3 -37.82 -12.80 -45.67
N ARG P 4 -38.57 -12.37 -44.65
CA ARG P 4 -38.63 -13.05 -43.36
C ARG P 4 -37.30 -13.00 -42.61
N LEU P 5 -36.71 -14.18 -42.43
CA LEU P 5 -35.48 -14.35 -41.64
C LEU P 5 -34.46 -13.25 -41.91
N ASP P 6 -34.27 -12.93 -43.19
CA ASP P 6 -33.29 -11.94 -43.59
C ASP P 6 -33.48 -10.62 -42.84
N ALA P 7 -34.65 -9.99 -43.00
CA ALA P 7 -34.88 -8.72 -42.34
C ALA P 7 -35.03 -8.88 -40.83
N ALA P 8 -35.68 -9.97 -40.40
CA ALA P 8 -35.93 -10.17 -38.98
C ALA P 8 -34.63 -10.22 -38.18
N LEU P 9 -33.58 -10.79 -38.77
CA LEU P 9 -32.28 -10.75 -38.12
C LEU P 9 -31.44 -9.55 -38.55
N ARG P 10 -31.75 -8.94 -39.69
CA ARG P 10 -31.00 -7.77 -40.13
C ARG P 10 -31.23 -6.58 -39.21
N PHE P 11 -32.44 -6.45 -38.66
CA PHE P 11 -32.70 -5.31 -37.79
C PHE P 11 -31.75 -5.31 -36.59
N GLN P 12 -31.35 -6.49 -36.13
CA GLN P 12 -30.38 -6.59 -35.05
C GLN P 12 -28.94 -6.61 -35.55
N GLN P 13 -28.70 -7.19 -36.73
CA GLN P 13 -27.34 -7.22 -37.26
C GLN P 13 -26.83 -5.82 -37.56
N GLU P 14 -27.67 -4.96 -38.14
CA GLU P 14 -27.26 -3.59 -38.40
C GLU P 14 -27.10 -2.80 -37.11
N ALA P 15 -27.92 -3.09 -36.09
CA ALA P 15 -27.72 -2.47 -34.80
C ALA P 15 -26.35 -2.84 -34.22
N LEU P 16 -25.98 -4.12 -34.32
CA LEU P 16 -24.66 -4.53 -33.86
C LEU P 16 -23.55 -3.86 -34.65
N ASN P 17 -23.74 -3.73 -35.96
CA ASN P 17 -22.75 -3.04 -36.78
C ASN P 17 -22.60 -1.59 -36.35
N LEU P 18 -23.71 -0.92 -36.06
CA LEU P 18 -23.65 0.47 -35.60
C LEU P 18 -22.94 0.56 -34.26
N ARG P 19 -23.24 -0.36 -33.34
CA ARG P 19 -22.54 -0.36 -32.05
C ARG P 19 -21.05 -0.55 -32.24
N ALA P 20 -20.66 -1.46 -33.14
CA ALA P 20 -19.24 -1.71 -33.37
C ALA P 20 -18.55 -0.48 -33.96
N GLN P 21 -19.21 0.19 -34.91
CA GLN P 21 -18.61 1.39 -35.49
C GLN P 21 -18.47 2.50 -34.46
N ARG P 22 -19.49 2.69 -33.62
CA ARG P 22 -19.39 3.69 -32.57
C ARG P 22 -18.30 3.34 -31.58
N GLN P 23 -18.13 2.05 -31.28
CA GLN P 23 -17.05 1.62 -30.41
C GLN P 23 -15.70 1.93 -31.03
N GLU P 24 -15.56 1.70 -32.33
CA GLU P 24 -14.30 2.01 -33.00
C GLU P 24 -14.01 3.50 -32.96
N ILE P 25 -15.03 4.33 -33.16
CA ILE P 25 -14.82 5.78 -33.09
C ILE P 25 -14.42 6.19 -31.68
N LEU P 26 -15.06 5.62 -30.67
CA LEU P 26 -14.70 5.92 -29.29
C LEU P 26 -13.26 5.51 -29.00
N ALA P 27 -12.85 4.34 -29.49
CA ALA P 27 -11.48 3.91 -29.30
C ALA P 27 -10.50 4.86 -29.98
N ALA P 28 -10.84 5.32 -31.18
CA ALA P 28 -9.97 6.25 -31.89
C ALA P 28 -9.82 7.56 -31.12
N ASN P 29 -10.94 8.12 -30.65
CA ASN P 29 -10.86 9.41 -29.98
C ASN P 29 -10.36 9.31 -28.55
N ILE P 30 -10.31 8.10 -27.97
CA ILE P 30 -9.63 7.96 -26.69
C ILE P 30 -8.14 7.67 -26.86
N ALA P 31 -7.76 7.04 -27.99
CA ALA P 31 -6.35 6.84 -28.27
C ALA P 31 -5.67 8.12 -28.72
N ASN P 32 -6.42 9.02 -29.36
CA ASN P 32 -5.90 10.30 -29.81
C ASN P 32 -6.16 11.41 -28.80
N ALA P 33 -6.19 11.09 -27.50
CA ALA P 33 -6.65 12.02 -26.48
C ALA P 33 -5.60 13.05 -26.07
N ASP P 34 -4.36 12.93 -26.54
CA ASP P 34 -3.32 13.87 -26.16
C ASP P 34 -2.77 14.69 -27.31
N THR P 35 -3.22 14.46 -28.52
CA THR P 35 -2.76 15.25 -29.66
C THR P 35 -3.37 16.64 -29.59
N PRO P 36 -2.58 17.70 -29.63
CA PRO P 36 -3.12 19.05 -29.52
C PRO P 36 -4.05 19.37 -30.68
N GLY P 37 -5.09 20.15 -30.38
CA GLY P 37 -6.03 20.56 -31.40
C GLY P 37 -6.93 19.47 -31.91
N TYR P 38 -7.15 18.41 -31.13
CA TYR P 38 -8.01 17.32 -31.56
C TYR P 38 -9.46 17.60 -31.18
N GLN P 39 -10.36 17.14 -32.05
CA GLN P 39 -11.80 17.31 -31.87
C GLN P 39 -12.43 15.97 -31.54
N ALA P 40 -13.24 15.95 -30.48
CA ALA P 40 -13.95 14.73 -30.13
C ALA P 40 -14.99 14.41 -31.18
N ARG P 41 -15.08 13.13 -31.57
CA ARG P 41 -15.96 12.68 -32.63
C ARG P 41 -16.93 11.65 -32.09
N ASP P 42 -18.21 11.80 -32.42
CA ASP P 42 -19.22 10.83 -32.05
C ASP P 42 -20.41 10.97 -32.99
N ILE P 43 -21.28 9.97 -32.98
CA ILE P 43 -22.42 9.92 -33.88
C ILE P 43 -23.70 9.75 -33.07
N ASP P 44 -24.82 10.15 -33.67
CA ASP P 44 -26.13 10.04 -33.04
C ASP P 44 -26.70 8.68 -33.40
N PHE P 45 -26.71 7.76 -32.42
CA PHE P 45 -27.00 6.37 -32.71
C PHE P 45 -28.43 6.19 -33.24
N ALA P 46 -29.40 6.88 -32.65
CA ALA P 46 -30.78 6.69 -33.05
C ALA P 46 -31.00 7.12 -34.50
N SER P 47 -30.56 8.33 -34.84
CA SER P 47 -30.74 8.83 -36.20
C SER P 47 -29.96 7.98 -37.19
N GLU P 48 -28.73 7.59 -36.82
CA GLU P 48 -27.93 6.76 -37.72
C GLU P 48 -28.59 5.40 -37.96
N LEU P 49 -29.13 4.78 -36.92
CA LEU P 49 -29.79 3.48 -37.09
C LEU P 49 -31.03 3.62 -37.95
N LYS P 50 -31.82 4.66 -37.74
CA LYS P 50 -33.01 4.87 -38.58
C LYS P 50 -32.62 5.08 -40.04
N LYS P 51 -31.60 5.90 -40.28
CA LYS P 51 -31.17 6.17 -41.65
C LYS P 51 -30.62 4.92 -42.31
N VAL P 52 -29.88 4.10 -41.55
CA VAL P 52 -29.36 2.85 -42.10
C VAL P 52 -30.50 1.90 -42.44
N MET P 53 -31.49 1.79 -41.54
CA MET P 53 -32.60 0.88 -41.78
C MET P 53 -33.40 1.30 -43.01
N VAL P 54 -33.63 2.60 -43.18
CA VAL P 54 -34.29 3.07 -44.39
C VAL P 54 -33.37 2.97 -45.60
N ARG P 55 -32.06 2.88 -45.38
CA ARG P 55 -31.04 2.81 -46.44
C ARG P 55 -31.12 4.01 -47.37
N ALA P 82 -19.85 6.41 -44.69
CA ALA P 82 -21.00 7.18 -45.16
C ALA P 82 -21.71 7.85 -43.99
N VAL P 83 -21.53 7.29 -42.80
CA VAL P 83 -22.13 7.87 -41.60
C VAL P 83 -21.47 9.22 -41.30
N ASP P 84 -22.30 10.24 -41.07
CA ASP P 84 -21.81 11.57 -40.75
C ASP P 84 -21.59 11.67 -39.24
N LEU P 85 -20.37 12.05 -38.86
CA LEU P 85 -19.99 12.10 -37.45
C LEU P 85 -20.03 13.54 -36.96
N LEU P 86 -20.65 13.74 -35.80
CA LEU P 86 -20.81 15.05 -35.21
C LEU P 86 -19.70 15.33 -34.21
N TYR P 87 -19.55 16.61 -33.86
CA TYR P 87 -18.55 17.04 -32.90
C TYR P 87 -19.19 17.31 -31.55
N ARG P 88 -18.60 16.76 -30.50
CA ARG P 88 -19.11 16.94 -29.15
C ARG P 88 -18.69 18.29 -28.60
N VAL P 89 -19.62 18.97 -27.96
CA VAL P 89 -19.34 20.30 -27.39
C VAL P 89 -18.34 20.16 -26.26
N PRO P 90 -17.26 20.96 -26.23
CA PRO P 90 -16.27 20.84 -25.17
C PRO P 90 -16.87 21.09 -23.80
N ASP P 91 -16.44 20.30 -22.82
CA ASP P 91 -16.89 20.50 -21.45
C ASP P 91 -16.21 21.71 -20.81
N GLN P 92 -14.91 21.87 -21.04
CA GLN P 92 -14.16 23.01 -20.52
C GLN P 92 -12.93 23.21 -21.37
N PRO P 93 -12.48 24.44 -21.58
CA PRO P 93 -11.44 24.70 -22.56
C PRO P 93 -10.05 24.31 -22.07
N SER P 94 -9.15 24.16 -23.04
CA SER P 94 -7.74 23.92 -22.78
C SER P 94 -6.92 24.66 -23.83
N LEU P 95 -5.70 25.05 -23.44
CA LEU P 95 -4.89 25.87 -24.33
C LEU P 95 -4.44 25.09 -25.56
N ASP P 96 -4.13 23.80 -25.41
CA ASP P 96 -3.62 23.03 -26.52
C ASP P 96 -4.64 22.82 -27.62
N GLY P 97 -5.91 23.13 -27.37
CA GLY P 97 -6.95 23.00 -28.37
C GLY P 97 -7.65 21.67 -28.39
N ASN P 98 -7.17 20.69 -27.64
CA ASN P 98 -7.85 19.41 -27.56
C ASN P 98 -9.18 19.56 -26.83
N THR P 99 -10.21 18.88 -27.32
CA THR P 99 -11.52 18.94 -26.67
C THR P 99 -12.05 17.57 -26.26
N VAL P 100 -11.18 16.58 -26.09
CA VAL P 100 -11.63 15.29 -25.59
C VAL P 100 -11.76 15.36 -24.07
N ASP P 101 -12.84 14.78 -23.54
CA ASP P 101 -13.08 14.72 -22.11
C ASP P 101 -12.92 13.27 -21.67
N MET P 102 -11.92 13.01 -20.84
CA MET P 102 -11.47 11.64 -20.61
C MET P 102 -12.52 10.81 -19.86
N ASP P 103 -13.03 11.34 -18.75
CA ASP P 103 -13.99 10.57 -17.95
C ASP P 103 -15.28 10.34 -18.71
N ARG P 104 -15.79 11.35 -19.43
CA ARG P 104 -17.00 11.18 -20.21
C ARG P 104 -16.78 10.19 -21.33
N GLU P 105 -15.61 10.22 -21.97
CA GLU P 105 -15.30 9.24 -23.02
C GLU P 105 -15.27 7.83 -22.45
N ARG P 106 -14.68 7.66 -21.27
CA ARG P 106 -14.64 6.33 -20.66
C ARG P 106 -16.04 5.84 -20.32
N THR P 107 -16.88 6.73 -19.79
CA THR P 107 -18.26 6.35 -19.49
C THR P 107 -19.01 5.94 -20.74
N GLN P 108 -18.87 6.72 -21.82
CA GLN P 108 -19.52 6.36 -23.07
C GLN P 108 -19.00 5.04 -23.61
N PHE P 109 -17.69 4.79 -23.49
CA PHE P 109 -17.12 3.54 -23.95
C PHE P 109 -17.72 2.36 -23.20
N ALA P 110 -17.79 2.47 -21.87
CA ALA P 110 -18.37 1.38 -21.08
C ALA P 110 -19.83 1.16 -21.42
N ASP P 111 -20.60 2.25 -21.57
CA ASP P 111 -22.01 2.12 -21.90
C ASP P 111 -22.19 1.46 -23.26
N ASN P 112 -21.39 1.85 -24.25
CA ASN P 112 -21.52 1.28 -25.58
C ASN P 112 -21.11 -0.19 -25.59
N SER P 113 -20.09 -0.55 -24.82
CA SER P 113 -19.72 -1.96 -24.72
C SER P 113 -20.84 -2.78 -24.12
N LEU P 114 -21.47 -2.26 -23.06
CA LEU P 114 -22.57 -2.98 -22.43
C LEU P 114 -23.75 -3.12 -23.38
N LYS P 115 -24.05 -2.06 -24.14
CA LYS P 115 -25.13 -2.12 -25.11
C LYS P 115 -24.82 -3.15 -26.21
N TYR P 116 -23.57 -3.19 -26.65
CA TYR P 116 -23.19 -4.18 -27.66
C TYR P 116 -23.35 -5.59 -27.13
N GLN P 117 -22.95 -5.83 -25.88
CA GLN P 117 -23.14 -7.16 -25.30
C GLN P 117 -24.62 -7.51 -25.19
N MET P 118 -25.45 -6.53 -24.82
CA MET P 118 -26.90 -6.78 -24.72
C MET P 118 -27.47 -7.14 -26.08
N GLY P 119 -27.08 -6.40 -27.12
CA GLY P 119 -27.53 -6.72 -28.46
C GLY P 119 -27.08 -8.11 -28.90
N LEU P 120 -25.83 -8.44 -28.62
CA LEU P 120 -25.31 -9.75 -28.99
C LEU P 120 -26.09 -10.86 -28.30
N THR P 121 -26.38 -10.69 -27.01
CA THR P 121 -27.03 -11.78 -26.28
C THR P 121 -28.50 -11.91 -26.68
N VAL P 122 -29.18 -10.79 -26.95
CA VAL P 122 -30.57 -10.90 -27.39
C VAL P 122 -30.63 -11.52 -28.78
N LEU P 123 -29.69 -11.16 -29.66
CA LEU P 123 -29.64 -11.79 -30.98
C LEU P 123 -29.37 -13.28 -30.86
N GLY P 124 -28.44 -13.67 -30.00
CA GLY P 124 -28.14 -15.08 -29.84
C GLY P 124 -29.31 -15.87 -29.28
N SER P 125 -30.01 -15.30 -28.30
CA SER P 125 -31.18 -15.97 -27.75
C SER P 125 -32.28 -16.11 -28.80
N GLN P 126 -32.52 -15.06 -29.58
CA GLN P 126 -33.53 -15.15 -30.63
C GLN P 126 -33.16 -16.20 -31.67
N LEU P 127 -31.88 -16.24 -32.06
CA LEU P 127 -31.45 -17.20 -33.06
C LEU P 127 -31.54 -18.63 -32.53
N LYS P 128 -31.18 -18.83 -31.27
CA LYS P 128 -31.32 -20.16 -30.67
C LYS P 128 -32.78 -20.58 -30.61
N GLY P 129 -33.67 -19.65 -30.27
CA GLY P 129 -35.08 -19.97 -30.27
C GLY P 129 -35.59 -20.34 -31.65
N MET P 130 -35.12 -19.63 -32.67
CA MET P 130 -35.49 -19.98 -34.04
C MET P 130 -34.96 -21.36 -34.42
N MET P 131 -33.72 -21.66 -34.06
CA MET P 131 -33.12 -22.94 -34.44
C MET P 131 -33.79 -24.10 -33.72
N ASN P 132 -34.24 -23.90 -32.49
CA ASN P 132 -34.86 -24.99 -31.74
C ASN P 132 -36.12 -25.51 -32.42
N VAL P 133 -36.78 -24.68 -33.22
CA VAL P 133 -37.99 -25.11 -33.90
C VAL P 133 -37.68 -26.22 -34.90
N LEU P 134 -36.53 -26.13 -35.56
CA LEU P 134 -36.13 -27.12 -36.56
C LEU P 134 -35.56 -28.37 -35.90
N GLN P 135 -36.36 -28.96 -35.02
CA GLN P 135 -36.02 -30.19 -34.33
C GLN P 135 -37.17 -31.17 -34.42
N GLY P 136 -36.85 -32.43 -34.66
CA GLY P 136 -37.86 -33.48 -34.76
C GLY P 136 -38.80 -33.28 -35.94
N ALA Q 2 -15.25 -3.78 -38.44
CA ALA Q 2 -14.78 -5.13 -38.21
C ALA Q 2 -14.26 -5.29 -36.78
N LEU Q 3 -14.09 -4.16 -36.11
CA LEU Q 3 -13.66 -4.10 -34.71
C LEU Q 3 -12.22 -4.56 -34.53
N LEU Q 4 -11.60 -5.04 -35.61
CA LEU Q 4 -10.22 -5.50 -35.53
C LEU Q 4 -9.22 -4.38 -35.67
N ASN Q 5 -9.57 -3.30 -36.38
CA ASN Q 5 -8.67 -2.18 -36.55
C ASN Q 5 -8.39 -1.45 -35.24
N ILE Q 6 -9.19 -1.69 -34.21
CA ILE Q 6 -8.91 -1.10 -32.90
C ILE Q 6 -7.57 -1.58 -32.38
N PHE Q 7 -7.20 -2.83 -32.70
CA PHE Q 7 -5.89 -3.33 -32.28
C PHE Q 7 -4.77 -2.51 -32.92
N ASP Q 8 -4.89 -2.22 -34.22
CA ASP Q 8 -3.89 -1.40 -34.88
C ASP Q 8 -3.84 0.00 -34.29
N ILE Q 9 -5.01 0.59 -34.06
CA ILE Q 9 -5.07 1.95 -33.53
C ILE Q 9 -4.42 2.01 -32.15
N ALA Q 10 -4.76 1.07 -31.28
CA ALA Q 10 -4.22 1.05 -29.93
C ALA Q 10 -2.73 0.73 -29.93
N GLY Q 11 -2.27 -0.14 -30.84
CA GLY Q 11 -0.86 -0.40 -30.95
C GLY Q 11 -0.07 0.84 -31.36
N SER Q 12 -0.60 1.59 -32.33
CA SER Q 12 0.03 2.84 -32.70
C SER Q 12 0.06 3.81 -31.53
N ALA Q 13 -1.04 3.90 -30.78
CA ALA Q 13 -1.08 4.78 -29.62
C ALA Q 13 -0.06 4.37 -28.58
N LEU Q 14 0.07 3.07 -28.32
CA LEU Q 14 1.05 2.60 -27.36
C LEU Q 14 2.46 2.90 -27.82
N ALA Q 15 2.74 2.73 -29.11
CA ALA Q 15 4.07 3.05 -29.61
C ALA Q 15 4.37 4.54 -29.44
N ALA Q 16 3.41 5.39 -29.77
CA ALA Q 16 3.62 6.83 -29.62
C ALA Q 16 3.85 7.22 -28.18
N GLN Q 17 3.05 6.67 -27.26
CA GLN Q 17 3.23 7.00 -25.84
C GLN Q 17 4.56 6.48 -25.32
N SER Q 18 4.97 5.29 -25.75
CA SER Q 18 6.26 4.76 -25.34
C SER Q 18 7.40 5.65 -25.82
N LYS Q 19 7.33 6.11 -27.08
CA LYS Q 19 8.38 6.98 -27.58
C LYS Q 19 8.41 8.31 -26.84
N ARG Q 20 7.23 8.88 -26.55
CA ARG Q 20 7.19 10.13 -25.79
C ARG Q 20 7.79 9.94 -24.40
N LEU Q 21 7.44 8.83 -23.73
CA LEU Q 21 8.00 8.57 -22.41
C LEU Q 21 9.51 8.40 -22.47
N ASN Q 22 10.01 7.71 -23.50
CA ASN Q 22 11.44 7.52 -23.64
C ASN Q 22 12.16 8.84 -23.84
N VAL Q 23 11.60 9.73 -24.67
CA VAL Q 23 12.21 11.03 -24.89
C VAL Q 23 12.23 11.84 -23.59
N ALA Q 24 11.12 11.84 -22.86
CA ALA Q 24 11.06 12.59 -21.61
C ALA Q 24 12.07 12.05 -20.60
N ALA Q 25 12.19 10.72 -20.51
CA ALA Q 25 13.15 10.13 -19.57
C ALA Q 25 14.58 10.47 -19.96
N SER Q 26 14.89 10.45 -21.27
CA SER Q 26 16.22 10.82 -21.70
C SER Q 26 16.52 12.27 -21.36
N ASN Q 27 15.54 13.16 -21.56
CA ASN Q 27 15.74 14.56 -21.20
C ASN Q 27 16.00 14.72 -19.70
N LEU Q 28 15.23 14.01 -18.88
CA LEU Q 28 15.46 14.08 -17.44
C LEU Q 28 16.84 13.57 -17.07
N ALA Q 29 17.27 12.47 -17.69
CA ALA Q 29 18.58 11.92 -17.38
C ALA Q 29 19.71 12.86 -17.77
N ASN Q 30 19.61 13.48 -18.95
CA ASN Q 30 20.66 14.34 -19.46
C ASN Q 30 20.38 15.81 -19.19
N ALA Q 31 19.53 16.12 -18.20
CA ALA Q 31 19.25 17.52 -17.86
C ALA Q 31 20.52 18.26 -17.47
N ASP Q 32 21.38 17.63 -16.67
CA ASP Q 32 22.61 18.25 -16.22
C ASP Q 32 23.79 17.96 -17.13
N SER Q 33 23.60 17.15 -18.17
CA SER Q 33 24.71 16.80 -19.05
C SER Q 33 25.14 17.99 -19.88
N VAL Q 34 26.43 18.00 -20.25
CA VAL Q 34 27.00 19.03 -21.11
C VAL Q 34 27.90 18.34 -22.13
N THR Q 35 28.45 19.15 -23.03
CA THR Q 35 29.50 18.76 -23.99
C THR Q 35 29.27 17.36 -24.55
N GLY Q 36 28.17 17.21 -25.27
CA GLY Q 36 27.87 15.98 -25.98
C GLY Q 36 28.97 15.62 -26.97
N PRO Q 37 28.83 14.47 -27.63
CA PRO Q 37 29.89 14.03 -28.54
C PRO Q 37 30.17 15.05 -29.63
N ASP Q 38 31.45 15.19 -29.96
CA ASP Q 38 31.99 16.17 -30.91
C ASP Q 38 31.84 17.60 -30.42
N GLY Q 39 31.52 17.81 -29.14
CA GLY Q 39 31.56 19.12 -28.54
C GLY Q 39 30.27 19.90 -28.54
N GLN Q 40 29.27 19.50 -29.32
CA GLN Q 40 28.02 20.22 -29.37
C GLN Q 40 27.22 19.95 -28.10
N PRO Q 41 26.79 21.00 -27.38
CA PRO Q 41 26.02 20.77 -26.15
C PRO Q 41 24.69 20.09 -26.44
N TYR Q 42 24.23 19.31 -25.46
CA TYR Q 42 22.97 18.60 -25.60
C TYR Q 42 21.81 19.59 -25.65
N ARG Q 43 20.82 19.26 -26.48
CA ARG Q 43 19.63 20.10 -26.65
C ARG Q 43 18.40 19.27 -26.35
N ALA Q 44 17.45 19.86 -25.61
CA ALA Q 44 16.24 19.16 -25.25
C ALA Q 44 15.43 18.80 -26.49
N LYS Q 45 14.90 17.59 -26.53
CA LYS Q 45 14.19 17.07 -27.68
C LYS Q 45 12.72 16.83 -27.31
N GLN Q 46 11.83 17.05 -28.27
CA GLN Q 46 10.41 16.79 -28.11
C GLN Q 46 9.93 16.01 -29.32
N VAL Q 47 8.78 15.36 -29.16
CA VAL Q 47 8.19 14.58 -30.23
C VAL Q 47 7.03 15.36 -30.83
N VAL Q 48 6.52 14.86 -31.96
CA VAL Q 48 5.35 15.45 -32.61
C VAL Q 48 4.38 14.32 -32.95
N PHE Q 49 3.12 14.49 -32.56
CA PHE Q 49 2.08 13.51 -32.80
C PHE Q 49 1.26 13.92 -34.03
N GLN Q 50 1.04 12.97 -34.93
CA GLN Q 50 0.22 13.17 -36.11
C GLN Q 50 -0.81 12.05 -36.20
N VAL Q 51 -1.87 12.29 -36.95
CA VAL Q 51 -2.92 11.30 -37.16
C VAL Q 51 -2.57 10.48 -38.40
N ASP Q 52 -2.58 9.16 -38.26
CA ASP Q 52 -2.20 8.28 -39.36
C ASP Q 52 -3.41 7.94 -40.23
N ALA Q 53 -4.01 8.99 -40.78
CA ALA Q 53 -5.21 8.83 -41.60
C ALA Q 53 -4.92 7.93 -42.79
N ALA Q 54 -5.79 6.95 -43.01
CA ALA Q 54 -5.64 6.00 -44.10
C ALA Q 54 -6.97 5.34 -44.41
N ALA Q 58 -9.87 9.70 -43.07
CA ALA Q 58 -10.91 9.94 -42.07
C ALA Q 58 -10.31 10.15 -40.69
N THR Q 59 -10.38 9.10 -39.85
CA THR Q 59 -9.82 9.14 -38.52
C THR Q 59 -9.03 7.87 -38.25
N GLY Q 60 -8.08 7.97 -37.34
CA GLY Q 60 -7.23 6.84 -37.04
C GLY Q 60 -6.37 7.10 -35.83
N GLY Q 61 -5.32 6.30 -35.70
CA GLY Q 61 -4.44 6.37 -34.55
C GLY Q 61 -3.42 7.48 -34.67
N VAL Q 62 -2.50 7.49 -33.72
CA VAL Q 62 -1.49 8.53 -33.61
C VAL Q 62 -0.12 7.91 -33.87
N LYS Q 63 0.65 8.56 -34.74
CA LYS Q 63 2.04 8.19 -34.99
C LYS Q 63 2.93 9.38 -34.68
N VAL Q 64 4.23 9.14 -34.65
CA VAL Q 64 5.21 10.18 -34.35
C VAL Q 64 5.92 10.55 -35.64
N ALA Q 65 5.76 11.80 -36.07
CA ALA Q 65 6.34 12.23 -37.33
C ALA Q 65 7.86 12.25 -37.26
N SER Q 66 8.42 12.88 -36.24
CA SER Q 66 9.87 12.99 -36.06
C SER Q 66 10.14 13.48 -34.64
N VAL Q 67 11.39 13.82 -34.37
CA VAL Q 67 11.78 14.44 -33.11
C VAL Q 67 12.46 15.76 -33.43
N ILE Q 68 12.08 16.81 -32.70
CA ILE Q 68 12.54 18.16 -32.97
C ILE Q 68 13.15 18.75 -31.71
N GLU Q 69 14.26 19.48 -31.88
CA GLU Q 69 14.87 20.18 -30.76
C GLU Q 69 14.01 21.36 -30.36
N SER Q 70 13.80 21.51 -29.05
CA SER Q 70 13.06 22.66 -28.55
C SER Q 70 13.84 23.94 -28.78
N GLN Q 71 13.13 25.02 -29.10
CA GLN Q 71 13.75 26.31 -29.39
C GLN Q 71 13.70 27.25 -28.19
N ALA Q 72 13.58 26.71 -26.98
CA ALA Q 72 13.67 27.54 -25.79
C ALA Q 72 15.09 28.07 -25.64
N PRO Q 73 15.27 29.22 -24.98
CA PRO Q 73 16.62 29.76 -24.82
C PRO Q 73 17.53 28.80 -24.07
N GLU Q 74 18.79 28.75 -24.48
CA GLU Q 74 19.75 27.80 -23.94
C GLU Q 74 20.49 28.45 -22.78
N LYS Q 75 20.56 27.74 -21.66
CA LYS Q 75 21.09 28.33 -20.44
C LYS Q 75 22.59 28.49 -20.52
N LEU Q 76 23.13 29.43 -19.73
CA LEU Q 76 24.55 29.66 -19.66
C LEU Q 76 25.00 29.73 -18.21
N VAL Q 77 26.19 29.18 -17.94
CA VAL Q 77 26.78 29.23 -16.60
C VAL Q 77 28.16 29.85 -16.72
N TYR Q 78 28.46 30.82 -15.86
CA TYR Q 78 29.73 31.52 -15.92
C TYR Q 78 30.79 30.72 -15.19
N GLU Q 79 31.64 30.03 -15.95
CA GLU Q 79 32.73 29.23 -15.37
C GLU Q 79 33.93 29.29 -16.30
N PRO Q 80 34.75 30.34 -16.19
CA PRO Q 80 35.98 30.40 -16.98
C PRO Q 80 36.92 29.25 -16.70
N GLY Q 81 36.89 28.70 -15.48
CA GLY Q 81 37.75 27.58 -15.14
C GLY Q 81 37.27 26.27 -15.72
N ASN Q 82 37.12 26.22 -17.04
CA ASN Q 82 36.65 25.04 -17.74
C ASN Q 82 37.05 25.14 -19.21
N PRO Q 83 37.59 24.07 -19.79
CA PRO Q 83 38.03 24.15 -21.20
C PRO Q 83 36.90 24.43 -22.19
N LEU Q 84 35.65 24.15 -21.83
CA LEU Q 84 34.52 24.40 -22.70
C LEU Q 84 34.05 25.85 -22.67
N ALA Q 85 34.61 26.67 -21.79
CA ALA Q 85 34.19 28.06 -21.69
C ALA Q 85 34.42 28.79 -23.00
N ASP Q 86 33.43 29.59 -23.39
CA ASP Q 86 33.51 30.36 -24.64
C ASP Q 86 34.37 31.60 -24.42
N ALA Q 87 34.30 32.54 -25.37
CA ALA Q 87 35.10 33.75 -25.26
C ALA Q 87 34.75 34.55 -24.01
N ASN Q 88 33.51 34.43 -23.52
CA ASN Q 88 33.09 35.13 -22.32
C ASN Q 88 33.09 34.24 -21.08
N GLY Q 89 33.68 33.04 -21.18
CA GLY Q 89 33.68 32.14 -20.06
C GLY Q 89 32.34 31.56 -19.69
N TYR Q 90 31.50 31.26 -20.68
CA TYR Q 90 30.18 30.70 -20.46
C TYR Q 90 30.14 29.28 -20.99
N VAL Q 91 29.70 28.35 -20.14
CA VAL Q 91 29.44 26.98 -20.53
C VAL Q 91 27.95 26.83 -20.79
N LYS Q 92 27.61 26.19 -21.91
CA LYS Q 92 26.22 26.08 -22.33
C LYS Q 92 25.55 24.91 -21.64
N MET Q 93 24.36 25.16 -21.10
CA MET Q 93 23.59 24.17 -20.37
C MET Q 93 22.24 23.98 -21.06
N PRO Q 94 21.78 22.75 -21.22
CA PRO Q 94 20.54 22.52 -21.97
C PRO Q 94 19.33 23.10 -21.27
N ASN Q 95 18.32 23.44 -22.08
CA ASN Q 95 17.09 24.04 -21.59
C ASN Q 95 16.07 22.93 -21.32
N VAL Q 96 16.17 22.35 -20.12
CA VAL Q 96 15.29 21.27 -19.70
C VAL Q 96 14.51 21.72 -18.49
N ASP Q 97 13.19 21.57 -18.55
CA ASP Q 97 12.30 21.91 -17.45
C ASP Q 97 11.86 20.62 -16.76
N VAL Q 98 12.33 20.44 -15.52
CA VAL Q 98 12.10 19.19 -14.82
C VAL Q 98 10.62 18.97 -14.56
N VAL Q 99 9.89 20.03 -14.20
CA VAL Q 99 8.46 19.90 -13.95
C VAL Q 99 7.74 19.49 -15.22
N GLY Q 100 8.08 20.11 -16.34
CA GLY Q 100 7.47 19.74 -17.60
C GLY Q 100 7.75 18.29 -17.97
N GLU Q 101 8.99 17.85 -17.77
CA GLU Q 101 9.31 16.46 -18.09
C GLU Q 101 8.57 15.49 -17.19
N MET Q 102 8.45 15.79 -15.90
CA MET Q 102 7.73 14.90 -15.00
C MET Q 102 6.25 14.84 -15.35
N VAL Q 103 5.65 15.98 -15.68
CA VAL Q 103 4.25 16.00 -16.08
C VAL Q 103 4.05 15.19 -17.37
N ASN Q 104 4.98 15.33 -18.32
CA ASN Q 104 4.92 14.52 -19.52
C ASN Q 104 4.99 13.03 -19.19
N THR Q 105 5.88 12.65 -18.28
CA THR Q 105 6.00 11.26 -17.89
C THR Q 105 4.69 10.73 -17.31
N MET Q 106 4.10 11.48 -16.39
CA MET Q 106 2.86 11.04 -15.75
C MET Q 106 1.73 10.92 -16.77
N SER Q 107 1.59 11.92 -17.64
CA SER Q 107 0.53 11.88 -18.64
C SER Q 107 0.72 10.71 -19.60
N ALA Q 108 1.96 10.45 -20.00
CA ALA Q 108 2.22 9.32 -20.88
C ALA Q 108 1.87 8.00 -20.21
N SER Q 109 2.21 7.87 -18.93
CA SER Q 109 1.87 6.64 -18.21
C SER Q 109 0.36 6.44 -18.15
N ARG Q 110 -0.37 7.50 -17.83
CA ARG Q 110 -1.82 7.39 -17.76
C ARG Q 110 -2.43 7.02 -19.10
N SER Q 111 -1.97 7.66 -20.17
CA SER Q 111 -2.51 7.36 -21.49
C SER Q 111 -2.19 5.92 -21.91
N TYR Q 112 -0.97 5.46 -21.59
CA TYR Q 112 -0.60 4.09 -21.91
C TYR Q 112 -1.52 3.10 -21.19
N GLN Q 113 -1.78 3.34 -19.91
CA GLN Q 113 -2.65 2.45 -19.17
C GLN Q 113 -4.07 2.48 -19.73
N ALA Q 114 -4.56 3.66 -20.09
CA ALA Q 114 -5.90 3.75 -20.66
C ALA Q 114 -5.99 2.96 -21.97
N ASN Q 115 -4.97 3.08 -22.82
CA ASN Q 115 -5.00 2.37 -24.09
C ASN Q 115 -4.92 0.86 -23.91
N ILE Q 116 -4.11 0.39 -22.96
CA ILE Q 116 -4.08 -1.06 -22.76
C ILE Q 116 -5.41 -1.55 -22.21
N GLU Q 117 -6.08 -0.75 -21.38
CA GLU Q 117 -7.42 -1.13 -20.93
C GLU Q 117 -8.40 -1.20 -22.09
N VAL Q 118 -8.30 -0.25 -23.03
CA VAL Q 118 -9.13 -0.29 -24.22
C VAL Q 118 -8.87 -1.58 -24.99
N LEU Q 119 -7.61 -1.96 -25.13
CA LEU Q 119 -7.26 -3.18 -25.84
C LEU Q 119 -7.89 -4.40 -25.16
N ASN Q 120 -7.81 -4.47 -23.84
CA ASN Q 120 -8.40 -5.61 -23.13
C ASN Q 120 -9.91 -5.65 -23.32
N THR Q 121 -10.57 -4.49 -23.26
CA THR Q 121 -12.02 -4.46 -23.44
C THR Q 121 -12.40 -4.95 -24.84
N VAL Q 122 -11.67 -4.50 -25.86
CA VAL Q 122 -11.98 -4.92 -27.23
C VAL Q 122 -11.72 -6.41 -27.39
N LYS Q 123 -10.66 -6.92 -26.76
CA LYS Q 123 -10.39 -8.35 -26.81
C LYS Q 123 -11.53 -9.15 -26.20
N SER Q 124 -12.05 -8.69 -25.05
CA SER Q 124 -13.17 -9.39 -24.42
C SER Q 124 -14.41 -9.36 -25.31
N MET Q 125 -14.70 -8.20 -25.91
CA MET Q 125 -15.87 -8.10 -26.78
C MET Q 125 -15.73 -9.02 -27.99
N MET Q 126 -14.55 -9.08 -28.59
CA MET Q 126 -14.36 -9.93 -29.75
C MET Q 126 -14.44 -11.42 -29.38
N LEU Q 127 -13.94 -11.80 -28.20
CA LEU Q 127 -14.12 -13.18 -27.75
C LEU Q 127 -15.59 -13.50 -27.55
N LYS Q 128 -16.35 -12.54 -27.01
CA LYS Q 128 -17.79 -12.73 -26.87
C LYS Q 128 -18.45 -12.93 -28.22
N THR Q 129 -18.04 -12.14 -29.21
CA THR Q 129 -18.58 -12.31 -30.57
C THR Q 129 -18.23 -13.68 -31.12
N LEU Q 130 -17.02 -14.16 -30.85
CA LEU Q 130 -16.64 -15.51 -31.27
C LEU Q 130 -17.55 -16.55 -30.64
N THR Q 131 -17.81 -16.43 -29.34
CA THR Q 131 -18.66 -17.38 -28.64
C THR Q 131 -20.13 -17.00 -28.69
N LEU Q 132 -20.53 -16.16 -29.65
CA LEU Q 132 -21.94 -15.85 -29.82
C LEU Q 132 -22.80 -17.09 -29.97
N GLY Q 133 -22.37 -18.04 -30.79
CA GLY Q 133 -23.13 -19.25 -31.04
C GLY Q 133 -23.31 -20.13 -29.81
N GLY R 1 -38.59 11.21 13.23
CA GLY R 1 -38.41 10.28 14.33
C GLY R 1 -36.97 9.90 14.56
N VAL R 2 -36.71 8.59 14.64
CA VAL R 2 -35.33 8.13 14.82
C VAL R 2 -34.52 8.48 13.59
N PRO R 3 -33.30 9.00 13.71
CA PRO R 3 -32.53 9.33 12.52
C PRO R 3 -32.30 8.12 11.63
N GLY R 4 -32.35 8.35 10.32
CA GLY R 4 -32.24 7.29 9.35
C GLY R 4 -33.55 6.65 8.94
N ALA R 5 -34.64 7.00 9.60
CA ALA R 5 -35.96 6.46 9.25
C ALA R 5 -36.56 7.30 8.13
N LEU R 6 -37.81 7.02 7.77
CA LEU R 6 -38.49 7.70 6.69
C LEU R 6 -39.71 8.44 7.23
N SER R 7 -39.82 9.72 6.89
CA SER R 7 -40.96 10.53 7.27
C SER R 7 -41.45 11.30 6.05
N ASN R 8 -42.76 11.58 6.02
CA ASN R 8 -43.34 12.23 4.87
C ASN R 8 -42.98 13.71 4.81
N GLN R 9 -42.97 14.40 5.95
CA GLN R 9 -42.71 15.82 5.95
C GLN R 9 -41.24 16.11 5.63
N PRO R 10 -40.96 17.24 4.97
CA PRO R 10 -39.56 17.61 4.71
C PRO R 10 -38.87 18.17 5.93
N ALA R 11 -37.64 18.66 5.77
CA ALA R 11 -36.84 19.15 6.87
C ALA R 11 -36.79 20.67 6.84
N PRO R 12 -36.99 21.35 7.97
CA PRO R 12 -36.88 22.81 7.97
C PRO R 12 -35.44 23.23 7.73
N PRO R 13 -35.24 24.41 7.17
CA PRO R 13 -33.88 24.87 6.88
C PRO R 13 -33.07 25.09 8.16
N ASN R 14 -31.76 24.91 8.03
CA ASN R 14 -30.83 25.09 9.14
C ASN R 14 -30.25 26.51 9.09
N GLU R 15 -30.42 27.25 10.18
CA GLU R 15 -29.90 28.60 10.29
C GLU R 15 -28.97 28.68 11.49
N ALA R 16 -27.81 29.31 11.30
CA ALA R 16 -26.80 29.44 12.34
C ALA R 16 -26.40 30.91 12.45
N PRO R 17 -27.24 31.73 13.08
CA PRO R 17 -26.94 33.16 13.17
C PRO R 17 -25.73 33.43 14.05
N ILE R 18 -24.99 34.47 13.69
CA ILE R 18 -23.82 34.87 14.46
C ILE R 18 -24.24 35.45 15.81
N ALA R 19 -25.22 36.35 15.79
CA ALA R 19 -25.69 37.01 17.00
C ALA R 19 -27.22 37.00 17.03
N THR R 20 -27.77 36.79 18.21
CA THR R 20 -29.22 36.73 18.36
C THR R 20 -29.82 38.12 18.23
N PRO R 21 -30.80 38.34 17.35
CA PRO R 21 -31.45 39.64 17.19
C PRO R 21 -32.33 40.02 18.37
N ALA S 2 -30.03 -13.10 12.22
CA ALA S 2 -29.80 -13.34 10.80
C ALA S 2 -28.62 -12.51 10.29
N LEU S 3 -28.02 -12.95 9.18
CA LEU S 3 -26.86 -12.26 8.64
C LEU S 3 -27.24 -10.95 7.95
N LEU S 4 -28.50 -10.78 7.57
CA LEU S 4 -28.92 -9.49 7.03
C LEU S 4 -29.00 -8.42 8.12
N ASN S 5 -29.00 -8.83 9.38
CA ASN S 5 -28.91 -7.87 10.48
C ASN S 5 -27.52 -7.28 10.60
N ILE S 6 -26.52 -7.93 10.01
CA ILE S 6 -25.15 -7.42 10.10
C ILE S 6 -25.05 -6.06 9.42
N PHE S 7 -25.77 -5.87 8.33
CA PHE S 7 -25.71 -4.59 7.62
C PHE S 7 -26.24 -3.45 8.50
N ASP S 8 -27.37 -3.65 9.17
CA ASP S 8 -27.89 -2.59 10.02
C ASP S 8 -27.02 -2.40 11.25
N ILE S 9 -26.46 -3.49 11.80
CA ILE S 9 -25.58 -3.36 12.95
C ILE S 9 -24.34 -2.54 12.59
N ALA S 10 -23.72 -2.86 11.45
CA ALA S 10 -22.53 -2.13 11.02
C ALA S 10 -22.88 -0.69 10.66
N GLY S 11 -24.04 -0.47 10.06
CA GLY S 11 -24.46 0.89 9.77
C GLY S 11 -24.64 1.71 11.03
N SER S 12 -25.24 1.11 12.07
CA SER S 12 -25.38 1.80 13.34
C SER S 12 -24.01 2.10 13.95
N ALA S 13 -23.08 1.14 13.86
CA ALA S 13 -21.73 1.39 14.37
C ALA S 13 -21.07 2.53 13.63
N LEU S 14 -21.18 2.56 12.30
CA LEU S 14 -20.58 3.64 11.52
C LEU S 14 -21.20 4.98 11.87
N ALA S 15 -22.52 5.03 12.00
CA ALA S 15 -23.17 6.29 12.36
C ALA S 15 -22.73 6.77 13.73
N ALA S 16 -22.66 5.86 14.71
CA ALA S 16 -22.24 6.25 16.04
C ALA S 16 -20.81 6.75 16.04
N GLN S 17 -19.91 6.06 15.34
CA GLN S 17 -18.52 6.51 15.30
C GLN S 17 -18.39 7.85 14.59
N SER S 18 -19.16 8.06 13.53
CA SER S 18 -19.12 9.34 12.83
C SER S 18 -19.60 10.47 13.73
N LYS S 19 -20.68 10.24 14.48
CA LYS S 19 -21.17 11.27 15.39
C LYS S 19 -20.14 11.57 16.49
N ARG S 20 -19.51 10.52 17.03
CA ARG S 20 -18.49 10.72 18.05
C ARG S 20 -17.30 11.51 17.51
N LEU S 21 -16.85 11.17 16.31
CA LEU S 21 -15.75 11.89 15.70
C LEU S 21 -16.11 13.34 15.43
N ASN S 22 -17.34 13.61 14.97
CA ASN S 22 -17.76 14.97 14.74
C ASN S 22 -17.80 15.77 16.03
N VAL S 23 -18.27 15.16 17.12
CA VAL S 23 -18.29 15.84 18.41
C VAL S 23 -16.89 16.18 18.85
N ALA S 24 -15.96 15.23 18.72
CA ALA S 24 -14.59 15.50 19.11
C ALA S 24 -13.97 16.62 18.26
N ALA S 25 -14.26 16.61 16.95
CA ALA S 25 -13.71 17.64 16.07
C ALA S 25 -14.27 19.02 16.42
N SER S 26 -15.57 19.10 16.73
CA SER S 26 -16.15 20.37 17.13
C SER S 26 -15.55 20.87 18.44
N ASN S 27 -15.33 19.96 19.40
CA ASN S 27 -14.67 20.35 20.63
C ASN S 27 -13.28 20.89 20.38
N LEU S 28 -12.51 20.23 19.51
CA LEU S 28 -11.18 20.72 19.19
C LEU S 28 -11.25 22.09 18.52
N ALA S 29 -12.20 22.29 17.61
CA ALA S 29 -12.31 23.57 16.92
C ALA S 29 -12.68 24.69 17.87
N ASN S 30 -13.57 24.43 18.82
CA ASN S 30 -14.03 25.45 19.75
C ASN S 30 -13.34 25.37 21.11
N ALA S 31 -12.16 24.77 21.17
CA ALA S 31 -11.44 24.68 22.44
C ALA S 31 -11.19 26.04 23.05
N ASP S 32 -11.03 27.08 22.23
CA ASP S 32 -10.67 28.41 22.73
C ASP S 32 -11.62 29.47 22.20
N SER S 33 -12.91 29.19 22.19
CA SER S 33 -13.92 30.13 21.69
C SER S 33 -14.76 30.58 22.88
N VAL S 34 -14.37 31.69 23.50
CA VAL S 34 -15.07 32.19 24.69
C VAL S 34 -16.10 33.20 24.21
N THR S 35 -17.24 32.68 23.74
CA THR S 35 -18.48 33.43 23.55
C THR S 35 -19.51 32.47 22.97
N GLY S 36 -20.73 32.97 22.84
CA GLY S 36 -21.78 32.25 22.16
C GLY S 36 -22.69 33.23 21.45
N PRO S 37 -23.59 32.72 20.59
CA PRO S 37 -24.57 33.61 19.95
C PRO S 37 -25.48 34.29 20.94
N ASP S 38 -25.66 33.73 22.13
CA ASP S 38 -26.49 34.34 23.17
C ASP S 38 -25.67 34.83 24.35
N GLY S 39 -24.34 34.77 24.28
CA GLY S 39 -23.49 35.16 25.37
C GLY S 39 -23.13 34.03 26.32
N GLN S 40 -23.71 32.86 26.16
CA GLN S 40 -23.37 31.73 27.01
C GLN S 40 -22.02 31.15 26.58
N PRO S 41 -21.07 31.00 27.49
CA PRO S 41 -19.77 30.42 27.12
C PRO S 41 -19.93 29.00 26.59
N TYR S 42 -19.09 28.65 25.63
CA TYR S 42 -19.16 27.32 25.04
C TYR S 42 -18.80 26.27 26.08
N ARG S 43 -19.53 25.15 26.04
CA ARG S 43 -19.33 24.07 27.00
C ARG S 43 -19.12 22.77 26.23
N ALA S 44 -18.16 21.97 26.68
CA ALA S 44 -17.83 20.73 26.00
C ALA S 44 -19.01 19.76 26.05
N LYS S 45 -19.17 19.00 24.98
CA LYS S 45 -20.27 18.07 24.85
C LYS S 45 -19.76 16.72 24.39
N GLN S 46 -20.50 15.66 24.72
CA GLN S 46 -20.17 14.31 24.33
C GLN S 46 -21.44 13.52 24.07
N VAL S 47 -21.32 12.49 23.24
CA VAL S 47 -22.47 11.65 22.90
C VAL S 47 -22.64 10.57 23.97
N VAL S 48 -23.81 9.95 23.97
CA VAL S 48 -24.12 8.84 24.87
C VAL S 48 -24.50 7.63 24.02
N PHE S 49 -23.75 6.53 24.20
CA PHE S 49 -24.04 5.32 23.46
C PHE S 49 -25.12 4.49 24.15
N GLN S 50 -25.79 3.65 23.36
CA GLN S 50 -26.84 2.77 23.87
C GLN S 50 -26.89 1.54 22.99
N VAL S 51 -27.50 0.48 23.51
CA VAL S 51 -27.73 -0.73 22.75
C VAL S 51 -29.19 -0.82 22.37
N ASP S 52 -29.48 -1.53 21.29
CA ASP S 52 -30.86 -1.68 20.81
C ASP S 52 -31.12 -3.13 20.46
N ALA S 53 -32.39 -3.50 20.54
CA ALA S 53 -32.80 -4.87 20.25
C ALA S 53 -33.99 -4.91 19.29
N GLN S 57 -32.33 -9.67 20.77
CA GLN S 57 -32.45 -9.23 22.15
C GLN S 57 -31.13 -9.35 22.91
N ALA S 58 -30.80 -8.31 23.68
CA ALA S 58 -29.63 -8.21 24.55
C ALA S 58 -28.32 -8.12 23.78
N THR S 59 -28.35 -8.21 22.45
CA THR S 59 -27.14 -8.10 21.64
C THR S 59 -27.52 -7.42 20.33
N GLY S 60 -27.01 -6.21 20.12
CA GLY S 60 -27.32 -5.47 18.92
C GLY S 60 -26.32 -4.37 18.68
N GLY S 61 -26.65 -3.50 17.73
CA GLY S 61 -25.78 -2.40 17.40
C GLY S 61 -25.78 -1.32 18.46
N VAL S 62 -24.98 -0.29 18.20
CA VAL S 62 -24.85 0.83 19.12
C VAL S 62 -25.72 1.97 18.64
N LYS S 63 -26.46 2.58 19.56
CA LYS S 63 -27.34 3.69 19.26
C LYS S 63 -26.95 4.89 20.09
N VAL S 64 -26.81 6.05 19.45
CA VAL S 64 -26.45 7.28 20.16
C VAL S 64 -27.73 7.84 20.76
N ALA S 65 -27.85 7.77 22.09
CA ALA S 65 -29.06 8.23 22.75
C ALA S 65 -29.24 9.73 22.57
N SER S 66 -28.22 10.51 22.88
CA SER S 66 -28.29 11.97 22.80
C SER S 66 -26.88 12.53 22.93
N VAL S 67 -26.81 13.85 22.97
CA VAL S 67 -25.56 14.58 23.18
C VAL S 67 -25.75 15.47 24.39
N ILE S 68 -24.86 15.34 25.36
CA ILE S 68 -24.98 16.04 26.64
C ILE S 68 -23.71 16.82 26.90
N GLU S 69 -23.87 18.01 27.46
CA GLU S 69 -22.73 18.81 27.88
C GLU S 69 -22.17 18.27 29.19
N SER S 70 -20.86 18.35 29.34
CA SER S 70 -20.19 17.86 30.53
C SER S 70 -20.53 18.73 31.73
N GLN S 71 -20.49 18.13 32.92
CA GLN S 71 -20.72 18.83 34.17
C GLN S 71 -19.43 19.17 34.90
N ALA S 72 -18.29 18.96 34.27
CA ALA S 72 -17.03 19.33 34.88
C ALA S 72 -16.94 20.84 35.05
N PRO S 73 -16.30 21.32 36.11
CA PRO S 73 -16.16 22.77 36.29
C PRO S 73 -15.39 23.40 35.13
N GLU S 74 -15.82 24.60 34.76
CA GLU S 74 -15.25 25.29 33.61
C GLU S 74 -14.17 26.27 34.07
N LYS S 75 -13.08 26.31 33.31
CA LYS S 75 -12.01 27.25 33.62
C LYS S 75 -12.51 28.68 33.49
N LEU S 76 -11.98 29.56 34.34
CA LEU S 76 -12.38 30.97 34.31
C LEU S 76 -11.14 31.82 34.57
N VAL S 77 -11.00 32.89 33.79
CA VAL S 77 -9.82 33.73 33.84
C VAL S 77 -10.22 35.16 34.20
N TYR S 78 -9.27 35.90 34.73
CA TYR S 78 -9.49 37.24 35.27
C TYR S 78 -9.26 38.26 34.14
N GLU S 79 -10.34 38.77 33.57
CA GLU S 79 -10.26 39.77 32.51
C GLU S 79 -11.42 40.74 32.66
N PRO S 80 -11.25 41.78 33.48
CA PRO S 80 -12.34 42.76 33.64
C PRO S 80 -12.67 43.52 32.37
N GLY S 81 -11.76 43.54 31.38
CA GLY S 81 -12.02 44.30 30.18
C GLY S 81 -13.20 43.78 29.37
N ASN S 82 -13.28 42.46 29.22
CA ASN S 82 -14.33 41.87 28.40
C ASN S 82 -15.69 42.10 29.04
N PRO S 83 -16.71 42.51 28.28
CA PRO S 83 -18.04 42.72 28.87
C PRO S 83 -18.67 41.47 29.42
N LEU S 84 -18.23 40.28 28.98
CA LEU S 84 -18.80 39.04 29.50
C LEU S 84 -18.36 38.75 30.93
N ALA S 85 -17.40 39.48 31.46
CA ALA S 85 -16.95 39.25 32.83
C ALA S 85 -18.06 39.56 33.81
N ASP S 86 -18.14 38.77 34.88
CA ASP S 86 -19.13 38.97 35.92
C ASP S 86 -18.62 40.04 36.90
N ALA S 87 -19.27 40.13 38.07
CA ALA S 87 -18.93 41.16 39.03
C ALA S 87 -17.47 41.10 39.46
N ASN S 88 -16.92 39.90 39.58
CA ASN S 88 -15.53 39.74 39.99
C ASN S 88 -14.55 39.80 38.83
N GLY S 89 -15.03 39.96 37.60
CA GLY S 89 -14.16 40.01 36.45
C GLY S 89 -13.74 38.66 35.91
N TYR S 90 -14.32 37.58 36.40
CA TYR S 90 -13.97 36.24 35.94
C TYR S 90 -14.85 35.86 34.76
N VAL S 91 -14.22 35.64 33.61
CA VAL S 91 -14.90 35.23 32.39
C VAL S 91 -14.65 33.74 32.19
N LYS S 92 -15.72 33.01 31.87
CA LYS S 92 -15.69 31.56 31.82
C LYS S 92 -15.40 31.09 30.39
N MET S 93 -14.54 30.09 30.27
CA MET S 93 -14.12 29.52 29.01
C MET S 93 -14.31 28.02 29.02
N PRO S 94 -14.40 27.38 27.84
CA PRO S 94 -14.66 25.94 27.81
C PRO S 94 -13.52 25.15 28.42
N ASN S 95 -13.88 24.00 28.99
CA ASN S 95 -12.92 23.07 29.59
C ASN S 95 -12.87 21.82 28.71
N VAL S 96 -11.89 21.77 27.82
CA VAL S 96 -11.72 20.66 26.90
C VAL S 96 -10.32 20.10 27.08
N ASP S 97 -10.22 18.80 27.25
CA ASP S 97 -8.93 18.12 27.36
C ASP S 97 -8.47 17.76 25.95
N VAL S 98 -7.46 18.47 25.46
CA VAL S 98 -7.01 18.29 24.08
C VAL S 98 -6.47 16.88 23.88
N VAL S 99 -5.78 16.34 24.88
CA VAL S 99 -5.28 14.97 24.78
C VAL S 99 -6.44 13.99 24.67
N GLY S 100 -7.48 14.19 25.47
CA GLY S 100 -8.66 13.36 25.40
C GLY S 100 -9.31 13.42 24.04
N GLU S 101 -9.38 14.62 23.46
CA GLU S 101 -9.95 14.76 22.12
C GLU S 101 -9.11 14.05 21.06
N MET S 102 -7.78 14.17 21.12
CA MET S 102 -6.95 13.48 20.14
C MET S 102 -7.12 11.97 20.23
N VAL S 103 -7.13 11.46 21.47
CA VAL S 103 -7.28 10.01 21.64
C VAL S 103 -8.67 9.57 21.20
N ASN S 104 -9.70 10.38 21.46
CA ASN S 104 -11.04 10.05 20.99
C ASN S 104 -11.07 9.99 19.46
N THR S 105 -10.41 10.93 18.80
CA THR S 105 -10.36 10.91 17.34
C THR S 105 -9.69 9.63 16.84
N MET S 106 -8.56 9.26 17.44
CA MET S 106 -7.85 8.06 16.98
C MET S 106 -8.69 6.80 17.20
N SER S 107 -9.29 6.67 18.39
CA SER S 107 -10.10 5.48 18.68
C SER S 107 -11.32 5.42 17.78
N ALA S 108 -11.97 6.56 17.53
CA ALA S 108 -13.13 6.57 16.66
C ALA S 108 -12.73 6.15 15.24
N SER S 109 -11.60 6.65 14.75
CA SER S 109 -11.15 6.26 13.43
C SER S 109 -10.87 4.76 13.35
N ARG S 110 -10.22 4.21 14.38
CA ARG S 110 -9.92 2.78 14.36
C ARG S 110 -11.19 1.94 14.39
N SER S 111 -12.16 2.32 15.23
CA SER S 111 -13.42 1.58 15.27
C SER S 111 -14.17 1.69 13.96
N TYR S 112 -14.13 2.88 13.33
CA TYR S 112 -14.76 3.08 12.03
C TYR S 112 -14.17 2.12 11.01
N GLN S 113 -12.84 2.03 10.95
CA GLN S 113 -12.20 1.13 10.01
C GLN S 113 -12.56 -0.32 10.30
N ALA S 114 -12.57 -0.70 11.59
CA ALA S 114 -12.88 -2.08 11.94
C ALA S 114 -14.30 -2.46 11.51
N ASN S 115 -15.27 -1.58 11.76
CA ASN S 115 -16.64 -1.89 11.36
C ASN S 115 -16.79 -1.93 9.85
N ILE S 116 -16.09 -1.02 9.14
CA ILE S 116 -16.14 -1.06 7.69
C ILE S 116 -15.62 -2.40 7.17
N GLU S 117 -14.49 -2.85 7.72
CA GLU S 117 -13.93 -4.12 7.28
C GLU S 117 -14.85 -5.29 7.60
N VAL S 118 -15.47 -5.27 8.78
CA VAL S 118 -16.39 -6.35 9.15
C VAL S 118 -17.55 -6.40 8.17
N LEU S 119 -18.11 -5.23 7.83
CA LEU S 119 -19.19 -5.18 6.87
C LEU S 119 -18.73 -5.72 5.51
N ASN S 120 -17.52 -5.36 5.09
CA ASN S 120 -17.01 -5.84 3.81
C ASN S 120 -16.90 -7.35 3.79
N THR S 121 -16.34 -7.93 4.86
CA THR S 121 -16.20 -9.38 4.93
C THR S 121 -17.54 -10.08 4.91
N VAL S 122 -18.51 -9.55 5.68
CA VAL S 122 -19.83 -10.17 5.71
C VAL S 122 -20.51 -10.08 4.35
N LYS S 123 -20.35 -8.94 3.67
CA LYS S 123 -20.92 -8.80 2.34
C LYS S 123 -20.31 -9.81 1.38
N SER S 124 -18.98 -9.99 1.43
CA SER S 124 -18.34 -10.96 0.55
C SER S 124 -18.84 -12.38 0.85
N MET S 125 -18.98 -12.72 2.14
CA MET S 125 -19.47 -14.05 2.48
C MET S 125 -20.90 -14.26 2.00
N MET S 126 -21.77 -13.26 2.14
CA MET S 126 -23.14 -13.39 1.66
C MET S 126 -23.16 -13.56 0.15
N LEU S 127 -22.36 -12.77 -0.57
CA LEU S 127 -22.32 -12.88 -2.02
C LEU S 127 -21.78 -14.23 -2.45
N LYS S 128 -20.86 -14.82 -1.68
CA LYS S 128 -20.33 -16.13 -2.04
C LYS S 128 -21.32 -17.24 -1.74
N THR S 129 -22.05 -17.15 -0.63
CA THR S 129 -23.05 -18.16 -0.32
C THR S 129 -24.32 -18.00 -1.13
N LEU S 130 -24.49 -16.86 -1.83
CA LEU S 130 -25.63 -16.70 -2.72
C LEU S 130 -25.61 -17.68 -3.88
N THR S 131 -24.46 -18.28 -4.18
CA THR S 131 -24.36 -19.22 -5.29
C THR S 131 -24.04 -20.63 -4.80
N LEU S 132 -24.70 -21.06 -3.72
CA LEU S 132 -24.51 -22.40 -3.18
C LEU S 132 -24.99 -23.44 -4.18
N GLY S 133 -24.06 -24.24 -4.69
CA GLY S 133 -24.40 -25.29 -5.64
C GLY S 133 -23.82 -25.05 -7.02
N LEU T 2 -38.59 -37.10 9.42
CA LEU T 2 -38.13 -36.32 8.29
C LEU T 2 -38.18 -37.14 7.00
N ASP T 3 -37.23 -36.86 6.11
CA ASP T 3 -37.16 -37.53 4.82
C ASP T 3 -35.72 -37.98 4.55
N ARG T 4 -35.60 -38.93 3.62
CA ARG T 4 -34.29 -39.48 3.27
C ARG T 4 -33.35 -38.42 2.72
N LEU T 5 -33.88 -37.38 2.07
CA LEU T 5 -33.02 -36.34 1.53
C LEU T 5 -32.55 -35.37 2.61
N ASP T 6 -33.47 -34.89 3.45
CA ASP T 6 -33.08 -33.96 4.49
C ASP T 6 -32.23 -34.64 5.56
N ALA T 7 -32.34 -35.97 5.67
CA ALA T 7 -31.55 -36.68 6.68
C ALA T 7 -30.05 -36.51 6.45
N ALA T 8 -29.62 -36.46 5.19
CA ALA T 8 -28.20 -36.33 4.92
C ALA T 8 -27.69 -34.92 5.20
N LEU T 9 -28.47 -33.91 4.83
CA LEU T 9 -28.00 -32.53 4.84
C LEU T 9 -28.44 -31.73 6.05
N ARG T 10 -29.18 -32.34 6.98
CA ARG T 10 -29.60 -31.59 8.16
C ARG T 10 -28.40 -31.13 8.98
N PHE T 11 -27.39 -31.99 9.12
CA PHE T 11 -26.22 -31.63 9.91
C PHE T 11 -25.52 -30.42 9.32
N GLN T 12 -25.29 -30.43 8.00
CA GLN T 12 -24.59 -29.32 7.37
C GLN T 12 -25.43 -28.04 7.41
N GLN T 13 -26.75 -28.16 7.22
CA GLN T 13 -27.59 -26.97 7.32
C GLN T 13 -27.53 -26.36 8.71
N GLU T 14 -27.60 -27.21 9.75
CA GLU T 14 -27.55 -26.69 11.11
C GLU T 14 -26.19 -26.08 11.42
N ALA T 15 -25.12 -26.69 10.91
CA ALA T 15 -23.79 -26.11 11.08
C ALA T 15 -23.72 -24.73 10.43
N LEU T 16 -24.26 -24.60 9.22
CA LEU T 16 -24.25 -23.29 8.55
C LEU T 16 -25.05 -22.26 9.33
N ASN T 17 -26.22 -22.64 9.83
CA ASN T 17 -27.04 -21.69 10.58
C ASN T 17 -26.35 -21.25 11.87
N LEU T 18 -25.74 -22.20 12.57
CA LEU T 18 -25.01 -21.84 13.79
C LEU T 18 -23.83 -20.95 13.47
N ARG T 19 -23.13 -21.21 12.35
CA ARG T 19 -22.04 -20.34 11.96
C ARG T 19 -22.53 -18.93 11.68
N ALA T 20 -23.67 -18.80 11.01
CA ALA T 20 -24.21 -17.48 10.74
C ALA T 20 -24.56 -16.74 12.03
N GLN T 21 -25.21 -17.43 12.97
CA GLN T 21 -25.57 -16.78 14.22
C GLN T 21 -24.33 -16.38 15.02
N ARG T 22 -23.32 -17.25 15.04
CA ARG T 22 -22.09 -16.94 15.77
C ARG T 22 -21.38 -15.75 15.14
N GLN T 23 -21.35 -15.69 13.82
CA GLN T 23 -20.74 -14.54 13.15
C GLN T 23 -21.53 -13.27 13.45
N GLU T 24 -22.86 -13.38 13.53
CA GLU T 24 -23.65 -12.21 13.88
C GLU T 24 -23.31 -11.71 15.27
N ILE T 25 -23.16 -12.62 16.24
CA ILE T 25 -22.81 -12.21 17.59
C ILE T 25 -21.42 -11.59 17.62
N LEU T 26 -20.48 -12.16 16.87
CA LEU T 26 -19.14 -11.58 16.80
C LEU T 26 -19.17 -10.17 16.21
N ALA T 27 -19.95 -9.97 15.14
CA ALA T 27 -20.07 -8.64 14.58
C ALA T 27 -20.71 -7.68 15.56
N ALA T 28 -21.68 -8.15 16.33
CA ALA T 28 -22.32 -7.30 17.33
C ALA T 28 -21.33 -6.84 18.38
N ASN T 29 -20.52 -7.76 18.90
CA ASN T 29 -19.56 -7.33 19.91
C ASN T 29 -18.35 -6.61 19.32
N ILE T 30 -18.15 -6.68 18.01
CA ILE T 30 -17.22 -5.77 17.36
C ILE T 30 -17.78 -4.36 17.31
N ALA T 31 -19.05 -4.24 16.91
CA ALA T 31 -19.67 -2.93 16.78
C ALA T 31 -19.81 -2.25 18.13
N ASN T 32 -20.00 -3.02 19.20
CA ASN T 32 -20.09 -2.45 20.54
C ASN T 32 -18.75 -2.46 21.27
N ALA T 33 -17.64 -2.27 20.55
CA ALA T 33 -16.33 -2.35 21.17
C ALA T 33 -16.05 -1.20 22.13
N ASP T 34 -16.71 -0.05 21.96
CA ASP T 34 -16.43 1.12 22.77
C ASP T 34 -17.53 1.46 23.77
N THR T 35 -18.66 0.78 23.74
CA THR T 35 -19.72 1.07 24.68
C THR T 35 -19.32 0.56 26.06
N PRO T 36 -19.18 1.43 27.06
CA PRO T 36 -18.74 0.96 28.37
C PRO T 36 -19.80 0.11 29.05
N GLY T 37 -19.35 -0.79 29.92
CA GLY T 37 -20.24 -1.69 30.60
C GLY T 37 -20.72 -2.85 29.76
N TYR T 38 -20.15 -3.05 28.58
CA TYR T 38 -20.57 -4.14 27.71
C TYR T 38 -19.77 -5.40 28.03
N GLN T 39 -20.43 -6.55 27.82
CA GLN T 39 -19.83 -7.86 28.07
C GLN T 39 -19.84 -8.65 26.77
N ALA T 40 -18.67 -9.18 26.41
CA ALA T 40 -18.57 -9.96 25.18
C ALA T 40 -19.34 -11.27 25.32
N ARG T 41 -20.08 -11.63 24.27
CA ARG T 41 -20.91 -12.82 24.27
C ARG T 41 -20.45 -13.76 23.16
N ASP T 42 -20.63 -15.05 23.38
CA ASP T 42 -20.24 -16.06 22.39
C ASP T 42 -21.07 -17.32 22.62
N ILE T 43 -21.01 -18.21 21.63
CA ILE T 43 -21.81 -19.44 21.62
C ILE T 43 -20.86 -20.62 21.73
N ASP T 44 -21.19 -21.56 22.61
CA ASP T 44 -20.46 -22.83 22.70
C ASP T 44 -20.86 -23.66 21.50
N PHE T 45 -20.07 -23.53 20.43
CA PHE T 45 -20.47 -24.04 19.12
C PHE T 45 -20.68 -25.55 19.15
N ALA T 46 -19.75 -26.29 19.72
CA ALA T 46 -19.84 -27.75 19.69
C ALA T 46 -21.05 -28.25 20.48
N SER T 47 -21.22 -27.75 21.70
CA SER T 47 -22.34 -28.20 22.52
C SER T 47 -23.67 -27.81 21.90
N GLU T 48 -23.76 -26.59 21.37
CA GLU T 48 -24.99 -26.16 20.72
C GLU T 48 -25.31 -26.99 19.49
N LEU T 49 -24.31 -27.30 18.67
CA LEU T 49 -24.55 -28.13 17.49
C LEU T 49 -25.02 -29.52 17.89
N LYS T 50 -24.38 -30.11 18.90
CA LYS T 50 -24.80 -31.45 19.34
C LYS T 50 -26.21 -31.43 19.90
N LYS T 51 -26.56 -30.38 20.65
CA LYS T 51 -27.91 -30.28 21.19
C LYS T 51 -28.93 -30.11 20.06
N VAL T 52 -28.62 -29.28 19.08
CA VAL T 52 -29.55 -29.04 17.97
C VAL T 52 -29.73 -30.30 17.15
N MET T 53 -28.67 -31.06 16.93
CA MET T 53 -28.78 -32.29 16.15
C MET T 53 -29.30 -33.43 17.03
N VAL T 54 -30.38 -33.17 17.77
CA VAL T 54 -31.07 -34.18 18.55
C VAL T 54 -32.55 -34.14 18.20
N ARG T 55 -33.15 -32.96 18.33
CA ARG T 55 -34.55 -32.78 18.00
C ARG T 55 -34.79 -32.91 16.50
N ALA T 82 -34.11 -19.37 22.77
CA ALA T 82 -33.35 -19.90 21.65
C ALA T 82 -31.99 -20.41 22.10
N VAL T 83 -30.95 -20.02 21.37
CA VAL T 83 -29.60 -20.42 21.72
C VAL T 83 -29.10 -19.57 22.87
N ASP T 84 -28.62 -20.23 23.93
CA ASP T 84 -28.15 -19.51 25.10
C ASP T 84 -26.84 -18.79 24.80
N LEU T 85 -26.55 -17.77 25.61
CA LEU T 85 -25.35 -16.96 25.46
C LEU T 85 -24.41 -17.19 26.65
N LEU T 86 -23.13 -17.36 26.36
CA LEU T 86 -22.11 -17.54 27.38
C LEU T 86 -21.19 -16.33 27.36
N TYR T 87 -21.00 -15.71 28.53
CA TYR T 87 -20.12 -14.55 28.61
C TYR T 87 -18.67 -14.98 28.42
N ARG T 88 -17.91 -14.15 27.73
CA ARG T 88 -16.49 -14.42 27.50
C ARG T 88 -15.67 -13.85 28.65
N VAL T 89 -14.71 -14.64 29.12
CA VAL T 89 -13.89 -14.22 30.27
C VAL T 89 -13.02 -13.03 29.85
N PRO T 90 -13.01 -11.95 30.61
CA PRO T 90 -12.20 -10.79 30.22
C PRO T 90 -10.73 -11.12 30.15
N ASP T 91 -10.05 -10.52 29.18
CA ASP T 91 -8.62 -10.72 29.03
C ASP T 91 -7.84 -9.93 30.07
N GLN T 92 -7.99 -8.61 30.05
CA GLN T 92 -7.36 -7.72 31.03
C GLN T 92 -8.37 -6.68 31.44
N PRO T 93 -8.31 -6.23 32.70
CA PRO T 93 -9.35 -5.31 33.18
C PRO T 93 -9.23 -3.93 32.57
N SER T 94 -10.37 -3.23 32.52
CA SER T 94 -10.43 -1.85 32.07
C SER T 94 -11.36 -1.07 32.99
N LEU T 95 -11.12 0.24 33.08
CA LEU T 95 -11.86 1.05 34.05
C LEU T 95 -13.32 1.20 33.67
N ASP T 96 -13.61 1.44 32.39
CA ASP T 96 -14.96 1.78 31.97
C ASP T 96 -15.95 0.62 32.14
N GLY T 97 -15.47 -0.58 32.42
CA GLY T 97 -16.33 -1.74 32.55
C GLY T 97 -16.53 -2.53 31.28
N ASN T 98 -16.08 -2.02 30.15
CA ASN T 98 -16.15 -2.77 28.90
C ASN T 98 -15.22 -3.98 28.98
N THR T 99 -15.70 -5.12 28.50
CA THR T 99 -14.91 -6.35 28.61
C THR T 99 -14.79 -7.07 27.28
N VAL T 100 -15.00 -6.38 26.17
CA VAL T 100 -14.82 -6.99 24.86
C VAL T 100 -13.37 -6.79 24.45
N ASP T 101 -12.65 -7.90 24.29
CA ASP T 101 -11.28 -7.83 23.80
C ASP T 101 -11.30 -7.51 22.31
N MET T 102 -10.12 -7.36 21.74
CA MET T 102 -10.02 -7.08 20.31
C MET T 102 -9.30 -8.17 19.55
N ASP T 103 -8.10 -8.54 19.98
CA ASP T 103 -7.31 -9.52 19.22
C ASP T 103 -7.96 -10.89 19.25
N ARG T 104 -8.39 -11.35 20.42
CA ARG T 104 -9.00 -12.67 20.52
C ARG T 104 -10.28 -12.74 19.69
N GLU T 105 -11.12 -11.71 19.76
CA GLU T 105 -12.35 -11.73 18.99
C GLU T 105 -12.07 -11.61 17.49
N ARG T 106 -11.02 -10.87 17.09
CA ARG T 106 -10.70 -10.80 15.68
C ARG T 106 -10.25 -12.15 15.15
N THR T 107 -9.42 -12.86 15.89
CA THR T 107 -9.04 -14.21 15.48
C THR T 107 -10.26 -15.12 15.43
N GLN T 108 -11.17 -14.97 16.39
CA GLN T 108 -12.39 -15.76 16.37
C GLN T 108 -13.20 -15.48 15.12
N PHE T 109 -13.35 -14.20 14.75
CA PHE T 109 -14.11 -13.85 13.55
C PHE T 109 -13.46 -14.43 12.31
N ALA T 110 -12.15 -14.32 12.19
CA ALA T 110 -11.47 -14.83 11.00
C ALA T 110 -11.66 -16.34 10.89
N ASP T 111 -11.42 -17.07 11.97
CA ASP T 111 -11.53 -18.53 11.89
C ASP T 111 -12.97 -18.96 11.69
N ASN T 112 -13.93 -18.21 12.26
CA ASN T 112 -15.34 -18.54 12.05
C ASN T 112 -15.72 -18.37 10.60
N SER T 113 -15.27 -17.28 9.96
CA SER T 113 -15.55 -17.10 8.54
C SER T 113 -14.92 -18.22 7.72
N LEU T 114 -13.68 -18.60 8.05
CA LEU T 114 -13.02 -19.66 7.31
C LEU T 114 -13.78 -20.97 7.42
N LYS T 115 -14.22 -21.34 8.62
CA LYS T 115 -14.95 -22.58 8.77
C LYS T 115 -16.34 -22.50 8.14
N TYR T 116 -16.94 -21.31 8.11
CA TYR T 116 -18.19 -21.14 7.39
C TYR T 116 -18.00 -21.43 5.91
N GLN T 117 -16.93 -20.90 5.31
CA GLN T 117 -16.68 -21.17 3.90
C GLN T 117 -16.38 -22.65 3.67
N MET T 118 -15.68 -23.28 4.61
CA MET T 118 -15.43 -24.72 4.50
C MET T 118 -16.74 -25.50 4.48
N GLY T 119 -17.64 -25.19 5.40
CA GLY T 119 -18.94 -25.87 5.41
C GLY T 119 -19.73 -25.59 4.15
N LEU T 120 -19.65 -24.36 3.64
CA LEU T 120 -20.34 -24.02 2.41
C LEU T 120 -19.86 -24.87 1.25
N THR T 121 -18.53 -25.00 1.11
CA THR T 121 -18.02 -25.77 -0.02
C THR T 121 -18.27 -27.26 0.15
N VAL T 122 -18.31 -27.76 1.40
CA VAL T 122 -18.63 -29.17 1.62
C VAL T 122 -20.07 -29.45 1.20
N LEU T 123 -20.99 -28.60 1.63
CA LEU T 123 -22.39 -28.79 1.25
C LEU T 123 -22.56 -28.67 -0.26
N GLY T 124 -21.86 -27.71 -0.87
CA GLY T 124 -21.93 -27.58 -2.32
C GLY T 124 -21.43 -28.82 -3.04
N SER T 125 -20.33 -29.40 -2.55
CA SER T 125 -19.81 -30.62 -3.16
C SER T 125 -20.81 -31.77 -3.02
N GLN T 126 -21.43 -31.89 -1.85
CA GLN T 126 -22.43 -32.95 -1.66
C GLN T 126 -23.58 -32.78 -2.63
N LEU T 127 -24.11 -31.56 -2.76
CA LEU T 127 -25.24 -31.33 -3.64
C LEU T 127 -24.85 -31.56 -5.10
N LYS T 128 -23.65 -31.13 -5.49
CA LYS T 128 -23.20 -31.38 -6.86
C LYS T 128 -23.08 -32.87 -7.14
N GLY T 129 -22.56 -33.64 -6.18
CA GLY T 129 -22.51 -35.09 -6.37
C GLY T 129 -23.88 -35.69 -6.52
N MET T 130 -24.82 -35.26 -5.68
CA MET T 130 -26.18 -35.78 -5.76
C MET T 130 -26.82 -35.47 -7.11
N MET T 131 -26.62 -34.24 -7.60
CA MET T 131 -27.15 -33.87 -8.91
C MET T 131 -26.48 -34.66 -10.03
N ASN T 132 -25.16 -34.85 -9.94
CA ASN T 132 -24.44 -35.55 -11.00
C ASN T 132 -24.80 -37.02 -11.06
N VAL T 133 -25.17 -37.61 -9.91
CA VAL T 133 -25.63 -39.00 -9.93
C VAL T 133 -26.88 -39.13 -10.79
N LEU T 134 -27.70 -38.07 -10.86
CA LEU T 134 -28.99 -38.12 -11.55
C LEU T 134 -28.90 -37.58 -12.97
N GLN T 135 -27.78 -37.80 -13.65
CA GLN T 135 -27.65 -37.36 -15.03
C GLN T 135 -27.36 -38.54 -15.96
N ASP U 3 -51.28 -14.21 -15.63
CA ASP U 3 -52.01 -15.42 -15.99
C ASP U 3 -51.12 -16.66 -15.88
N ARG U 4 -51.26 -17.37 -14.75
CA ARG U 4 -50.51 -18.58 -14.48
C ARG U 4 -49.01 -18.33 -14.51
N LEU U 5 -48.35 -18.78 -15.57
CA LEU U 5 -46.92 -18.50 -15.74
C LEU U 5 -46.65 -17.01 -15.66
N ASP U 6 -47.51 -16.21 -16.29
CA ASP U 6 -47.29 -14.77 -16.33
C ASP U 6 -47.27 -14.18 -14.92
N ALA U 7 -48.26 -14.50 -14.10
CA ALA U 7 -48.31 -13.93 -12.75
C ALA U 7 -47.21 -14.50 -11.85
N ALA U 8 -46.95 -15.80 -11.97
CA ALA U 8 -45.93 -16.43 -11.13
C ALA U 8 -44.57 -15.80 -11.39
N LEU U 9 -44.23 -15.55 -12.64
CA LEU U 9 -43.01 -14.82 -12.95
C LEU U 9 -43.14 -13.33 -12.66
N ARG U 10 -44.37 -12.80 -12.70
CA ARG U 10 -44.59 -11.37 -12.58
C ARG U 10 -44.27 -10.89 -11.18
N PHE U 11 -44.54 -11.72 -10.17
CA PHE U 11 -44.20 -11.30 -8.81
C PHE U 11 -42.72 -10.97 -8.70
N GLN U 12 -41.86 -11.91 -9.09
CA GLN U 12 -40.43 -11.68 -9.00
C GLN U 12 -39.96 -10.60 -9.97
N GLN U 13 -40.58 -10.52 -11.15
CA GLN U 13 -40.21 -9.47 -12.09
C GLN U 13 -40.47 -8.09 -11.51
N GLU U 14 -41.62 -7.90 -10.85
CA GLU U 14 -41.93 -6.63 -10.23
C GLU U 14 -41.01 -6.34 -9.06
N ALA U 15 -40.69 -7.37 -8.28
CA ALA U 15 -39.72 -7.17 -7.20
C ALA U 15 -38.38 -6.70 -7.74
N LEU U 16 -37.91 -7.32 -8.82
CA LEU U 16 -36.64 -6.93 -9.42
C LEU U 16 -36.70 -5.52 -9.98
N ASN U 17 -37.80 -5.17 -10.63
CA ASN U 17 -37.93 -3.81 -11.17
C ASN U 17 -37.92 -2.77 -10.05
N LEU U 18 -38.60 -3.07 -8.94
CA LEU U 18 -38.60 -2.15 -7.82
C LEU U 18 -37.21 -2.01 -7.23
N ARG U 19 -36.47 -3.12 -7.15
CA ARG U 19 -35.08 -3.04 -6.70
C ARG U 19 -34.27 -2.16 -7.62
N ALA U 20 -34.48 -2.28 -8.94
CA ALA U 20 -33.73 -1.46 -9.89
C ALA U 20 -34.05 0.02 -9.71
N GLN U 21 -35.33 0.36 -9.53
CA GLN U 21 -35.70 1.76 -9.35
C GLN U 21 -35.13 2.32 -8.05
N ARG U 22 -35.18 1.54 -6.97
CA ARG U 22 -34.57 1.98 -5.72
C ARG U 22 -33.07 2.17 -5.87
N GLN U 23 -32.42 1.29 -6.63
CA GLN U 23 -31.00 1.45 -6.93
C GLN U 23 -30.75 2.75 -7.68
N GLU U 24 -31.61 3.07 -8.64
CA GLU U 24 -31.47 4.33 -9.37
C GLU U 24 -31.58 5.52 -8.43
N ILE U 25 -32.56 5.49 -7.53
CA ILE U 25 -32.73 6.60 -6.59
C ILE U 25 -31.51 6.72 -5.68
N LEU U 26 -31.01 5.60 -5.17
CA LEU U 26 -29.85 5.63 -4.31
C LEU U 26 -28.63 6.18 -5.03
N ALA U 27 -28.41 5.75 -6.27
CA ALA U 27 -27.27 6.25 -7.03
C ALA U 27 -27.42 7.74 -7.29
N ALA U 28 -28.63 8.20 -7.57
CA ALA U 28 -28.86 9.62 -7.78
C ALA U 28 -28.50 10.43 -6.54
N ASN U 29 -29.01 10.00 -5.39
CA ASN U 29 -28.76 10.77 -4.17
C ASN U 29 -27.36 10.55 -3.60
N ILE U 30 -26.62 9.57 -4.11
CA ILE U 30 -25.20 9.47 -3.76
C ILE U 30 -24.37 10.39 -4.66
N ALA U 31 -24.68 10.42 -5.95
CA ALA U 31 -23.97 11.31 -6.86
C ALA U 31 -24.23 12.77 -6.50
N ASN U 32 -25.42 13.06 -6.00
CA ASN U 32 -25.79 14.42 -5.61
C ASN U 32 -25.53 14.70 -4.14
N ALA U 33 -24.52 14.04 -3.55
CA ALA U 33 -24.31 14.13 -2.11
C ALA U 33 -23.56 15.38 -1.68
N ASP U 34 -23.10 16.20 -2.62
CA ASP U 34 -22.29 17.37 -2.29
C ASP U 34 -22.89 18.63 -2.90
N THR U 35 -24.20 18.80 -2.73
CA THR U 35 -24.92 19.96 -3.25
C THR U 35 -25.78 20.54 -2.14
N PRO U 36 -25.62 21.80 -1.78
CA PRO U 36 -26.45 22.37 -0.72
C PRO U 36 -27.90 22.45 -1.12
N GLY U 37 -28.77 22.34 -0.13
CA GLY U 37 -30.20 22.41 -0.35
C GLY U 37 -30.85 21.14 -0.83
N TYR U 38 -30.15 20.02 -0.79
CA TYR U 38 -30.69 18.75 -1.26
C TYR U 38 -31.18 17.90 -0.09
N GLN U 39 -32.28 17.19 -0.32
CA GLN U 39 -32.89 16.33 0.67
C GLN U 39 -32.80 14.88 0.20
N ALA U 40 -32.28 14.00 1.05
CA ALA U 40 -32.16 12.60 0.69
C ALA U 40 -33.53 11.96 0.55
N ARG U 41 -33.69 11.17 -0.51
CA ARG U 41 -34.96 10.55 -0.85
C ARG U 41 -34.82 9.05 -0.86
N ASP U 42 -35.92 8.35 -0.55
CA ASP U 42 -35.94 6.90 -0.61
C ASP U 42 -37.39 6.44 -0.73
N ILE U 43 -37.57 5.18 -1.11
CA ILE U 43 -38.90 4.60 -1.28
C ILE U 43 -39.06 3.44 -0.30
N ASP U 44 -40.21 3.38 0.35
CA ASP U 44 -40.53 2.30 1.28
C ASP U 44 -40.72 1.02 0.46
N PHE U 45 -39.67 0.18 0.43
CA PHE U 45 -39.65 -0.94 -0.50
C PHE U 45 -40.77 -1.92 -0.21
N ALA U 46 -40.98 -2.28 1.06
CA ALA U 46 -41.97 -3.30 1.37
C ALA U 46 -43.37 -2.85 1.03
N SER U 47 -43.75 -1.65 1.47
CA SER U 47 -45.09 -1.15 1.19
C SER U 47 -45.29 -0.93 -0.31
N GLU U 48 -44.28 -0.41 -0.99
CA GLU U 48 -44.39 -0.19 -2.43
C GLU U 48 -44.58 -1.50 -3.17
N LEU U 49 -43.81 -2.53 -2.80
CA LEU U 49 -43.96 -3.83 -3.44
C LEU U 49 -45.34 -4.42 -3.17
N LYS U 50 -45.83 -4.28 -1.94
CA LYS U 50 -47.16 -4.78 -1.63
C LYS U 50 -48.22 -4.08 -2.47
N LYS U 51 -48.11 -2.77 -2.63
CA LYS U 51 -49.06 -2.04 -3.46
C LYS U 51 -48.97 -2.47 -4.91
N VAL U 52 -47.76 -2.61 -5.44
CA VAL U 52 -47.59 -2.96 -6.84
C VAL U 52 -48.11 -4.37 -7.12
N MET U 53 -47.94 -5.28 -6.16
CA MET U 53 -48.36 -6.66 -6.37
C MET U 53 -49.86 -6.76 -6.64
N VAL U 54 -50.66 -5.84 -6.07
CA VAL U 54 -52.09 -5.80 -6.31
C VAL U 54 -52.48 -4.68 -7.26
N ARG U 55 -51.52 -3.90 -7.75
CA ARG U 55 -51.80 -2.85 -8.74
C ARG U 55 -52.47 -3.42 -9.98
N ALA U 82 -43.93 6.10 -11.35
CA ALA U 82 -45.14 6.36 -10.57
C ALA U 82 -44.97 5.88 -9.13
N VAL U 83 -43.79 6.06 -8.58
CA VAL U 83 -43.48 5.64 -7.23
C VAL U 83 -43.50 6.86 -6.30
N ASP U 84 -43.95 6.65 -5.06
CA ASP U 84 -44.10 7.74 -4.09
C ASP U 84 -42.87 7.76 -3.20
N LEU U 85 -41.85 8.49 -3.63
CA LEU U 85 -40.64 8.65 -2.83
C LEU U 85 -40.89 9.61 -1.69
N LEU U 86 -40.18 9.41 -0.58
CA LEU U 86 -40.32 10.23 0.60
C LEU U 86 -38.94 10.58 1.16
N TYR U 87 -38.90 11.66 1.92
CA TYR U 87 -37.65 12.19 2.45
C TYR U 87 -37.12 11.30 3.55
N ARG U 88 -35.82 11.45 3.82
CA ARG U 88 -35.13 10.70 4.85
C ARG U 88 -34.73 11.64 5.98
N VAL U 89 -34.94 11.20 7.21
CA VAL U 89 -34.65 12.07 8.36
C VAL U 89 -33.15 12.31 8.47
N PRO U 90 -32.71 13.53 8.72
CA PRO U 90 -31.28 13.77 8.92
C PRO U 90 -30.83 13.21 10.25
N ASP U 91 -29.51 13.05 10.38
CA ASP U 91 -28.92 12.59 11.62
C ASP U 91 -28.04 13.62 12.31
N GLN U 92 -27.45 14.54 11.57
CA GLN U 92 -26.69 15.64 12.16
C GLN U 92 -26.72 16.84 11.21
N PRO U 93 -26.96 18.04 11.72
CA PRO U 93 -27.17 19.18 10.83
C PRO U 93 -25.91 19.59 10.10
N SER U 94 -26.11 20.17 8.91
CA SER U 94 -25.05 20.80 8.14
C SER U 94 -25.54 22.18 7.71
N LEU U 95 -24.64 23.16 7.72
CA LEU U 95 -25.05 24.54 7.45
C LEU U 95 -25.59 24.70 6.03
N ASP U 96 -24.98 24.02 5.06
CA ASP U 96 -25.39 24.18 3.67
C ASP U 96 -26.74 23.55 3.37
N GLY U 97 -27.33 22.78 4.30
CA GLY U 97 -28.62 22.20 4.06
C GLY U 97 -28.61 20.82 3.43
N ASN U 98 -27.48 20.12 3.47
CA ASN U 98 -27.41 18.78 2.92
C ASN U 98 -27.77 17.75 3.99
N THR U 99 -28.63 16.81 3.62
CA THR U 99 -29.08 15.78 4.55
C THR U 99 -28.61 14.38 4.17
N VAL U 100 -27.96 14.21 3.02
CA VAL U 100 -27.48 12.90 2.61
C VAL U 100 -26.21 12.57 3.40
N ASP U 101 -26.20 11.38 4.02
CA ASP U 101 -25.06 10.92 4.78
C ASP U 101 -24.40 9.77 4.03
N MET U 102 -23.11 9.93 3.74
CA MET U 102 -22.44 9.02 2.81
C MET U 102 -22.38 7.60 3.34
N ASP U 103 -22.09 7.41 4.63
CA ASP U 103 -21.96 6.06 5.16
C ASP U 103 -23.29 5.32 5.11
N ARG U 104 -24.37 5.98 5.52
CA ARG U 104 -25.69 5.34 5.47
C ARG U 104 -26.07 5.04 4.02
N GLU U 105 -25.81 5.97 3.11
CA GLU U 105 -26.13 5.73 1.72
C GLU U 105 -25.34 4.57 1.14
N ARG U 106 -24.06 4.46 1.50
CA ARG U 106 -23.25 3.34 1.02
C ARG U 106 -23.76 2.02 1.56
N THR U 107 -24.13 1.96 2.84
CA THR U 107 -24.67 0.73 3.40
C THR U 107 -25.97 0.34 2.71
N GLN U 108 -26.85 1.31 2.48
CA GLN U 108 -28.10 1.03 1.79
C GLN U 108 -27.84 0.56 0.36
N PHE U 109 -26.86 1.18 -0.32
CA PHE U 109 -26.54 0.78 -1.68
C PHE U 109 -26.04 -0.66 -1.73
N ALA U 110 -25.17 -1.04 -0.80
CA ALA U 110 -24.69 -2.42 -0.76
C ALA U 110 -25.83 -3.39 -0.48
N ASP U 111 -26.70 -3.04 0.46
CA ASP U 111 -27.84 -3.91 0.77
C ASP U 111 -28.75 -4.08 -0.45
N ASN U 112 -29.01 -2.99 -1.15
CA ASN U 112 -29.86 -3.07 -2.33
C ASN U 112 -29.22 -3.89 -3.44
N SER U 113 -27.91 -3.76 -3.62
CA SER U 113 -27.24 -4.56 -4.64
C SER U 113 -27.32 -6.04 -4.31
N LEU U 114 -27.10 -6.40 -3.03
CA LEU U 114 -27.21 -7.80 -2.65
C LEU U 114 -28.63 -8.33 -2.83
N LYS U 115 -29.63 -7.53 -2.47
CA LYS U 115 -31.01 -7.96 -2.67
C LYS U 115 -31.31 -8.13 -4.16
N TYR U 116 -30.82 -7.23 -5.00
CA TYR U 116 -31.04 -7.34 -6.43
C TYR U 116 -30.44 -8.62 -6.98
N GLN U 117 -29.21 -8.94 -6.56
CA GLN U 117 -28.58 -10.17 -7.04
C GLN U 117 -29.30 -11.40 -6.52
N MET U 118 -29.80 -11.35 -5.28
CA MET U 118 -30.57 -12.47 -4.75
C MET U 118 -31.84 -12.70 -5.55
N GLY U 119 -32.56 -11.62 -5.85
CA GLY U 119 -33.77 -11.74 -6.66
C GLY U 119 -33.46 -12.25 -8.05
N LEU U 120 -32.34 -11.80 -8.63
CA LEU U 120 -31.92 -12.29 -9.92
C LEU U 120 -31.65 -13.79 -9.88
N THR U 121 -30.97 -14.25 -8.84
CA THR U 121 -30.68 -15.68 -8.72
C THR U 121 -31.96 -16.50 -8.57
N VAL U 122 -32.90 -16.01 -7.76
CA VAL U 122 -34.15 -16.73 -7.57
C VAL U 122 -34.93 -16.81 -8.88
N LEU U 123 -35.01 -15.69 -9.59
CA LEU U 123 -35.72 -15.67 -10.86
C LEU U 123 -35.07 -16.61 -11.87
N GLY U 124 -33.74 -16.58 -11.94
CA GLY U 124 -33.04 -17.47 -12.85
C GLY U 124 -33.25 -18.93 -12.51
N SER U 125 -33.27 -19.25 -11.22
CA SER U 125 -33.51 -20.63 -10.81
C SER U 125 -34.91 -21.08 -11.21
N GLN U 126 -35.91 -20.21 -11.01
CA GLN U 126 -37.28 -20.56 -11.39
C GLN U 126 -37.38 -20.77 -12.89
N LEU U 127 -36.78 -19.86 -13.68
CA LEU U 127 -36.84 -20.01 -15.13
C LEU U 127 -36.11 -21.25 -15.60
N LYS U 128 -34.94 -21.55 -15.01
CA LYS U 128 -34.18 -22.73 -15.41
C LYS U 128 -34.94 -24.00 -15.06
N GLY U 129 -35.58 -24.04 -13.89
CA GLY U 129 -36.41 -25.19 -13.56
C GLY U 129 -37.57 -25.35 -14.51
N MET U 130 -38.23 -24.25 -14.86
CA MET U 130 -39.35 -24.31 -15.79
C MET U 130 -38.89 -24.83 -17.15
N MET U 131 -37.73 -24.36 -17.61
CA MET U 131 -37.19 -24.84 -18.89
C MET U 131 -36.83 -26.32 -18.80
N ASN U 132 -36.24 -26.75 -17.68
CA ASN U 132 -35.80 -28.12 -17.55
C ASN U 132 -36.99 -29.08 -17.42
N VAL U 133 -38.13 -28.59 -16.93
CA VAL U 133 -39.31 -29.43 -16.87
C VAL U 133 -39.69 -29.94 -18.26
N LEU U 134 -39.56 -29.09 -19.26
CA LEU U 134 -39.90 -29.44 -20.64
C LEU U 134 -38.86 -30.34 -21.30
N GLN U 135 -37.92 -30.90 -20.53
CA GLN U 135 -36.90 -31.76 -21.10
C GLN U 135 -36.89 -33.13 -20.44
#